data_2KSO
#
_entry.id   2KSO
#
_cell.length_a   1.000
_cell.length_b   1.000
_cell.length_c   1.000
_cell.angle_alpha   90.00
_cell.angle_beta   90.00
_cell.angle_gamma   90.00
#
_symmetry.space_group_name_H-M   'P 1'
#
loop_
_entity.id
_entity.type
_entity.pdbx_description
1 polymer 'Ephrin type-A receptor 2'
2 polymer 'Phosphatidylinositol-3,4,5-trisphosphate 5-phosphatase 2'
#
loop_
_entity_poly.entity_id
_entity_poly.type
_entity_poly.pdbx_seq_one_letter_code
_entity_poly.pdbx_strand_id
1 'polypeptide(L)'
;HHHHHHSSGLVPRGSHMTVSEWLESIKMQQYTEHFMAAGYTAIEKVVQMTNDDIKRIGVRLPGHQKRIAYSLLGLKDQVN
TV
;
A
2 'polypeptide(L)' HHHHHHSSGLVPRGSHMGMSAWLRAIGLERYEEGLVHNGWDDLEFLSDITEEDLEEAGVQDPAHKRLLLDTLQLSK B
#
# COMPACT_ATOMS: atom_id res chain seq x y z
N THR A 18 17.22 -0.68 -2.40
CA THR A 18 16.92 -0.12 -3.74
C THR A 18 15.43 0.22 -3.88
N VAL A 19 15.16 1.24 -4.69
CA VAL A 19 13.79 1.70 -4.96
C VAL A 19 12.86 0.55 -5.35
N SER A 20 13.41 -0.44 -6.05
CA SER A 20 12.65 -1.59 -6.49
C SER A 20 12.09 -2.38 -5.32
N GLU A 21 12.94 -2.67 -4.34
CA GLU A 21 12.53 -3.43 -3.15
C GLU A 21 11.44 -2.71 -2.38
N TRP A 22 11.55 -1.40 -2.29
CA TRP A 22 10.57 -0.60 -1.59
C TRP A 22 9.23 -0.63 -2.32
N LEU A 23 9.28 -0.27 -3.60
CA LEU A 23 8.11 -0.25 -4.45
C LEU A 23 7.42 -1.62 -4.54
N GLU A 24 8.18 -2.70 -4.47
CA GLU A 24 7.59 -4.03 -4.56
C GLU A 24 7.06 -4.53 -3.21
N SER A 25 7.73 -4.16 -2.11
CA SER A 25 7.30 -4.60 -0.79
C SER A 25 5.95 -3.98 -0.41
N ILE A 26 5.72 -2.77 -0.87
CA ILE A 26 4.45 -2.07 -0.60
C ILE A 26 3.42 -2.38 -1.68
N LYS A 27 3.75 -3.33 -2.55
CA LYS A 27 2.87 -3.77 -3.63
C LYS A 27 2.59 -2.66 -4.64
N MET A 28 3.54 -1.75 -4.80
CA MET A 28 3.41 -0.64 -5.75
C MET A 28 4.26 -0.93 -6.98
N GLN A 29 4.52 -2.22 -7.18
CA GLN A 29 5.34 -2.75 -8.29
C GLN A 29 5.20 -1.97 -9.60
N GLN A 30 3.97 -1.87 -10.10
CA GLN A 30 3.67 -1.15 -11.35
C GLN A 30 4.05 0.34 -11.35
N TYR A 31 4.37 0.91 -10.21
CA TYR A 31 4.73 2.32 -10.17
C TYR A 31 6.19 2.55 -10.53
N THR A 32 7.04 1.60 -10.17
CA THR A 32 8.47 1.65 -10.49
C THR A 32 8.74 2.17 -11.91
N GLU A 33 7.89 1.74 -12.83
CA GLU A 33 7.98 2.13 -14.22
C GLU A 33 7.90 3.65 -14.38
N HIS A 34 6.86 4.23 -13.80
CA HIS A 34 6.65 5.68 -13.87
C HIS A 34 7.65 6.43 -13.02
N PHE A 35 7.98 5.84 -11.86
CA PHE A 35 8.93 6.45 -10.93
C PHE A 35 10.25 6.73 -11.61
N MET A 36 10.92 5.67 -12.06
CA MET A 36 12.20 5.80 -12.74
C MET A 36 12.10 6.71 -13.97
N ALA A 37 10.96 6.68 -14.65
CA ALA A 37 10.76 7.52 -15.83
C ALA A 37 10.70 8.99 -15.47
N ALA A 38 10.27 9.29 -14.25
CA ALA A 38 10.16 10.66 -13.79
C ALA A 38 11.46 11.17 -13.18
N GLY A 39 12.56 10.46 -13.41
CA GLY A 39 13.85 10.88 -12.89
C GLY A 39 14.15 10.37 -11.50
N TYR A 40 13.16 9.83 -10.81
CA TYR A 40 13.36 9.34 -9.45
C TYR A 40 13.80 7.87 -9.48
N THR A 41 14.93 7.65 -10.13
CA THR A 41 15.52 6.33 -10.27
C THR A 41 16.30 5.90 -9.03
N ALA A 42 16.79 6.88 -8.28
CA ALA A 42 17.56 6.59 -7.08
C ALA A 42 16.91 7.15 -5.82
N ILE A 43 17.07 6.40 -4.72
CA ILE A 43 16.51 6.73 -3.41
C ILE A 43 16.67 8.21 -3.03
N GLU A 44 17.89 8.74 -3.13
CA GLU A 44 18.15 10.14 -2.78
C GLU A 44 17.19 11.09 -3.47
N LYS A 45 16.75 10.75 -4.68
CA LYS A 45 15.82 11.60 -5.41
C LYS A 45 14.38 11.26 -5.04
N VAL A 46 14.15 9.98 -4.73
CA VAL A 46 12.83 9.50 -4.36
C VAL A 46 12.37 10.12 -3.05
N VAL A 47 13.30 10.33 -2.13
CA VAL A 47 12.98 10.92 -0.84
C VAL A 47 12.76 12.42 -0.96
N GLN A 48 13.06 12.98 -2.12
CA GLN A 48 12.89 14.41 -2.33
C GLN A 48 11.44 14.72 -2.69
N MET A 49 10.95 14.10 -3.77
CA MET A 49 9.58 14.29 -4.24
C MET A 49 8.53 14.21 -3.13
N THR A 50 7.86 15.33 -2.91
CA THR A 50 6.79 15.43 -1.93
C THR A 50 5.53 14.65 -2.37
N ASN A 51 4.37 15.09 -1.91
CA ASN A 51 3.11 14.43 -2.20
C ASN A 51 2.61 14.76 -3.60
N ASP A 52 2.83 15.99 -4.03
CA ASP A 52 2.41 16.43 -5.38
C ASP A 52 2.97 15.52 -6.46
N ASP A 53 4.29 15.37 -6.47
CA ASP A 53 4.97 14.52 -7.44
C ASP A 53 4.36 13.13 -7.52
N ILE A 54 4.06 12.56 -6.36
CA ILE A 54 3.43 11.25 -6.26
C ILE A 54 2.20 11.17 -7.13
N LYS A 55 1.33 12.15 -6.95
CA LYS A 55 0.07 12.19 -7.68
C LYS A 55 0.29 12.44 -9.17
N ARG A 56 1.32 13.20 -9.50
CA ARG A 56 1.59 13.56 -10.89
C ARG A 56 2.13 12.39 -11.71
N ILE A 57 3.21 11.76 -11.23
CA ILE A 57 3.85 10.62 -11.94
C ILE A 57 2.85 9.58 -12.47
N GLY A 58 1.69 9.46 -11.84
CA GLY A 58 0.71 8.51 -12.31
C GLY A 58 -0.02 7.81 -11.19
N VAL A 59 -0.34 8.53 -10.15
CA VAL A 59 -1.04 7.98 -9.01
C VAL A 59 -2.36 8.71 -8.81
N ARG A 60 -3.45 8.08 -9.24
CA ARG A 60 -4.77 8.69 -9.10
C ARG A 60 -5.57 8.01 -8.00
N LEU A 61 -5.08 6.85 -7.56
CA LEU A 61 -5.75 6.11 -6.50
C LEU A 61 -5.43 6.74 -5.15
N PRO A 62 -6.48 7.08 -4.36
CA PRO A 62 -6.29 7.68 -3.03
C PRO A 62 -5.50 6.75 -2.13
N GLY A 63 -5.78 5.46 -2.23
CA GLY A 63 -5.08 4.46 -1.44
C GLY A 63 -3.59 4.39 -1.74
N HIS A 64 -3.20 4.44 -3.02
CA HIS A 64 -1.80 4.38 -3.37
C HIS A 64 -1.12 5.69 -2.98
N GLN A 65 -1.94 6.72 -2.80
CA GLN A 65 -1.44 8.04 -2.40
C GLN A 65 -1.07 8.06 -0.94
N LYS A 66 -1.35 6.94 -0.26
CA LYS A 66 -1.02 6.81 1.13
C LYS A 66 0.08 5.78 1.31
N ARG A 67 -0.04 4.69 0.54
CA ARG A 67 0.95 3.61 0.56
C ARG A 67 2.33 4.15 0.24
N ILE A 68 2.40 5.06 -0.71
CA ILE A 68 3.66 5.67 -1.11
C ILE A 68 4.06 6.77 -0.15
N ALA A 69 3.13 7.69 0.14
CA ALA A 69 3.40 8.81 1.04
C ALA A 69 3.88 8.36 2.42
N TYR A 70 3.13 7.45 3.04
CA TYR A 70 3.47 6.94 4.37
C TYR A 70 4.89 6.37 4.37
N SER A 71 5.13 5.46 3.45
CA SER A 71 6.44 4.84 3.33
C SER A 71 7.52 5.87 3.01
N LEU A 72 7.19 6.86 2.19
CA LEU A 72 8.14 7.92 1.83
C LEU A 72 8.60 8.67 3.07
N LEU A 73 7.66 8.93 3.98
CA LEU A 73 7.96 9.63 5.23
C LEU A 73 9.05 8.88 5.98
N GLY A 74 8.93 7.55 6.01
CA GLY A 74 9.91 6.73 6.67
C GLY A 74 11.27 6.85 6.00
N LEU A 75 11.29 6.74 4.68
CA LEU A 75 12.54 6.84 3.91
C LEU A 75 13.21 8.18 4.13
N LYS A 76 12.42 9.25 4.10
CA LYS A 76 12.93 10.60 4.31
C LYS A 76 13.56 10.73 5.69
N ASP A 77 12.97 10.07 6.68
CA ASP A 77 13.47 10.11 8.04
C ASP A 77 14.67 9.16 8.20
N GLN A 78 14.59 8.03 7.52
CA GLN A 78 15.66 7.02 7.58
C GLN A 78 16.99 7.59 7.11
N VAL A 79 16.96 8.35 6.02
CA VAL A 79 18.19 8.95 5.49
C VAL A 79 18.67 10.10 6.40
N ASN A 80 17.77 10.58 7.25
CA ASN A 80 18.10 11.66 8.16
C ASN A 80 18.70 11.10 9.44
N THR A 81 18.47 9.82 9.69
CA THR A 81 18.99 9.16 10.86
C THR A 81 20.44 8.74 10.65
N VAL A 82 21.34 9.68 10.86
CA VAL A 82 22.78 9.44 10.70
C VAL A 82 23.33 8.58 11.83
N GLY B 18 -5.62 -12.70 -6.14
CA GLY B 18 -6.06 -11.69 -5.15
C GLY B 18 -6.79 -12.33 -3.98
N MET B 19 -7.52 -11.53 -3.22
CA MET B 19 -8.25 -12.03 -2.05
C MET B 19 -9.74 -12.17 -2.33
N SER B 20 -10.08 -12.61 -3.53
CA SER B 20 -11.48 -12.77 -3.93
C SER B 20 -12.16 -13.89 -3.14
N ALA B 21 -11.63 -15.11 -3.25
CA ALA B 21 -12.20 -16.25 -2.53
C ALA B 21 -11.88 -16.14 -1.05
N TRP B 22 -10.83 -15.39 -0.74
CA TRP B 22 -10.39 -15.17 0.63
C TRP B 22 -11.51 -14.49 1.42
N LEU B 23 -11.82 -13.25 1.02
CA LEU B 23 -12.87 -12.46 1.65
C LEU B 23 -14.24 -13.13 1.52
N ARG B 24 -14.39 -14.01 0.54
CA ARG B 24 -15.65 -14.70 0.33
C ARG B 24 -16.05 -15.54 1.54
N ALA B 25 -15.08 -16.31 2.06
CA ALA B 25 -15.31 -17.19 3.20
C ALA B 25 -15.83 -16.42 4.43
N ILE B 26 -15.38 -15.19 4.61
CA ILE B 26 -15.81 -14.40 5.76
C ILE B 26 -16.98 -13.48 5.45
N GLY B 27 -17.29 -13.32 4.16
CA GLY B 27 -18.40 -12.46 3.78
C GLY B 27 -17.99 -11.01 3.63
N LEU B 28 -16.79 -10.79 3.10
CA LEU B 28 -16.28 -9.43 2.91
C LEU B 28 -15.92 -9.20 1.45
N GLU B 29 -16.23 -10.19 0.62
CA GLU B 29 -15.96 -10.14 -0.83
C GLU B 29 -16.35 -8.79 -1.44
N ARG B 30 -17.46 -8.22 -1.00
CA ARG B 30 -17.94 -6.94 -1.52
C ARG B 30 -17.01 -5.77 -1.20
N TYR B 31 -15.99 -6.01 -0.38
CA TYR B 31 -15.06 -4.94 -0.03
C TYR B 31 -13.82 -4.97 -0.91
N GLU B 32 -13.36 -6.18 -1.28
CA GLU B 32 -12.17 -6.41 -2.15
C GLU B 32 -11.68 -5.13 -2.84
N GLU B 33 -12.27 -4.79 -3.99
CA GLU B 33 -11.95 -3.55 -4.75
C GLU B 33 -11.50 -2.34 -3.90
N GLY B 34 -11.98 -2.22 -2.68
CA GLY B 34 -11.61 -1.10 -1.83
C GLY B 34 -10.16 -1.21 -1.37
N LEU B 35 -9.73 -2.44 -1.13
CA LEU B 35 -8.38 -2.72 -0.70
C LEU B 35 -7.50 -2.98 -1.91
N VAL B 36 -8.01 -2.59 -3.08
CA VAL B 36 -7.29 -2.78 -4.33
C VAL B 36 -6.67 -1.46 -4.73
N HIS B 37 -7.42 -0.40 -4.45
CA HIS B 37 -6.99 0.96 -4.75
C HIS B 37 -5.87 1.40 -3.80
N ASN B 38 -5.50 0.53 -2.87
CA ASN B 38 -4.45 0.86 -1.90
C ASN B 38 -3.24 -0.07 -2.06
N GLY B 39 -3.37 -1.09 -2.90
CA GLY B 39 -2.26 -2.00 -3.11
C GLY B 39 -2.31 -3.25 -2.24
N TRP B 40 -3.42 -3.46 -1.56
CA TRP B 40 -3.57 -4.62 -0.69
C TRP B 40 -4.33 -5.73 -1.42
N ASP B 41 -4.31 -5.66 -2.75
CA ASP B 41 -5.00 -6.64 -3.60
C ASP B 41 -4.14 -7.87 -3.84
N ASP B 42 -3.25 -8.17 -2.90
CA ASP B 42 -2.38 -9.32 -3.05
C ASP B 42 -2.14 -10.00 -1.72
N LEU B 43 -2.35 -11.31 -1.70
CA LEU B 43 -2.16 -12.12 -0.49
C LEU B 43 -0.67 -12.32 -0.22
N GLU B 44 0.13 -11.44 -0.80
CA GLU B 44 1.57 -11.47 -0.64
C GLU B 44 1.97 -10.63 0.56
N PHE B 45 1.30 -9.48 0.71
CA PHE B 45 1.58 -8.58 1.81
C PHE B 45 0.31 -8.27 2.62
N LEU B 46 -0.84 -8.63 2.06
CA LEU B 46 -2.11 -8.39 2.76
C LEU B 46 -2.21 -9.30 3.98
N SER B 47 -1.47 -10.40 3.93
CA SER B 47 -1.44 -11.38 5.00
C SER B 47 -0.71 -10.85 6.23
N ASP B 48 -0.04 -9.71 6.07
CA ASP B 48 0.69 -9.09 7.17
C ASP B 48 0.29 -7.63 7.29
N ILE B 49 -0.95 -7.34 6.93
CA ILE B 49 -1.48 -5.98 6.99
C ILE B 49 -1.71 -5.56 8.45
N THR B 50 -1.61 -4.27 8.70
CA THR B 50 -1.81 -3.75 10.05
C THR B 50 -3.15 -3.06 10.16
N GLU B 51 -3.58 -2.75 11.38
CA GLU B 51 -4.85 -2.07 11.59
C GLU B 51 -4.79 -0.65 11.05
N GLU B 52 -3.58 -0.10 10.96
CA GLU B 52 -3.38 1.25 10.46
C GLU B 52 -3.57 1.28 8.95
N ASP B 53 -2.97 0.31 8.29
CA ASP B 53 -3.04 0.20 6.83
C ASP B 53 -4.38 -0.36 6.37
N LEU B 54 -5.37 -0.34 7.26
CA LEU B 54 -6.71 -0.83 6.93
C LEU B 54 -7.68 0.31 6.68
N GLU B 55 -7.80 1.20 7.65
CA GLU B 55 -8.70 2.36 7.58
C GLU B 55 -8.63 3.12 6.25
N GLU B 56 -7.45 3.15 5.66
CA GLU B 56 -7.23 3.85 4.39
C GLU B 56 -8.04 3.25 3.25
N ALA B 57 -8.34 1.96 3.34
CA ALA B 57 -9.11 1.28 2.30
C ALA B 57 -10.61 1.40 2.58
N GLY B 58 -10.94 2.16 3.61
CA GLY B 58 -12.32 2.36 3.98
C GLY B 58 -12.69 1.52 5.18
N VAL B 59 -11.82 0.58 5.51
CA VAL B 59 -12.03 -0.31 6.63
C VAL B 59 -11.61 0.37 7.93
N GLN B 60 -12.32 1.44 8.27
CA GLN B 60 -12.00 2.20 9.49
C GLN B 60 -12.77 1.66 10.69
N ASP B 61 -13.94 1.08 10.42
CA ASP B 61 -14.80 0.54 11.47
C ASP B 61 -14.10 -0.55 12.29
N PRO B 62 -14.27 -0.51 13.63
CA PRO B 62 -13.66 -1.47 14.56
C PRO B 62 -14.00 -2.93 14.25
N ALA B 63 -15.28 -3.20 14.01
CA ALA B 63 -15.74 -4.56 13.73
C ALA B 63 -15.14 -5.09 12.44
N HIS B 64 -15.08 -4.22 11.43
CA HIS B 64 -14.53 -4.60 10.13
C HIS B 64 -13.04 -4.90 10.23
N LYS B 65 -12.31 -4.05 10.95
CA LYS B 65 -10.87 -4.24 11.13
C LYS B 65 -10.61 -5.54 11.85
N ARG B 66 -11.35 -5.77 12.93
CA ARG B 66 -11.22 -6.99 13.73
C ARG B 66 -11.57 -8.22 12.89
N LEU B 67 -12.54 -8.07 11.99
CA LEU B 67 -12.97 -9.16 11.13
C LEU B 67 -11.85 -9.58 10.19
N LEU B 68 -11.21 -8.61 9.55
CA LEU B 68 -10.12 -8.89 8.62
C LEU B 68 -8.94 -9.52 9.34
N LEU B 69 -8.67 -9.08 10.57
CA LEU B 69 -7.56 -9.61 11.35
C LEU B 69 -7.85 -11.07 11.71
N ASP B 70 -9.13 -11.39 11.85
CA ASP B 70 -9.55 -12.75 12.15
C ASP B 70 -9.29 -13.66 10.96
N THR B 71 -9.53 -13.13 9.77
CA THR B 71 -9.33 -13.86 8.54
C THR B 71 -7.86 -14.21 8.31
N LEU B 72 -6.97 -13.39 8.87
CA LEU B 72 -5.53 -13.60 8.72
C LEU B 72 -5.11 -14.91 9.36
N GLN B 73 -5.86 -15.36 10.35
CA GLN B 73 -5.55 -16.61 11.04
C GLN B 73 -6.55 -17.70 10.66
N LEU B 74 -7.74 -17.30 10.24
CA LEU B 74 -8.76 -18.24 9.84
C LEU B 74 -8.42 -18.86 8.48
N SER B 75 -8.23 -18.00 7.49
CA SER B 75 -7.89 -18.46 6.15
C SER B 75 -6.37 -18.47 5.99
N LYS B 76 -5.73 -17.41 6.47
CA LYS B 76 -4.28 -17.25 6.42
C LYS B 76 -3.81 -16.97 4.99
N THR A 18 18.03 -1.03 -3.86
CA THR A 18 17.65 -0.31 -5.11
C THR A 18 16.20 0.16 -5.04
N VAL A 19 15.83 1.03 -5.99
CA VAL A 19 14.48 1.56 -6.05
C VAL A 19 13.47 0.43 -6.31
N SER A 20 13.87 -0.56 -7.10
CA SER A 20 13.02 -1.68 -7.41
C SER A 20 12.66 -2.44 -6.13
N GLU A 21 13.68 -2.68 -5.30
CA GLU A 21 13.49 -3.38 -4.03
C GLU A 21 12.57 -2.59 -3.11
N TRP A 22 12.66 -1.28 -3.19
CA TRP A 22 11.85 -0.40 -2.37
C TRP A 22 10.39 -0.43 -2.82
N LEU A 23 10.18 -0.38 -4.12
CA LEU A 23 8.83 -0.37 -4.68
C LEU A 23 8.14 -1.72 -4.52
N GLU A 24 8.91 -2.82 -4.56
CA GLU A 24 8.32 -4.14 -4.42
C GLU A 24 7.85 -4.39 -2.99
N SER A 25 8.52 -3.76 -2.02
CA SER A 25 8.15 -3.90 -0.62
C SER A 25 6.69 -3.50 -0.39
N ILE A 26 6.27 -2.40 -1.04
CA ILE A 26 4.89 -1.93 -0.92
C ILE A 26 4.02 -2.58 -1.97
N LYS A 27 4.65 -3.39 -2.82
CA LYS A 27 3.98 -4.10 -3.89
C LYS A 27 3.39 -3.15 -4.92
N MET A 28 3.98 -1.97 -5.05
CA MET A 28 3.52 -0.96 -6.00
C MET A 28 4.56 -0.87 -7.11
N GLN A 29 5.17 -2.01 -7.39
CA GLN A 29 6.24 -2.11 -8.38
C GLN A 29 5.79 -1.77 -9.79
N GLN A 30 4.49 -1.84 -10.08
CA GLN A 30 4.00 -1.54 -11.41
C GLN A 30 3.93 -0.03 -11.66
N TYR A 31 4.59 0.74 -10.81
CA TYR A 31 4.61 2.19 -10.95
C TYR A 31 6.03 2.69 -11.16
N THR A 32 6.98 1.77 -11.24
CA THR A 32 8.39 2.11 -11.45
C THR A 32 8.57 2.83 -12.77
N GLU A 33 7.73 2.49 -13.73
CA GLU A 33 7.78 3.08 -15.06
C GLU A 33 7.59 4.60 -14.96
N HIS A 34 6.61 5.01 -14.16
CA HIS A 34 6.32 6.43 -13.98
C HIS A 34 7.42 7.10 -13.16
N PHE A 35 7.93 6.38 -12.16
CA PHE A 35 8.99 6.91 -11.30
C PHE A 35 10.20 7.33 -12.15
N MET A 36 10.60 6.44 -13.05
CA MET A 36 11.74 6.70 -13.92
C MET A 36 11.49 7.86 -14.85
N ALA A 37 10.24 8.03 -15.30
CA ALA A 37 9.90 9.10 -16.23
C ALA A 37 9.94 10.46 -15.54
N ALA A 38 9.48 10.49 -14.30
CA ALA A 38 9.45 11.72 -13.52
C ALA A 38 10.86 12.20 -13.17
N GLY A 39 11.85 11.35 -13.43
CA GLY A 39 13.22 11.70 -13.16
C GLY A 39 13.70 11.14 -11.84
N TYR A 40 12.86 10.38 -11.17
CA TYR A 40 13.22 9.78 -9.90
C TYR A 40 13.70 8.37 -10.13
N THR A 41 14.87 8.28 -10.74
CA THR A 41 15.47 7.00 -11.08
C THR A 41 16.12 6.35 -9.86
N ALA A 42 17.20 6.95 -9.37
CA ALA A 42 17.91 6.42 -8.21
C ALA A 42 17.31 6.91 -6.89
N ILE A 43 17.77 6.29 -5.81
CA ILE A 43 17.29 6.58 -4.45
C ILE A 43 17.32 8.08 -4.11
N GLU A 44 18.43 8.74 -4.39
CA GLU A 44 18.58 10.18 -4.07
C GLU A 44 17.43 11.00 -4.66
N LYS A 45 17.03 10.67 -5.87
CA LYS A 45 15.95 11.40 -6.53
C LYS A 45 14.60 11.05 -5.92
N VAL A 46 14.46 9.80 -5.48
CA VAL A 46 13.22 9.34 -4.87
C VAL A 46 13.00 10.01 -3.51
N VAL A 47 14.06 10.14 -2.73
CA VAL A 47 13.96 10.75 -1.40
C VAL A 47 13.87 12.27 -1.49
N GLN A 48 14.05 12.81 -2.69
CA GLN A 48 13.99 14.26 -2.89
C GLN A 48 12.58 14.70 -3.21
N MET A 49 11.75 13.78 -3.70
CA MET A 49 10.36 14.09 -4.02
C MET A 49 9.56 14.44 -2.77
N THR A 50 8.28 14.75 -2.97
CA THR A 50 7.41 15.10 -1.88
C THR A 50 6.06 14.40 -2.05
N ASN A 51 5.15 14.60 -1.10
CA ASN A 51 3.83 13.97 -1.15
C ASN A 51 3.11 14.32 -2.44
N ASP A 52 3.17 15.60 -2.83
CA ASP A 52 2.54 16.08 -4.05
C ASP A 52 3.08 15.33 -5.27
N ASP A 53 4.38 15.04 -5.25
CA ASP A 53 5.02 14.32 -6.35
C ASP A 53 4.40 12.95 -6.53
N ILE A 54 4.12 12.29 -5.43
CA ILE A 54 3.50 10.96 -5.43
C ILE A 54 2.13 11.01 -6.07
N LYS A 55 1.51 12.17 -6.04
CA LYS A 55 0.19 12.35 -6.60
C LYS A 55 0.27 12.79 -8.07
N ARG A 56 1.45 13.25 -8.49
CA ARG A 56 1.64 13.72 -9.85
C ARG A 56 2.28 12.65 -10.73
N ILE A 57 2.99 11.72 -10.11
CA ILE A 57 3.65 10.63 -10.84
C ILE A 57 2.65 9.60 -11.37
N GLY A 58 1.37 9.93 -11.29
CA GLY A 58 0.35 9.04 -11.76
C GLY A 58 -0.65 8.69 -10.68
N VAL A 59 -0.20 7.89 -9.71
CA VAL A 59 -1.02 7.46 -8.58
C VAL A 59 -1.92 8.57 -8.03
N ARG A 60 -3.21 8.44 -8.27
CA ARG A 60 -4.18 9.41 -7.80
C ARG A 60 -5.01 8.81 -6.67
N LEU A 61 -4.83 7.51 -6.45
CA LEU A 61 -5.54 6.79 -5.39
C LEU A 61 -4.90 7.05 -4.04
N PRO A 62 -5.72 7.46 -3.05
CA PRO A 62 -5.23 7.79 -1.70
C PRO A 62 -4.52 6.62 -1.03
N GLY A 63 -5.12 5.44 -1.07
CA GLY A 63 -4.52 4.28 -0.44
C GLY A 63 -3.19 3.90 -1.06
N HIS A 64 -3.13 4.01 -2.39
CA HIS A 64 -1.91 3.69 -3.12
C HIS A 64 -0.82 4.70 -2.77
N GLN A 65 -1.27 5.92 -2.49
CA GLN A 65 -0.36 7.00 -2.12
C GLN A 65 0.18 6.73 -0.72
N LYS A 66 -0.75 6.64 0.23
CA LYS A 66 -0.45 6.33 1.64
C LYS A 66 0.66 5.28 1.75
N ARG A 67 0.55 4.20 0.98
CA ARG A 67 1.54 3.13 0.99
C ARG A 67 2.91 3.66 0.57
N ILE A 68 2.98 4.30 -0.59
CA ILE A 68 4.22 4.85 -1.11
C ILE A 68 4.85 5.84 -0.13
N ALA A 69 4.03 6.71 0.45
CA ALA A 69 4.50 7.72 1.40
C ALA A 69 5.04 7.04 2.66
N TYR A 70 4.37 5.97 3.08
CA TYR A 70 4.77 5.20 4.25
C TYR A 70 6.20 4.68 4.08
N SER A 71 6.47 4.05 2.94
CA SER A 71 7.78 3.53 2.63
C SER A 71 8.81 4.65 2.43
N LEU A 72 8.34 5.82 2.00
CA LEU A 72 9.23 6.96 1.79
C LEU A 72 9.83 7.43 3.10
N LEU A 73 9.06 7.33 4.18
CA LEU A 73 9.53 7.73 5.50
C LEU A 73 10.77 6.93 5.88
N GLY A 74 10.75 5.64 5.57
CA GLY A 74 11.88 4.79 5.88
C GLY A 74 13.11 5.19 5.09
N LEU A 75 12.93 5.52 3.83
CA LEU A 75 14.04 5.93 2.97
C LEU A 75 14.73 7.17 3.51
N LYS A 76 13.94 8.15 3.94
CA LYS A 76 14.50 9.39 4.47
C LYS A 76 15.20 9.12 5.80
N ASP A 77 14.61 8.28 6.63
CA ASP A 77 15.19 7.92 7.92
C ASP A 77 16.50 7.16 7.70
N GLN A 78 16.48 6.25 6.73
CA GLN A 78 17.66 5.46 6.38
C GLN A 78 18.85 6.33 5.99
N VAL A 79 18.59 7.34 5.15
CA VAL A 79 19.66 8.23 4.69
C VAL A 79 20.14 9.15 5.83
N ASN A 80 19.40 9.16 6.93
CA ASN A 80 19.76 9.98 8.08
C ASN A 80 20.46 9.14 9.13
N THR A 81 20.47 7.83 8.91
CA THR A 81 21.11 6.92 9.84
C THR A 81 22.56 6.71 9.43
N VAL A 82 23.47 6.93 10.38
CA VAL A 82 24.90 6.76 10.14
C VAL A 82 25.47 5.81 11.18
N GLY B 18 -7.84 -10.89 -6.75
CA GLY B 18 -6.48 -10.89 -6.16
C GLY B 18 -6.45 -11.64 -4.84
N MET B 19 -7.50 -11.49 -4.05
CA MET B 19 -7.59 -12.16 -2.75
C MET B 19 -9.02 -12.55 -2.45
N SER B 20 -9.81 -12.77 -3.49
CA SER B 20 -11.20 -13.18 -3.34
C SER B 20 -11.27 -14.51 -2.58
N ALA B 21 -10.54 -15.50 -3.07
CA ALA B 21 -10.47 -16.81 -2.42
C ALA B 21 -10.07 -16.67 -0.95
N TRP B 22 -9.19 -15.71 -0.69
CA TRP B 22 -8.73 -15.42 0.67
C TRP B 22 -9.88 -14.90 1.50
N LEU B 23 -10.56 -13.88 0.97
CA LEU B 23 -11.71 -13.27 1.63
C LEU B 23 -12.98 -14.07 1.36
N ARG B 24 -12.84 -15.38 1.19
CA ARG B 24 -13.97 -16.23 0.89
C ARG B 24 -14.24 -17.13 2.08
N ALA B 25 -13.46 -16.94 3.14
CA ALA B 25 -13.60 -17.73 4.35
C ALA B 25 -14.55 -17.04 5.32
N ILE B 26 -14.81 -15.77 5.06
CA ILE B 26 -15.70 -14.98 5.90
C ILE B 26 -16.71 -14.24 5.03
N GLY B 27 -16.82 -14.68 3.77
CA GLY B 27 -17.74 -14.06 2.82
C GLY B 27 -17.62 -12.56 2.75
N LEU B 28 -16.40 -12.06 2.54
CA LEU B 28 -16.18 -10.62 2.47
C LEU B 28 -15.54 -10.23 1.14
N GLU B 29 -15.60 -11.13 0.17
CA GLU B 29 -15.04 -10.90 -1.16
C GLU B 29 -15.64 -9.64 -1.82
N ARG B 30 -16.80 -9.23 -1.33
CA ARG B 30 -17.50 -8.05 -1.88
C ARG B 30 -16.75 -6.77 -1.50
N TYR B 31 -15.81 -6.88 -0.57
CA TYR B 31 -15.05 -5.71 -0.14
C TYR B 31 -13.68 -5.64 -0.82
N GLU B 32 -13.23 -6.77 -1.38
CA GLU B 32 -11.94 -6.84 -2.09
C GLU B 32 -11.70 -5.60 -2.96
N GLU B 33 -12.52 -5.44 -3.99
CA GLU B 33 -12.44 -4.29 -4.91
C GLU B 33 -12.22 -2.96 -4.17
N GLY B 34 -12.87 -2.79 -3.03
CA GLY B 34 -12.73 -1.56 -2.26
C GLY B 34 -11.33 -1.42 -1.68
N LEU B 35 -10.79 -2.54 -1.21
CA LEU B 35 -9.46 -2.57 -0.63
C LEU B 35 -8.41 -2.38 -1.73
N VAL B 36 -8.46 -3.25 -2.74
CA VAL B 36 -7.55 -3.20 -3.88
C VAL B 36 -7.38 -1.79 -4.44
N HIS B 37 -8.50 -1.09 -4.68
CA HIS B 37 -8.44 0.26 -5.23
C HIS B 37 -7.54 1.15 -4.40
N ASN B 38 -7.74 1.10 -3.09
CA ASN B 38 -6.93 1.91 -2.19
C ASN B 38 -5.47 1.51 -2.33
N GLY B 39 -5.09 0.44 -1.67
CA GLY B 39 -3.71 0.00 -1.74
C GLY B 39 -3.53 -1.36 -1.13
N TRP B 40 -4.41 -2.29 -1.49
CA TRP B 40 -4.35 -3.64 -0.97
C TRP B 40 -4.57 -4.64 -2.09
N ASP B 41 -3.66 -4.66 -3.05
CA ASP B 41 -3.75 -5.59 -4.16
C ASP B 41 -2.89 -6.82 -3.90
N ASP B 42 -2.16 -6.79 -2.80
CA ASP B 42 -1.30 -7.90 -2.42
C ASP B 42 -1.57 -8.32 -0.97
N LEU B 43 -1.39 -9.61 -0.69
CA LEU B 43 -1.65 -10.15 0.65
C LEU B 43 -0.45 -10.03 1.57
N GLU B 44 0.75 -9.85 1.01
CA GLU B 44 1.96 -9.76 1.82
C GLU B 44 2.02 -8.43 2.56
N PHE B 45 1.29 -7.43 2.08
CA PHE B 45 1.27 -6.14 2.73
C PHE B 45 0.00 -5.97 3.57
N LEU B 46 -0.98 -6.84 3.32
CA LEU B 46 -2.25 -6.79 4.04
C LEU B 46 -2.04 -7.10 5.52
N SER B 47 -0.92 -7.74 5.84
CA SER B 47 -0.61 -8.09 7.22
C SER B 47 -0.21 -6.86 8.03
N ASP B 48 0.01 -5.74 7.34
CA ASP B 48 0.39 -4.49 7.99
C ASP B 48 -0.77 -3.50 7.98
N ILE B 49 -1.99 -4.04 7.84
CA ILE B 49 -3.19 -3.20 7.80
C ILE B 49 -3.61 -2.79 9.21
N THR B 50 -4.27 -1.64 9.30
CA THR B 50 -4.75 -1.12 10.57
C THR B 50 -6.26 -0.92 10.52
N GLU B 51 -6.86 -0.59 11.65
CA GLU B 51 -8.30 -0.36 11.71
C GLU B 51 -8.64 0.90 10.90
N GLU B 52 -7.71 1.84 10.90
CA GLU B 52 -7.87 3.09 10.16
C GLU B 52 -7.86 2.79 8.67
N ASP B 53 -6.87 2.01 8.25
CA ASP B 53 -6.73 1.61 6.85
C ASP B 53 -8.01 1.01 6.30
N LEU B 54 -8.59 0.05 7.04
CA LEU B 54 -9.84 -0.58 6.64
C LEU B 54 -10.90 0.48 6.40
N GLU B 55 -11.11 1.32 7.41
CA GLU B 55 -12.05 2.44 7.33
C GLU B 55 -11.91 3.20 6.02
N GLU B 56 -10.68 3.55 5.66
CA GLU B 56 -10.40 4.28 4.41
C GLU B 56 -10.73 3.45 3.18
N ALA B 57 -10.69 2.13 3.32
CA ALA B 57 -10.98 1.23 2.22
C ALA B 57 -12.49 1.00 2.08
N GLY B 58 -13.25 1.52 3.03
CA GLY B 58 -14.69 1.37 2.99
C GLY B 58 -15.22 0.50 4.12
N VAL B 59 -14.33 -0.24 4.76
CA VAL B 59 -14.73 -1.11 5.86
C VAL B 59 -14.74 -0.33 7.16
N GLN B 60 -15.82 0.39 7.40
CA GLN B 60 -15.96 1.19 8.61
C GLN B 60 -16.74 0.44 9.68
N ASP B 61 -17.44 -0.61 9.26
CA ASP B 61 -18.24 -1.42 10.17
C ASP B 61 -17.35 -2.19 11.13
N PRO B 62 -17.61 -2.06 12.45
CA PRO B 62 -16.83 -2.73 13.51
C PRO B 62 -16.72 -4.24 13.30
N ALA B 63 -17.86 -4.90 13.08
CA ALA B 63 -17.89 -6.34 12.88
C ALA B 63 -17.03 -6.75 11.69
N HIS B 64 -17.22 -6.08 10.57
CA HIS B 64 -16.46 -6.38 9.36
C HIS B 64 -14.96 -6.18 9.58
N LYS B 65 -14.61 -5.10 10.28
CA LYS B 65 -13.20 -4.81 10.57
C LYS B 65 -12.62 -5.92 11.44
N ARG B 66 -13.28 -6.18 12.57
CA ARG B 66 -12.86 -7.21 13.50
C ARG B 66 -12.72 -8.56 12.80
N LEU B 67 -13.73 -8.89 11.98
CA LEU B 67 -13.72 -10.15 11.23
C LEU B 67 -12.45 -10.28 10.39
N LEU B 68 -12.11 -9.24 9.65
CA LEU B 68 -10.92 -9.26 8.81
C LEU B 68 -9.67 -9.42 9.65
N LEU B 69 -9.60 -8.67 10.76
CA LEU B 69 -8.47 -8.74 11.68
C LEU B 69 -8.25 -10.17 12.17
N ASP B 70 -9.33 -10.83 12.54
CA ASP B 70 -9.28 -12.22 13.01
C ASP B 70 -8.85 -13.15 11.89
N THR B 71 -9.41 -12.92 10.70
CA THR B 71 -9.11 -13.73 9.53
C THR B 71 -7.63 -13.62 9.16
N LEU B 72 -7.03 -12.45 9.44
CA LEU B 72 -5.62 -12.22 9.14
C LEU B 72 -4.76 -13.23 9.89
N GLN B 73 -5.06 -13.42 11.16
CA GLN B 73 -4.30 -14.37 11.98
C GLN B 73 -4.56 -15.79 11.51
N LEU B 74 -5.83 -16.11 11.31
CA LEU B 74 -6.25 -17.43 10.85
C LEU B 74 -5.60 -17.83 9.52
N SER B 75 -5.62 -16.93 8.55
CA SER B 75 -5.06 -17.22 7.24
C SER B 75 -3.55 -17.09 7.24
N LYS B 76 -3.03 -16.13 8.00
CA LYS B 76 -1.59 -15.88 8.10
C LYS B 76 -1.04 -15.42 6.75
N THR A 18 17.84 -0.97 -2.81
CA THR A 18 17.61 -0.31 -4.11
C THR A 18 16.18 0.22 -4.22
N VAL A 19 15.96 1.08 -5.21
CA VAL A 19 14.64 1.67 -5.44
C VAL A 19 13.59 0.57 -5.69
N SER A 20 14.00 -0.46 -6.41
CA SER A 20 13.12 -1.57 -6.73
C SER A 20 12.62 -2.27 -5.47
N GLU A 21 13.51 -2.51 -4.52
CA GLU A 21 13.16 -3.19 -3.27
C GLU A 21 12.13 -2.39 -2.49
N TRP A 22 12.20 -1.07 -2.61
CA TRP A 22 11.30 -0.17 -1.92
C TRP A 22 9.91 -0.20 -2.56
N LEU A 23 9.90 -0.29 -3.88
CA LEU A 23 8.64 -0.32 -4.61
C LEU A 23 8.00 -1.70 -4.61
N GLU A 24 8.80 -2.75 -4.57
CA GLU A 24 8.26 -4.11 -4.57
C GLU A 24 7.67 -4.49 -3.22
N SER A 25 8.29 -4.04 -2.13
CA SER A 25 7.79 -4.35 -0.80
C SER A 25 6.35 -3.88 -0.59
N ILE A 26 6.02 -2.74 -1.17
CA ILE A 26 4.67 -2.18 -1.05
C ILE A 26 3.80 -2.61 -2.22
N LYS A 27 4.38 -3.39 -3.14
CA LYS A 27 3.66 -3.90 -4.31
C LYS A 27 3.26 -2.79 -5.27
N MET A 28 4.20 -1.90 -5.53
CA MET A 28 4.01 -0.79 -6.45
C MET A 28 5.14 -0.79 -7.46
N GLN A 29 5.68 -1.99 -7.67
CA GLN A 29 6.82 -2.22 -8.54
C GLN A 29 6.53 -1.89 -10.01
N GLN A 30 5.27 -1.81 -10.41
CA GLN A 30 4.96 -1.50 -11.81
C GLN A 30 4.95 0.01 -12.03
N TYR A 31 5.14 0.76 -10.95
CA TYR A 31 5.18 2.21 -11.05
C TYR A 31 6.61 2.70 -11.16
N THR A 32 7.55 1.76 -11.05
CA THR A 32 8.98 2.07 -11.11
C THR A 32 9.34 2.83 -12.38
N GLU A 33 8.78 2.41 -13.51
CA GLU A 33 9.04 3.05 -14.78
C GLU A 33 8.72 4.54 -14.74
N HIS A 34 7.58 4.90 -14.15
CA HIS A 34 7.19 6.30 -14.06
C HIS A 34 8.15 7.06 -13.14
N PHE A 35 8.47 6.45 -12.00
CA PHE A 35 9.38 7.05 -11.03
C PHE A 35 10.72 7.37 -11.68
N MET A 36 11.28 6.38 -12.35
CA MET A 36 12.58 6.52 -13.00
C MET A 36 12.54 7.51 -14.16
N ALA A 37 11.39 7.62 -14.83
CA ALA A 37 11.27 8.54 -15.95
C ALA A 37 11.16 9.98 -15.45
N ALA A 38 10.56 10.14 -14.27
CA ALA A 38 10.39 11.45 -13.66
C ALA A 38 11.72 11.97 -13.12
N GLY A 39 12.68 11.06 -12.98
CA GLY A 39 13.99 11.46 -12.50
C GLY A 39 14.38 10.76 -11.20
N TYR A 40 13.46 9.99 -10.63
CA TYR A 40 13.73 9.30 -9.38
C TYR A 40 14.31 7.91 -9.68
N THR A 41 15.55 7.91 -10.15
CA THR A 41 16.24 6.68 -10.48
C THR A 41 17.08 6.18 -9.30
N ALA A 42 17.02 6.92 -8.21
CA ALA A 42 17.80 6.57 -7.01
C ALA A 42 17.08 7.06 -5.76
N ILE A 43 17.39 6.46 -4.63
CA ILE A 43 16.76 6.78 -3.34
C ILE A 43 16.89 8.27 -2.98
N GLU A 44 18.06 8.86 -3.20
CA GLU A 44 18.28 10.27 -2.86
C GLU A 44 17.28 11.17 -3.57
N LYS A 45 16.90 10.79 -4.78
CA LYS A 45 15.95 11.57 -5.55
C LYS A 45 14.53 11.26 -5.09
N VAL A 46 14.29 10.01 -4.71
CA VAL A 46 12.99 9.58 -4.24
C VAL A 46 12.56 10.34 -3.00
N VAL A 47 13.49 10.57 -2.08
CA VAL A 47 13.19 11.29 -0.84
C VAL A 47 13.04 12.79 -1.09
N GLN A 48 13.41 13.24 -2.28
CA GLN A 48 13.32 14.67 -2.62
C GLN A 48 11.92 15.02 -3.09
N MET A 49 11.19 14.04 -3.60
CA MET A 49 9.83 14.25 -4.08
C MET A 49 8.90 14.68 -2.94
N THR A 50 7.66 14.99 -3.29
CA THR A 50 6.68 15.43 -2.31
C THR A 50 5.41 14.59 -2.47
N ASN A 51 4.50 14.70 -1.51
CA ASN A 51 3.26 13.94 -1.52
C ASN A 51 2.47 14.18 -2.80
N ASP A 52 2.31 15.45 -3.18
CA ASP A 52 1.56 15.81 -4.39
C ASP A 52 2.21 15.26 -5.66
N ASP A 53 3.53 15.12 -5.65
CA ASP A 53 4.27 14.63 -6.81
C ASP A 53 3.95 13.17 -7.10
N ILE A 54 3.63 12.42 -6.05
CA ILE A 54 3.27 11.01 -6.18
C ILE A 54 2.02 10.86 -7.02
N LYS A 55 1.19 11.88 -6.99
CA LYS A 55 -0.07 11.89 -7.72
C LYS A 55 0.14 12.46 -9.12
N ARG A 56 1.34 13.00 -9.36
CA ARG A 56 1.66 13.59 -10.65
C ARG A 56 2.30 12.56 -11.56
N ILE A 57 3.14 11.70 -10.99
CA ILE A 57 3.83 10.66 -11.75
C ILE A 57 2.91 9.51 -12.16
N GLY A 58 1.61 9.77 -12.23
CA GLY A 58 0.67 8.74 -12.64
C GLY A 58 -0.35 8.45 -11.57
N VAL A 59 0.01 7.50 -10.69
CA VAL A 59 -0.81 7.03 -9.55
C VAL A 59 -2.03 7.89 -9.23
N ARG A 60 -3.17 7.55 -9.81
CA ARG A 60 -4.40 8.30 -9.57
C ARG A 60 -5.21 7.71 -8.41
N LEU A 61 -4.91 6.46 -8.05
CA LEU A 61 -5.63 5.81 -6.96
C LEU A 61 -5.14 6.32 -5.60
N PRO A 62 -6.05 6.84 -4.78
CA PRO A 62 -5.74 7.42 -3.46
C PRO A 62 -5.03 6.44 -2.53
N GLY A 63 -5.46 5.19 -2.52
CA GLY A 63 -4.84 4.21 -1.66
C GLY A 63 -3.45 3.85 -2.12
N HIS A 64 -3.25 3.88 -3.43
CA HIS A 64 -1.93 3.58 -3.99
C HIS A 64 -0.97 4.68 -3.60
N GLN A 65 -1.51 5.90 -3.49
CA GLN A 65 -0.72 7.05 -3.10
C GLN A 65 -0.33 6.90 -1.63
N LYS A 66 -1.36 6.87 -0.78
CA LYS A 66 -1.20 6.68 0.66
C LYS A 66 -0.08 5.70 1.00
N ARG A 67 -0.10 4.53 0.37
CA ARG A 67 0.92 3.52 0.63
C ARG A 67 2.32 4.05 0.32
N ILE A 68 2.49 4.59 -0.89
CA ILE A 68 3.78 5.13 -1.31
C ILE A 68 4.23 6.23 -0.35
N ALA A 69 3.31 7.12 0.03
CA ALA A 69 3.61 8.20 0.96
C ALA A 69 4.09 7.64 2.30
N TYR A 70 3.43 6.58 2.73
CA TYR A 70 3.77 5.90 3.98
C TYR A 70 5.19 5.35 3.89
N SER A 71 5.49 4.72 2.76
CA SER A 71 6.81 4.16 2.52
C SER A 71 7.88 5.24 2.41
N LEU A 72 7.49 6.44 1.98
CA LEU A 72 8.40 7.56 1.84
C LEU A 72 8.86 8.06 3.19
N LEU A 73 7.93 8.11 4.15
CA LEU A 73 8.24 8.58 5.50
C LEU A 73 9.38 7.78 6.10
N GLY A 74 9.42 6.49 5.81
CA GLY A 74 10.46 5.63 6.33
C GLY A 74 11.80 5.97 5.74
N LEU A 75 11.84 6.21 4.44
CA LEU A 75 13.09 6.55 3.75
C LEU A 75 13.71 7.82 4.31
N LYS A 76 12.88 8.83 4.59
CA LYS A 76 13.37 10.09 5.14
C LYS A 76 13.96 9.87 6.53
N ASP A 77 13.31 9.03 7.32
CA ASP A 77 13.76 8.72 8.68
C ASP A 77 15.03 7.86 8.65
N GLN A 78 15.06 6.87 7.76
CA GLN A 78 16.20 5.97 7.63
C GLN A 78 17.45 6.72 7.16
N VAL A 79 17.27 7.77 6.38
CA VAL A 79 18.39 8.55 5.89
C VAL A 79 18.78 9.61 6.92
N ASN A 80 17.90 9.80 7.90
CA ASN A 80 18.13 10.76 8.96
C ASN A 80 18.81 10.08 10.15
N THR A 81 18.89 8.75 10.06
CA THR A 81 19.51 7.97 11.11
C THR A 81 21.03 8.06 11.00
N VAL A 82 21.64 8.66 12.01
CA VAL A 82 23.09 8.83 12.05
C VAL A 82 23.78 7.51 12.36
N GLY B 18 -7.42 -12.47 -7.59
CA GLY B 18 -7.89 -11.62 -6.48
C GLY B 18 -7.97 -12.39 -5.18
N MET B 19 -8.84 -11.97 -4.27
CA MET B 19 -8.98 -12.65 -2.99
C MET B 19 -10.43 -12.69 -2.55
N SER B 20 -11.34 -12.72 -3.50
CA SER B 20 -12.76 -12.78 -3.21
C SER B 20 -13.08 -14.04 -2.39
N ALA B 21 -12.57 -15.17 -2.88
CA ALA B 21 -12.75 -16.45 -2.22
C ALA B 21 -12.10 -16.46 -0.84
N TRP B 22 -11.06 -15.65 -0.69
CA TRP B 22 -10.32 -15.55 0.57
C TRP B 22 -11.16 -14.78 1.60
N LEU B 23 -11.81 -13.72 1.12
CA LEU B 23 -12.65 -12.89 1.98
C LEU B 23 -13.96 -13.59 2.29
N ARG B 24 -14.32 -14.55 1.44
CA ARG B 24 -15.54 -15.35 1.62
C ARG B 24 -15.52 -16.07 2.98
N ALA B 25 -14.33 -16.22 3.54
CA ALA B 25 -14.15 -16.89 4.83
C ALA B 25 -14.97 -16.22 5.92
N ILE B 26 -15.02 -14.90 5.87
CA ILE B 26 -15.79 -14.13 6.85
C ILE B 26 -16.87 -13.32 6.14
N GLY B 27 -17.22 -13.77 4.94
CA GLY B 27 -18.23 -13.11 4.13
C GLY B 27 -18.01 -11.61 4.01
N LEU B 28 -16.79 -11.20 3.73
CA LEU B 28 -16.47 -9.79 3.61
C LEU B 28 -15.96 -9.46 2.21
N GLU B 29 -16.20 -10.36 1.26
CA GLU B 29 -15.79 -10.17 -0.13
C GLU B 29 -16.22 -8.82 -0.70
N ARG B 30 -17.31 -8.27 -0.19
CA ARG B 30 -17.83 -6.99 -0.66
C ARG B 30 -16.83 -5.86 -0.44
N TYR B 31 -15.87 -6.07 0.47
CA TYR B 31 -14.88 -5.06 0.77
C TYR B 31 -13.73 -5.06 -0.24
N GLU B 32 -13.51 -6.21 -0.90
CA GLU B 32 -12.44 -6.34 -1.89
C GLU B 32 -12.51 -5.22 -2.93
N GLU B 33 -13.73 -4.82 -3.25
CA GLU B 33 -13.98 -3.76 -4.22
C GLU B 33 -13.25 -2.48 -3.82
N GLY B 34 -13.44 -2.08 -2.56
CA GLY B 34 -12.79 -0.88 -2.06
C GLY B 34 -11.31 -1.07 -1.80
N LEU B 35 -10.91 -2.30 -1.50
CA LEU B 35 -9.51 -2.60 -1.23
C LEU B 35 -8.68 -2.43 -2.51
N VAL B 36 -9.09 -3.09 -3.58
CA VAL B 36 -8.41 -2.98 -4.88
C VAL B 36 -8.12 -1.52 -5.27
N HIS B 37 -9.04 -0.61 -4.95
CA HIS B 37 -8.86 0.80 -5.27
C HIS B 37 -7.68 1.40 -4.50
N ASN B 38 -7.24 0.71 -3.46
CA ASN B 38 -6.12 1.17 -2.66
C ASN B 38 -4.92 0.25 -2.87
N GLY B 39 -5.03 -0.64 -3.85
CA GLY B 39 -3.95 -1.56 -4.15
C GLY B 39 -3.83 -2.67 -3.12
N TRP B 40 -4.89 -2.90 -2.36
CA TRP B 40 -4.89 -3.94 -1.35
C TRP B 40 -5.43 -5.23 -1.93
N ASP B 41 -5.06 -5.51 -3.16
CA ASP B 41 -5.49 -6.71 -3.86
C ASP B 41 -4.41 -7.78 -3.79
N ASP B 42 -3.36 -7.49 -3.03
CA ASP B 42 -2.26 -8.42 -2.84
C ASP B 42 -2.29 -9.00 -1.45
N LEU B 43 -2.40 -10.32 -1.37
CA LEU B 43 -2.47 -11.02 -0.07
C LEU B 43 -1.11 -11.02 0.63
N GLU B 44 -0.04 -10.95 -0.15
CA GLU B 44 1.31 -10.96 0.42
C GLU B 44 1.54 -9.76 1.34
N PHE B 45 1.27 -8.57 0.85
CA PHE B 45 1.44 -7.36 1.66
C PHE B 45 0.28 -7.21 2.64
N LEU B 46 -0.87 -7.78 2.28
CA LEU B 46 -2.05 -7.71 3.14
C LEU B 46 -1.81 -8.48 4.43
N SER B 47 -0.84 -9.38 4.40
CA SER B 47 -0.51 -10.18 5.57
C SER B 47 0.09 -9.32 6.68
N ASP B 48 0.48 -8.09 6.34
CA ASP B 48 1.05 -7.17 7.31
C ASP B 48 0.34 -5.82 7.27
N ILE B 49 -0.97 -5.87 7.08
CA ILE B 49 -1.77 -4.65 7.02
C ILE B 49 -2.16 -4.20 8.43
N THR B 50 -2.13 -2.89 8.65
CA THR B 50 -2.48 -2.33 9.94
C THR B 50 -3.94 -1.91 9.98
N GLU B 51 -4.46 -1.69 11.18
CA GLU B 51 -5.85 -1.29 11.35
C GLU B 51 -6.07 0.08 10.74
N GLU B 52 -5.07 0.94 10.87
CA GLU B 52 -5.13 2.30 10.33
C GLU B 52 -5.31 2.25 8.82
N ASP B 53 -4.46 1.48 8.15
CA ASP B 53 -4.54 1.34 6.70
C ASP B 53 -5.92 0.83 6.26
N LEU B 54 -6.47 -0.14 6.99
CA LEU B 54 -7.79 -0.68 6.68
C LEU B 54 -8.83 0.44 6.61
N GLU B 55 -8.96 1.18 7.71
CA GLU B 55 -9.89 2.31 7.78
C GLU B 55 -9.79 3.21 6.54
N GLU B 56 -8.57 3.45 6.06
CA GLU B 56 -8.35 4.28 4.88
C GLU B 56 -8.97 3.65 3.63
N ALA B 57 -9.06 2.33 3.60
CA ALA B 57 -9.63 1.62 2.48
C ALA B 57 -11.16 1.51 2.59
N GLY B 58 -11.70 2.10 3.65
CA GLY B 58 -13.15 2.06 3.84
C GLY B 58 -13.57 1.17 4.98
N VAL B 59 -12.61 0.48 5.59
CA VAL B 59 -12.91 -0.41 6.71
C VAL B 59 -12.97 0.38 8.01
N GLN B 60 -13.90 1.32 8.07
CA GLN B 60 -14.08 2.17 9.25
C GLN B 60 -15.10 1.55 10.20
N ASP B 61 -14.95 0.25 10.44
CA ASP B 61 -15.85 -0.47 11.32
C ASP B 61 -15.03 -1.37 12.25
N PRO B 62 -15.33 -1.31 13.56
CA PRO B 62 -14.62 -2.10 14.57
C PRO B 62 -14.63 -3.60 14.28
N ALA B 63 -15.82 -4.17 14.11
CA ALA B 63 -15.97 -5.60 13.84
C ALA B 63 -15.27 -6.00 12.55
N HIS B 64 -15.44 -5.21 11.50
CA HIS B 64 -14.82 -5.49 10.21
C HIS B 64 -13.30 -5.59 10.35
N LYS B 65 -12.69 -4.62 11.03
CA LYS B 65 -11.25 -4.62 11.22
C LYS B 65 -10.82 -5.82 12.04
N ARG B 66 -11.54 -6.06 13.13
CA ARG B 66 -11.25 -7.17 14.03
C ARG B 66 -11.30 -8.51 13.28
N LEU B 67 -12.41 -8.75 12.58
CA LEU B 67 -12.58 -9.99 11.83
C LEU B 67 -11.52 -10.16 10.76
N LEU B 68 -11.21 -9.08 10.04
CA LEU B 68 -10.20 -9.14 8.98
C LEU B 68 -8.86 -9.57 9.56
N LEU B 69 -8.49 -8.98 10.69
CA LEU B 69 -7.23 -9.32 11.36
C LEU B 69 -7.18 -10.80 11.73
N ASP B 70 -8.33 -11.33 12.16
CA ASP B 70 -8.42 -12.74 12.55
C ASP B 70 -8.32 -13.63 11.32
N THR B 71 -8.89 -13.17 10.21
CA THR B 71 -8.86 -13.92 8.96
C THR B 71 -7.43 -14.02 8.43
N LEU B 72 -6.63 -12.98 8.66
CA LEU B 72 -5.24 -12.97 8.22
C LEU B 72 -4.47 -14.09 8.88
N GLN B 73 -4.84 -14.42 10.11
CA GLN B 73 -4.17 -15.48 10.85
C GLN B 73 -4.73 -16.85 10.46
N LEU B 74 -6.06 -16.98 10.48
CA LEU B 74 -6.72 -18.23 10.13
C LEU B 74 -6.38 -18.71 8.72
N SER B 75 -6.68 -17.89 7.72
CA SER B 75 -6.44 -18.24 6.34
C SER B 75 -4.97 -18.01 5.97
N LYS B 76 -4.54 -16.75 6.02
CA LYS B 76 -3.17 -16.37 5.68
C LYS B 76 -2.86 -16.76 4.23
N THR A 18 17.94 -0.76 -3.10
CA THR A 18 17.66 -0.26 -4.46
C THR A 18 16.21 0.18 -4.59
N VAL A 19 15.94 1.06 -5.56
CA VAL A 19 14.60 1.58 -5.82
C VAL A 19 13.57 0.47 -6.00
N SER A 20 13.93 -0.55 -6.77
CA SER A 20 13.05 -1.68 -7.05
C SER A 20 12.59 -2.39 -5.77
N GLU A 21 13.51 -2.59 -4.84
CA GLU A 21 13.21 -3.28 -3.59
C GLU A 21 12.27 -2.46 -2.71
N TRP A 22 12.44 -1.14 -2.72
CA TRP A 22 11.59 -0.26 -1.94
C TRP A 22 10.17 -0.30 -2.49
N LEU A 23 10.07 -0.31 -3.81
CA LEU A 23 8.77 -0.37 -4.47
C LEU A 23 8.16 -1.76 -4.29
N GLU A 24 9.01 -2.73 -3.97
CA GLU A 24 8.58 -4.11 -3.79
C GLU A 24 8.00 -4.33 -2.40
N SER A 25 8.69 -3.85 -1.38
CA SER A 25 8.26 -4.01 0.02
C SER A 25 6.85 -3.43 0.27
N ILE A 26 6.39 -2.56 -0.61
CA ILE A 26 5.06 -1.96 -0.46
C ILE A 26 4.11 -2.41 -1.57
N LYS A 27 4.62 -3.31 -2.41
CA LYS A 27 3.89 -3.87 -3.54
C LYS A 27 3.42 -2.75 -4.45
N MET A 28 4.33 -1.84 -4.75
CA MET A 28 4.04 -0.71 -5.63
C MET A 28 5.00 -0.80 -6.79
N GLN A 29 5.43 -2.04 -7.04
CA GLN A 29 6.37 -2.33 -8.10
C GLN A 29 5.75 -2.16 -9.47
N GLN A 30 4.43 -1.99 -9.53
CA GLN A 30 3.76 -1.79 -10.80
C GLN A 30 3.84 -0.32 -11.20
N TYR A 31 4.63 0.44 -10.44
CA TYR A 31 4.82 1.87 -10.70
C TYR A 31 6.29 2.16 -10.98
N THR A 32 7.10 1.11 -11.03
CA THR A 32 8.53 1.24 -11.28
C THR A 32 8.77 1.90 -12.64
N GLU A 33 7.94 1.52 -13.62
CA GLU A 33 8.06 2.05 -14.97
C GLU A 33 7.31 3.37 -15.07
N HIS A 34 7.54 4.24 -14.10
CA HIS A 34 6.91 5.54 -14.02
C HIS A 34 7.86 6.48 -13.30
N PHE A 35 8.31 6.04 -12.11
CA PHE A 35 9.26 6.80 -11.31
C PHE A 35 10.52 7.08 -12.13
N MET A 36 10.93 6.06 -12.88
CA MET A 36 12.13 6.14 -13.70
C MET A 36 12.02 7.23 -14.77
N ALA A 37 10.85 7.34 -15.39
CA ALA A 37 10.64 8.34 -16.43
C ALA A 37 10.57 9.74 -15.85
N ALA A 38 10.09 9.82 -14.60
CA ALA A 38 9.96 11.10 -13.91
C ALA A 38 11.33 11.64 -13.48
N GLY A 39 12.37 10.82 -13.66
CA GLY A 39 13.72 11.24 -13.30
C GLY A 39 14.20 10.66 -11.99
N TYR A 40 13.31 9.96 -11.30
CA TYR A 40 13.66 9.36 -10.02
C TYR A 40 14.22 7.96 -10.24
N THR A 41 15.49 7.90 -10.64
CA THR A 41 16.14 6.63 -10.91
C THR A 41 17.08 6.24 -9.77
N ALA A 42 17.11 7.06 -8.71
CA ALA A 42 17.97 6.80 -7.57
C ALA A 42 17.27 7.26 -6.29
N ILE A 43 17.58 6.57 -5.19
CA ILE A 43 17.00 6.86 -3.88
C ILE A 43 17.13 8.33 -3.50
N GLU A 44 18.28 8.93 -3.79
CA GLU A 44 18.52 10.34 -3.46
C GLU A 44 17.45 11.24 -4.07
N LYS A 45 17.03 10.93 -5.29
CA LYS A 45 16.01 11.72 -5.97
C LYS A 45 14.63 11.36 -5.45
N VAL A 46 14.43 10.08 -5.15
CA VAL A 46 13.15 9.60 -4.66
C VAL A 46 12.75 10.32 -3.36
N VAL A 47 13.70 10.52 -2.47
CA VAL A 47 13.42 11.19 -1.20
C VAL A 47 13.27 12.69 -1.39
N GLN A 48 13.60 13.19 -2.57
CA GLN A 48 13.52 14.62 -2.85
C GLN A 48 12.10 15.02 -3.27
N MET A 49 11.35 14.06 -3.81
CA MET A 49 9.98 14.32 -4.24
C MET A 49 9.08 14.68 -3.06
N THR A 50 7.82 14.97 -3.36
CA THR A 50 6.86 15.35 -2.34
C THR A 50 5.56 14.57 -2.52
N ASN A 51 4.62 14.74 -1.59
CA ASN A 51 3.35 14.03 -1.62
C ASN A 51 2.60 14.26 -2.94
N ASP A 52 2.54 15.51 -3.36
CA ASP A 52 1.84 15.87 -4.60
C ASP A 52 2.52 15.27 -5.83
N ASP A 53 3.84 15.12 -5.77
CA ASP A 53 4.62 14.57 -6.88
C ASP A 53 4.19 13.15 -7.19
N ILE A 54 3.82 12.41 -6.16
CA ILE A 54 3.36 11.03 -6.29
C ILE A 54 2.15 10.95 -7.20
N LYS A 55 1.33 11.98 -7.17
CA LYS A 55 0.11 12.01 -7.97
C LYS A 55 0.41 12.38 -9.42
N ARG A 56 1.60 12.92 -9.66
CA ARG A 56 1.99 13.33 -11.01
C ARG A 56 2.75 12.20 -11.73
N ILE A 57 3.46 11.38 -10.96
CA ILE A 57 4.23 10.29 -11.55
C ILE A 57 3.35 9.13 -12.03
N GLY A 58 2.03 9.26 -11.88
CA GLY A 58 1.13 8.24 -12.37
C GLY A 58 0.37 7.49 -11.28
N VAL A 59 0.56 7.88 -10.03
CA VAL A 59 -0.16 7.21 -8.94
C VAL A 59 -1.44 7.96 -8.61
N ARG A 60 -2.49 7.68 -9.38
CA ARG A 60 -3.78 8.32 -9.18
C ARG A 60 -4.56 7.72 -8.02
N LEU A 61 -4.19 6.52 -7.58
CA LEU A 61 -4.89 5.87 -6.47
C LEU A 61 -4.45 6.45 -5.13
N PRO A 62 -5.40 7.07 -4.39
CA PRO A 62 -5.12 7.71 -3.08
C PRO A 62 -4.57 6.75 -2.03
N GLY A 63 -5.05 5.51 -2.05
CA GLY A 63 -4.59 4.53 -1.10
C GLY A 63 -3.15 4.14 -1.38
N HIS A 64 -2.79 4.19 -2.67
CA HIS A 64 -1.43 3.89 -3.09
C HIS A 64 -0.55 5.05 -2.71
N GLN A 65 -1.15 6.24 -2.76
CA GLN A 65 -0.46 7.47 -2.41
C GLN A 65 -0.03 7.42 -0.94
N LYS A 66 -1.02 7.52 -0.05
CA LYS A 66 -0.79 7.45 1.39
C LYS A 66 0.24 6.37 1.78
N ARG A 67 0.16 5.21 1.13
CA ARG A 67 1.08 4.11 1.40
C ARG A 67 2.53 4.53 1.07
N ILE A 68 2.72 5.04 -0.15
CA ILE A 68 4.03 5.49 -0.60
C ILE A 68 4.49 6.68 0.24
N ALA A 69 3.60 7.64 0.43
CA ALA A 69 3.89 8.85 1.20
C ALA A 69 4.48 8.51 2.58
N TYR A 70 3.81 7.61 3.29
CA TYR A 70 4.25 7.18 4.62
C TYR A 70 5.65 6.59 4.55
N SER A 71 5.91 5.83 3.49
CA SER A 71 7.19 5.18 3.30
C SER A 71 8.30 6.19 2.99
N LEU A 72 7.95 7.33 2.39
CA LEU A 72 8.94 8.36 2.07
C LEU A 72 9.45 9.02 3.35
N LEU A 73 8.59 9.06 4.35
CA LEU A 73 8.93 9.65 5.64
C LEU A 73 10.10 8.90 6.26
N GLY A 74 10.02 7.58 6.23
CA GLY A 74 11.08 6.75 6.78
C GLY A 74 12.38 6.91 6.01
N LEU A 75 12.26 7.05 4.70
CA LEU A 75 13.43 7.21 3.84
C LEU A 75 14.17 8.50 4.18
N LYS A 76 13.42 9.60 4.27
CA LYS A 76 14.01 10.89 4.57
C LYS A 76 14.69 10.88 5.93
N ASP A 77 14.04 10.30 6.92
CA ASP A 77 14.58 10.22 8.26
C ASP A 77 15.81 9.30 8.32
N GLN A 78 15.78 8.22 7.55
CA GLN A 78 16.87 7.25 7.53
C GLN A 78 18.15 7.85 6.96
N VAL A 79 18.02 8.62 5.88
CA VAL A 79 19.20 9.23 5.26
C VAL A 79 19.75 10.34 6.15
N ASN A 80 18.95 10.75 7.13
CA ASN A 80 19.34 11.79 8.07
C ASN A 80 19.84 11.18 9.37
N THR A 81 19.77 9.86 9.46
CA THR A 81 20.20 9.16 10.65
C THR A 81 21.70 8.91 10.60
N VAL A 82 22.39 9.22 11.69
CA VAL A 82 23.83 9.01 11.76
C VAL A 82 24.14 7.69 12.45
N GLY B 18 -8.89 -12.35 -7.40
CA GLY B 18 -7.94 -11.75 -6.43
C GLY B 18 -8.05 -12.41 -5.07
N MET B 19 -8.87 -11.85 -4.21
CA MET B 19 -9.06 -12.39 -2.87
C MET B 19 -10.54 -12.47 -2.51
N SER B 20 -11.40 -12.44 -3.52
CA SER B 20 -12.85 -12.54 -3.30
C SER B 20 -13.18 -13.83 -2.55
N ALA B 21 -12.79 -14.96 -3.14
CA ALA B 21 -13.01 -16.27 -2.52
C ALA B 21 -12.39 -16.32 -1.13
N TRP B 22 -11.28 -15.61 -0.96
CA TRP B 22 -10.56 -15.55 0.31
C TRP B 22 -11.38 -14.77 1.33
N LEU B 23 -12.10 -13.76 0.86
CA LEU B 23 -12.91 -12.92 1.73
C LEU B 23 -14.29 -13.53 1.97
N ARG B 24 -14.68 -14.50 1.13
CA ARG B 24 -15.97 -15.18 1.30
C ARG B 24 -15.97 -15.97 2.60
N ALA B 25 -14.79 -16.12 3.18
CA ALA B 25 -14.61 -16.84 4.44
C ALA B 25 -15.43 -16.17 5.54
N ILE B 26 -15.61 -14.85 5.41
CA ILE B 26 -16.37 -14.06 6.35
C ILE B 26 -17.43 -13.23 5.63
N GLY B 27 -17.74 -13.67 4.39
CA GLY B 27 -18.71 -12.98 3.57
C GLY B 27 -18.42 -11.49 3.41
N LEU B 28 -17.16 -11.14 3.20
CA LEU B 28 -16.79 -9.73 3.05
C LEU B 28 -16.20 -9.46 1.67
N GLU B 29 -16.43 -10.37 0.73
CA GLU B 29 -15.94 -10.23 -0.64
C GLU B 29 -16.37 -8.89 -1.28
N ARG B 30 -17.40 -8.26 -0.74
CA ARG B 30 -17.89 -6.98 -1.25
C ARG B 30 -16.92 -5.85 -0.90
N TYR B 31 -15.96 -6.13 -0.04
CA TYR B 31 -14.99 -5.14 0.38
C TYR B 31 -13.74 -5.15 -0.51
N GLU B 32 -13.45 -6.32 -1.11
CA GLU B 32 -12.29 -6.48 -1.99
C GLU B 32 -12.10 -5.29 -2.93
N GLU B 33 -13.08 -5.08 -3.81
CA GLU B 33 -13.09 -3.98 -4.77
C GLU B 33 -12.59 -2.65 -4.15
N GLY B 34 -13.01 -2.36 -2.92
CA GLY B 34 -12.59 -1.15 -2.26
C GLY B 34 -11.12 -1.17 -1.86
N LEU B 35 -10.64 -2.36 -1.49
CA LEU B 35 -9.25 -2.54 -1.06
C LEU B 35 -8.30 -2.65 -2.26
N VAL B 36 -8.69 -2.09 -3.39
CA VAL B 36 -7.87 -2.15 -4.60
C VAL B 36 -7.21 -0.80 -4.86
N HIS B 37 -7.78 0.26 -4.29
CA HIS B 37 -7.25 1.60 -4.49
C HIS B 37 -6.14 1.92 -3.49
N ASN B 38 -5.80 0.97 -2.63
CA ASN B 38 -4.77 1.20 -1.63
C ASN B 38 -3.59 0.24 -1.79
N GLY B 39 -3.66 -0.62 -2.79
CA GLY B 39 -2.58 -1.57 -3.02
C GLY B 39 -2.71 -2.84 -2.21
N TRP B 40 -3.93 -3.20 -1.88
CA TRP B 40 -4.18 -4.42 -1.11
C TRP B 40 -4.63 -5.52 -2.05
N ASP B 41 -4.26 -5.35 -3.32
CA ASP B 41 -4.57 -6.31 -4.37
C ASP B 41 -3.56 -7.44 -4.35
N ASP B 42 -3.00 -7.68 -3.18
CA ASP B 42 -2.00 -8.70 -2.99
C ASP B 42 -2.12 -9.29 -1.59
N LEU B 43 -2.32 -10.60 -1.51
CA LEU B 43 -2.48 -11.28 -0.25
C LEU B 43 -1.20 -11.25 0.58
N GLU B 44 -0.04 -11.29 -0.08
CA GLU B 44 1.24 -11.26 0.63
C GLU B 44 1.39 -9.97 1.42
N PHE B 45 1.08 -8.85 0.78
CA PHE B 45 1.18 -7.55 1.43
C PHE B 45 0.05 -7.36 2.44
N LEU B 46 -1.16 -7.81 2.06
CA LEU B 46 -2.34 -7.70 2.92
C LEU B 46 -2.14 -8.46 4.23
N SER B 47 -1.21 -9.41 4.22
CA SER B 47 -0.92 -10.22 5.39
C SER B 47 -0.40 -9.38 6.55
N ASP B 48 0.16 -8.22 6.25
CA ASP B 48 0.71 -7.35 7.28
C ASP B 48 -0.09 -6.07 7.43
N ILE B 49 -1.37 -6.13 7.03
CA ILE B 49 -2.25 -4.98 7.12
C ILE B 49 -2.58 -4.64 8.58
N THR B 50 -2.59 -3.36 8.91
CA THR B 50 -2.90 -2.92 10.25
C THR B 50 -4.35 -2.46 10.34
N GLU B 51 -4.80 -2.09 11.53
CA GLU B 51 -6.16 -1.62 11.72
C GLU B 51 -6.31 -0.23 11.09
N GLU B 52 -5.19 0.47 10.94
CA GLU B 52 -5.18 1.79 10.35
C GLU B 52 -5.47 1.69 8.86
N ASP B 53 -4.71 0.84 8.18
CA ASP B 53 -4.87 0.63 6.74
C ASP B 53 -6.31 0.29 6.35
N LEU B 54 -6.93 -0.65 7.09
CA LEU B 54 -8.31 -1.06 6.81
C LEU B 54 -9.27 0.11 6.61
N GLU B 55 -9.43 0.93 7.64
CA GLU B 55 -10.31 2.12 7.60
C GLU B 55 -10.33 2.83 6.23
N GLU B 56 -9.18 2.87 5.56
CA GLU B 56 -9.07 3.52 4.24
C GLU B 56 -10.11 3.02 3.24
N ALA B 57 -10.34 1.71 3.23
CA ALA B 57 -11.29 1.10 2.29
C ALA B 57 -12.72 1.12 2.82
N GLY B 58 -12.94 1.86 3.90
CA GLY B 58 -14.26 1.95 4.48
C GLY B 58 -14.46 0.97 5.60
N VAL B 59 -13.40 0.24 5.94
CA VAL B 59 -13.45 -0.73 7.01
C VAL B 59 -13.25 -0.04 8.36
N GLN B 60 -14.21 0.79 8.73
CA GLN B 60 -14.14 1.51 9.99
C GLN B 60 -15.01 0.83 11.04
N ASP B 61 -15.69 -0.23 10.61
CA ASP B 61 -16.55 -0.99 11.50
C ASP B 61 -15.72 -1.90 12.40
N PRO B 62 -16.00 -1.89 13.71
CA PRO B 62 -15.28 -2.70 14.70
C PRO B 62 -15.30 -4.19 14.37
N ALA B 63 -16.49 -4.72 14.10
CA ALA B 63 -16.65 -6.14 13.78
C ALA B 63 -15.88 -6.52 12.52
N HIS B 64 -16.03 -5.72 11.47
CA HIS B 64 -15.36 -5.97 10.20
C HIS B 64 -13.85 -6.04 10.40
N LYS B 65 -13.31 -5.08 11.14
CA LYS B 65 -11.87 -5.04 11.41
C LYS B 65 -11.44 -6.27 12.19
N ARG B 66 -12.15 -6.53 13.29
CA ARG B 66 -11.86 -7.67 14.14
C ARG B 66 -11.88 -8.98 13.37
N LEU B 67 -12.94 -9.19 12.58
CA LEU B 67 -13.07 -10.41 11.79
C LEU B 67 -11.98 -10.53 10.74
N LEU B 68 -11.68 -9.44 10.04
CA LEU B 68 -10.65 -9.46 9.01
C LEU B 68 -9.30 -9.88 9.60
N LEU B 69 -8.96 -9.28 10.75
CA LEU B 69 -7.70 -9.60 11.43
C LEU B 69 -7.63 -11.09 11.78
N ASP B 70 -8.78 -11.68 12.09
CA ASP B 70 -8.84 -13.10 12.43
C ASP B 70 -8.77 -13.95 11.17
N THR B 71 -9.39 -13.45 10.11
CA THR B 71 -9.41 -14.13 8.82
C THR B 71 -7.99 -14.28 8.27
N LEU B 72 -7.14 -13.30 8.56
CA LEU B 72 -5.75 -13.33 8.11
C LEU B 72 -5.05 -14.57 8.64
N GLN B 73 -5.41 -14.97 9.85
CA GLN B 73 -4.82 -16.15 10.47
C GLN B 73 -5.47 -17.41 9.93
N LEU B 74 -6.79 -17.47 10.05
CA LEU B 74 -7.58 -18.62 9.59
C LEU B 74 -7.29 -18.99 8.13
N SER B 75 -7.45 -18.05 7.22
CA SER B 75 -7.22 -18.32 5.81
C SER B 75 -5.73 -18.36 5.47
N LYS B 76 -4.95 -17.54 6.18
CA LYS B 76 -3.49 -17.47 5.99
C LYS B 76 -3.14 -16.73 4.69
N THR A 18 17.64 -0.94 -4.43
CA THR A 18 17.22 -0.35 -5.71
C THR A 18 15.74 -0.01 -5.68
N VAL A 19 15.29 0.75 -6.68
CA VAL A 19 13.90 1.16 -6.78
C VAL A 19 12.98 -0.05 -6.87
N SER A 20 13.40 -1.04 -7.65
CA SER A 20 12.63 -2.25 -7.84
C SER A 20 12.35 -2.96 -6.50
N GLU A 21 13.42 -3.17 -5.73
CA GLU A 21 13.30 -3.83 -4.42
C GLU A 21 12.36 -3.06 -3.50
N TRP A 22 12.43 -1.74 -3.57
CA TRP A 22 11.64 -0.86 -2.73
C TRP A 22 10.16 -0.86 -3.15
N LEU A 23 9.91 -0.70 -4.43
CA LEU A 23 8.54 -0.64 -4.94
C LEU A 23 7.83 -2.00 -4.90
N GLU A 24 8.58 -3.09 -4.95
CA GLU A 24 7.96 -4.42 -4.92
C GLU A 24 7.48 -4.79 -3.52
N SER A 25 8.22 -4.37 -2.49
CA SER A 25 7.85 -4.67 -1.12
C SER A 25 6.48 -4.11 -0.77
N ILE A 26 6.11 -2.99 -1.37
CA ILE A 26 4.82 -2.37 -1.10
C ILE A 26 3.80 -2.77 -2.16
N LYS A 27 4.26 -3.55 -3.15
CA LYS A 27 3.39 -4.03 -4.23
C LYS A 27 2.94 -2.90 -5.14
N MET A 28 3.80 -1.91 -5.32
CA MET A 28 3.50 -0.76 -6.17
C MET A 28 4.47 -0.73 -7.33
N GLN A 29 5.02 -1.91 -7.64
CA GLN A 29 6.00 -2.07 -8.70
C GLN A 29 5.48 -1.65 -10.07
N GLN A 30 4.16 -1.59 -10.26
CA GLN A 30 3.59 -1.20 -11.53
C GLN A 30 3.65 0.33 -11.74
N TYR A 31 4.23 1.04 -10.78
CA TYR A 31 4.34 2.50 -10.89
C TYR A 31 5.75 2.93 -11.21
N THR A 32 6.66 1.96 -11.28
CA THR A 32 8.07 2.24 -11.59
C THR A 32 8.19 2.95 -12.94
N GLU A 33 7.25 2.67 -13.83
CA GLU A 33 7.21 3.28 -15.17
C GLU A 33 7.15 4.79 -15.05
N HIS A 34 6.25 5.27 -14.20
CA HIS A 34 6.07 6.70 -14.00
C HIS A 34 7.16 7.27 -13.11
N PHE A 35 7.58 6.48 -12.12
CA PHE A 35 8.63 6.90 -11.19
C PHE A 35 9.88 7.33 -11.94
N MET A 36 10.31 6.49 -12.88
CA MET A 36 11.51 6.77 -13.67
C MET A 36 11.25 7.86 -14.70
N ALA A 37 10.03 7.95 -15.20
CA ALA A 37 9.70 8.94 -16.22
C ALA A 37 9.68 10.34 -15.61
N ALA A 38 9.37 10.41 -14.32
CA ALA A 38 9.31 11.67 -13.61
C ALA A 38 10.71 12.19 -13.26
N GLY A 39 11.73 11.37 -13.55
CA GLY A 39 13.09 11.76 -13.28
C GLY A 39 13.65 11.13 -12.03
N TYR A 40 12.85 10.35 -11.33
CA TYR A 40 13.31 9.70 -10.11
C TYR A 40 13.83 8.31 -10.41
N THR A 41 15.02 8.26 -11.00
CA THR A 41 15.66 7.01 -11.34
C THR A 41 16.43 6.44 -10.15
N ALA A 42 17.54 7.07 -9.80
CA ALA A 42 18.35 6.62 -8.68
C ALA A 42 17.64 6.86 -7.35
N ILE A 43 17.98 6.04 -6.36
CA ILE A 43 17.38 6.12 -5.03
C ILE A 43 17.56 7.50 -4.40
N GLU A 44 18.71 8.13 -4.67
CA GLU A 44 19.01 9.45 -4.10
C GLU A 44 17.98 10.48 -4.55
N LYS A 45 17.39 10.27 -5.72
CA LYS A 45 16.39 11.18 -6.24
C LYS A 45 15.02 10.83 -5.68
N VAL A 46 14.78 9.53 -5.54
CA VAL A 46 13.52 9.03 -5.01
C VAL A 46 13.29 9.51 -3.57
N VAL A 47 14.36 9.50 -2.77
CA VAL A 47 14.25 9.92 -1.39
C VAL A 47 14.09 11.44 -1.25
N GLN A 48 14.32 12.17 -2.33
CA GLN A 48 14.20 13.62 -2.30
C GLN A 48 12.77 14.08 -2.54
N MET A 49 11.94 13.21 -3.11
CA MET A 49 10.55 13.55 -3.37
C MET A 49 9.76 13.74 -2.08
N THR A 50 8.46 13.99 -2.21
CA THR A 50 7.60 14.21 -1.07
C THR A 50 6.23 13.61 -1.34
N ASN A 51 5.29 13.82 -0.42
CA ASN A 51 3.93 13.29 -0.55
C ASN A 51 3.29 13.79 -1.85
N ASP A 52 3.44 15.08 -2.11
CA ASP A 52 2.89 15.72 -3.31
C ASP A 52 3.39 15.01 -4.57
N ASP A 53 4.69 14.70 -4.60
CA ASP A 53 5.30 14.04 -5.74
C ASP A 53 4.62 12.72 -6.05
N ILE A 54 4.25 11.99 -5.02
CA ILE A 54 3.58 10.69 -5.15
C ILE A 54 2.32 10.82 -5.98
N LYS A 55 1.65 11.95 -5.87
CA LYS A 55 0.42 12.18 -6.60
C LYS A 55 0.73 12.75 -7.99
N ARG A 56 1.73 13.61 -8.04
CA ARG A 56 2.14 14.23 -9.29
C ARG A 56 2.64 13.19 -10.30
N ILE A 57 3.29 12.15 -9.78
CA ILE A 57 3.81 11.07 -10.63
C ILE A 57 2.71 10.14 -11.12
N GLY A 58 1.46 10.43 -10.77
CA GLY A 58 0.36 9.60 -11.21
C GLY A 58 -0.58 9.21 -10.09
N VAL A 59 -0.13 8.26 -9.26
CA VAL A 59 -0.89 7.73 -8.12
C VAL A 59 -1.89 8.71 -7.51
N ARG A 60 -3.15 8.59 -7.89
CA ARG A 60 -4.20 9.45 -7.37
C ARG A 60 -5.01 8.72 -6.30
N LEU A 61 -4.67 7.46 -6.07
CA LEU A 61 -5.36 6.63 -5.08
C LEU A 61 -4.68 6.78 -3.71
N PRO A 62 -5.48 7.11 -2.67
CA PRO A 62 -4.97 7.33 -1.30
C PRO A 62 -4.23 6.14 -0.70
N GLY A 63 -4.84 4.96 -0.77
CA GLY A 63 -4.21 3.77 -0.22
C GLY A 63 -2.91 3.43 -0.93
N HIS A 64 -2.91 3.62 -2.24
CA HIS A 64 -1.73 3.37 -3.07
C HIS A 64 -0.64 4.36 -2.68
N GLN A 65 -1.08 5.53 -2.21
CA GLN A 65 -0.16 6.57 -1.78
C GLN A 65 0.44 6.17 -0.44
N LYS A 66 -0.44 5.98 0.54
CA LYS A 66 -0.07 5.55 1.90
C LYS A 66 1.12 4.59 1.91
N ARG A 67 1.04 3.54 1.11
CA ARG A 67 2.12 2.56 1.01
C ARG A 67 3.44 3.22 0.67
N ILE A 68 3.44 3.95 -0.45
CA ILE A 68 4.63 4.64 -0.92
C ILE A 68 5.12 5.66 0.13
N ALA A 69 4.18 6.41 0.70
CA ALA A 69 4.50 7.42 1.71
C ALA A 69 5.17 6.80 2.93
N TYR A 70 4.57 5.73 3.44
CA TYR A 70 5.11 5.02 4.61
C TYR A 70 6.54 4.56 4.33
N SER A 71 6.72 3.90 3.20
CA SER A 71 8.02 3.40 2.80
C SER A 71 9.02 4.54 2.54
N LEU A 72 8.53 5.70 2.11
CA LEU A 72 9.39 6.85 1.85
C LEU A 72 10.02 7.35 3.14
N LEU A 73 9.24 7.32 4.22
CA LEU A 73 9.70 7.77 5.53
C LEU A 73 10.90 6.96 5.97
N GLY A 74 10.88 5.67 5.66
CA GLY A 74 11.97 4.79 6.00
C GLY A 74 13.23 5.10 5.21
N LEU A 75 13.05 5.35 3.92
CA LEU A 75 14.17 5.68 3.04
C LEU A 75 14.86 6.97 3.48
N LYS A 76 14.05 7.97 3.82
CA LYS A 76 14.58 9.26 4.26
C LYS A 76 15.37 9.08 5.55
N ASP A 77 14.84 8.28 6.46
CA ASP A 77 15.51 8.01 7.74
C ASP A 77 16.78 7.19 7.53
N GLN A 78 16.70 6.23 6.60
CA GLN A 78 17.84 5.37 6.30
C GLN A 78 19.01 6.16 5.72
N VAL A 79 18.73 7.10 4.82
CA VAL A 79 19.78 7.90 4.20
C VAL A 79 20.36 8.90 5.19
N ASN A 80 19.69 9.07 6.33
CA ASN A 80 20.14 9.99 7.37
C ASN A 80 20.96 9.24 8.41
N THR A 81 21.02 7.92 8.28
CA THR A 81 21.78 7.10 9.21
C THR A 81 23.25 7.05 8.81
N VAL A 82 24.13 7.33 9.76
CA VAL A 82 25.56 7.32 9.51
C VAL A 82 26.10 5.89 9.56
N GLY B 18 -4.65 -10.87 -6.88
CA GLY B 18 -5.95 -10.75 -6.19
C GLY B 18 -5.94 -11.51 -4.87
N MET B 19 -6.98 -11.30 -4.06
CA MET B 19 -7.07 -11.97 -2.77
C MET B 19 -8.50 -12.43 -2.52
N SER B 20 -9.30 -12.51 -3.59
CA SER B 20 -10.68 -12.96 -3.49
C SER B 20 -10.73 -14.36 -2.90
N ALA B 21 -9.97 -15.27 -3.52
CA ALA B 21 -9.88 -16.65 -3.06
C ALA B 21 -9.54 -16.69 -1.57
N TRP B 22 -8.77 -15.70 -1.11
CA TRP B 22 -8.39 -15.61 0.28
C TRP B 22 -9.57 -15.12 1.12
N LEU B 23 -10.21 -14.05 0.66
CA LEU B 23 -11.37 -13.49 1.35
C LEU B 23 -12.49 -14.53 1.44
N ARG B 24 -12.60 -15.34 0.39
CA ARG B 24 -13.59 -16.43 0.32
C ARG B 24 -13.55 -17.37 1.54
N ALA B 25 -12.58 -17.18 2.42
CA ALA B 25 -12.48 -18.01 3.63
C ALA B 25 -13.49 -17.55 4.66
N ILE B 26 -13.92 -16.30 4.54
CA ILE B 26 -14.90 -15.72 5.45
C ILE B 26 -16.00 -14.99 4.67
N GLY B 27 -16.18 -15.39 3.41
CA GLY B 27 -17.17 -14.78 2.55
C GLY B 27 -17.11 -13.26 2.53
N LEU B 28 -15.92 -12.70 2.34
CA LEU B 28 -15.75 -11.25 2.32
C LEU B 28 -15.14 -10.78 1.00
N GLU B 29 -15.20 -11.63 -0.02
CA GLU B 29 -14.66 -11.31 -1.34
C GLU B 29 -15.29 -10.04 -1.93
N ARG B 30 -16.46 -9.67 -1.43
CA ARG B 30 -17.18 -8.50 -1.91
C ARG B 30 -16.43 -7.22 -1.57
N TYR B 31 -15.44 -7.32 -0.70
CA TYR B 31 -14.67 -6.14 -0.30
C TYR B 31 -13.39 -5.97 -1.11
N GLU B 32 -12.94 -7.03 -1.79
CA GLU B 32 -11.71 -6.98 -2.60
C GLU B 32 -11.69 -5.76 -3.52
N GLU B 33 -12.69 -5.69 -4.40
CA GLU B 33 -12.84 -4.59 -5.35
C GLU B 33 -12.63 -3.22 -4.70
N GLY B 34 -13.19 -3.04 -3.49
CA GLY B 34 -13.04 -1.77 -2.79
C GLY B 34 -11.62 -1.57 -2.27
N LEU B 35 -11.06 -2.63 -1.70
CA LEU B 35 -9.71 -2.58 -1.14
C LEU B 35 -8.67 -2.24 -2.22
N VAL B 36 -8.71 -3.00 -3.31
CA VAL B 36 -7.80 -2.79 -4.43
C VAL B 36 -7.80 -1.33 -4.93
N HIS B 37 -8.97 -0.70 -4.92
CA HIS B 37 -9.08 0.68 -5.37
C HIS B 37 -8.20 1.61 -4.54
N ASN B 38 -8.40 1.57 -3.22
CA ASN B 38 -7.64 2.39 -2.30
C ASN B 38 -6.15 2.14 -2.50
N GLY B 39 -5.72 0.95 -2.14
CA GLY B 39 -4.32 0.60 -2.29
C GLY B 39 -3.95 -0.61 -1.48
N TRP B 40 -4.87 -1.57 -1.42
CA TRP B 40 -4.64 -2.81 -0.69
C TRP B 40 -4.79 -3.98 -1.64
N ASP B 41 -3.97 -3.98 -2.68
CA ASP B 41 -4.01 -5.03 -3.70
C ASP B 41 -3.00 -6.12 -3.39
N ASP B 42 -2.71 -6.30 -2.12
CA ASP B 42 -1.74 -7.30 -1.68
C ASP B 42 -2.15 -7.90 -0.34
N LEU B 43 -1.26 -8.73 0.21
CA LEU B 43 -1.49 -9.36 1.49
C LEU B 43 -0.27 -9.20 2.38
N GLU B 44 0.88 -8.96 1.74
CA GLU B 44 2.15 -8.78 2.42
C GLU B 44 2.12 -7.59 3.36
N PHE B 45 1.83 -6.42 2.80
CA PHE B 45 1.78 -5.20 3.59
C PHE B 45 0.37 -5.01 4.14
N LEU B 46 -0.51 -5.95 3.83
CA LEU B 46 -1.89 -5.90 4.31
C LEU B 46 -1.93 -6.32 5.77
N SER B 47 -0.84 -6.93 6.23
CA SER B 47 -0.74 -7.37 7.61
C SER B 47 -0.59 -6.16 8.53
N ASP B 48 0.03 -5.11 8.01
CA ASP B 48 0.22 -3.88 8.77
C ASP B 48 -0.86 -2.89 8.39
N ILE B 49 -2.05 -3.12 8.90
CA ILE B 49 -3.18 -2.26 8.61
C ILE B 49 -3.94 -1.93 9.90
N THR B 50 -4.53 -0.74 9.95
CA THR B 50 -5.28 -0.32 11.11
C THR B 50 -6.77 -0.27 10.81
N GLU B 51 -7.58 -0.04 11.83
CA GLU B 51 -9.02 0.05 11.66
C GLU B 51 -9.36 1.26 10.79
N GLU B 52 -8.54 2.30 10.90
CA GLU B 52 -8.75 3.52 10.13
C GLU B 52 -8.59 3.22 8.64
N ASP B 53 -7.54 2.50 8.31
CA ASP B 53 -7.25 2.12 6.94
C ASP B 53 -8.43 1.37 6.33
N LEU B 54 -8.94 0.37 7.02
CA LEU B 54 -10.10 -0.39 6.54
C LEU B 54 -11.27 0.53 6.22
N GLU B 55 -11.71 1.29 7.23
CA GLU B 55 -12.81 2.23 7.05
C GLU B 55 -12.64 3.09 5.78
N GLU B 56 -11.40 3.46 5.46
CA GLU B 56 -11.12 4.25 4.26
C GLU B 56 -11.56 3.53 2.99
N ALA B 57 -11.58 2.21 3.03
CA ALA B 57 -11.99 1.41 1.88
C ALA B 57 -13.48 1.11 1.91
N GLY B 58 -14.16 1.63 2.92
CA GLY B 58 -15.59 1.40 3.03
C GLY B 58 -15.95 0.39 4.09
N VAL B 59 -14.98 0.03 4.93
CA VAL B 59 -15.22 -0.93 5.99
C VAL B 59 -15.60 -0.21 7.28
N GLN B 60 -16.77 0.43 7.27
CA GLN B 60 -17.25 1.15 8.43
C GLN B 60 -18.03 0.23 9.35
N ASP B 61 -18.29 -0.98 8.87
CA ASP B 61 -19.04 -1.97 9.65
C ASP B 61 -18.16 -2.56 10.75
N PRO B 62 -18.68 -2.63 11.99
CA PRO B 62 -17.94 -3.15 13.14
C PRO B 62 -17.60 -4.64 13.00
N ALA B 63 -18.57 -5.42 12.56
CA ALA B 63 -18.40 -6.86 12.39
C ALA B 63 -17.35 -7.15 11.33
N HIS B 64 -17.42 -6.43 10.22
CA HIS B 64 -16.47 -6.61 9.13
C HIS B 64 -15.05 -6.31 9.57
N LYS B 65 -14.87 -5.26 10.35
CA LYS B 65 -13.55 -4.90 10.85
C LYS B 65 -13.02 -5.99 11.78
N ARG B 66 -13.81 -6.32 12.79
CA ARG B 66 -13.46 -7.34 13.76
C ARG B 66 -13.11 -8.66 13.05
N LEU B 67 -13.96 -9.06 12.11
CA LEU B 67 -13.74 -10.30 11.35
C LEU B 67 -12.45 -10.21 10.54
N LEU B 68 -12.23 -9.08 9.87
CA LEU B 68 -11.04 -8.89 9.06
C LEU B 68 -9.78 -9.07 9.90
N LEU B 69 -9.74 -8.38 11.04
CA LEU B 69 -8.61 -8.47 11.96
C LEU B 69 -8.34 -9.93 12.37
N ASP B 70 -9.40 -10.67 12.67
CA ASP B 70 -9.27 -12.06 13.05
C ASP B 70 -8.78 -12.90 11.87
N THR B 71 -9.30 -12.60 10.69
CA THR B 71 -8.92 -13.30 9.48
C THR B 71 -7.43 -13.12 9.20
N LEU B 72 -6.93 -11.92 9.46
CA LEU B 72 -5.52 -11.62 9.27
C LEU B 72 -4.68 -12.55 10.14
N GLN B 73 -5.11 -12.71 11.38
CA GLN B 73 -4.42 -13.58 12.32
C GLN B 73 -4.49 -15.03 11.84
N LEU B 74 -5.68 -15.45 11.44
CA LEU B 74 -5.91 -16.81 10.94
C LEU B 74 -5.00 -17.13 9.75
N SER B 75 -4.83 -16.15 8.87
CA SER B 75 -4.00 -16.33 7.68
C SER B 75 -2.52 -16.26 8.04
N LYS B 76 -2.17 -15.29 8.88
CA LYS B 76 -0.80 -15.09 9.33
C LYS B 76 0.12 -14.71 8.16
N THR A 18 17.63 -1.54 -3.47
CA THR A 18 17.51 -0.53 -4.55
C THR A 18 16.06 -0.05 -4.67
N VAL A 19 15.78 0.67 -5.75
CA VAL A 19 14.45 1.21 -6.00
C VAL A 19 13.41 0.10 -6.14
N SER A 20 13.83 -1.04 -6.69
CA SER A 20 12.94 -2.17 -6.90
C SER A 20 12.38 -2.72 -5.58
N GLU A 21 13.25 -2.99 -4.62
CA GLU A 21 12.83 -3.54 -3.34
C GLU A 21 11.94 -2.54 -2.58
N TRP A 22 12.21 -1.26 -2.76
CA TRP A 22 11.43 -0.22 -2.11
C TRP A 22 9.99 -0.27 -2.62
N LEU A 23 9.86 -0.34 -3.93
CA LEU A 23 8.54 -0.39 -4.57
C LEU A 23 7.90 -1.77 -4.35
N GLU A 24 8.67 -2.70 -3.82
CA GLU A 24 8.19 -4.04 -3.55
C GLU A 24 7.48 -4.09 -2.20
N SER A 25 8.05 -3.41 -1.21
CA SER A 25 7.47 -3.38 0.13
C SER A 25 6.32 -2.36 0.18
N ILE A 26 5.38 -2.51 -0.77
CA ILE A 26 4.19 -1.66 -0.90
C ILE A 26 3.34 -2.18 -2.06
N LYS A 27 3.97 -3.04 -2.89
CA LYS A 27 3.33 -3.65 -4.04
C LYS A 27 2.98 -2.61 -5.09
N MET A 28 3.92 -1.68 -5.28
CA MET A 28 3.76 -0.62 -6.26
C MET A 28 4.81 -0.81 -7.34
N GLN A 29 5.23 -2.07 -7.46
CA GLN A 29 6.27 -2.48 -8.41
C GLN A 29 5.96 -2.08 -9.86
N GLN A 30 4.70 -1.93 -10.24
CA GLN A 30 4.37 -1.56 -11.62
C GLN A 30 4.53 -0.06 -11.85
N TYR A 31 4.75 0.70 -10.77
CA TYR A 31 4.92 2.14 -10.87
C TYR A 31 6.39 2.49 -11.15
N THR A 32 7.24 1.46 -11.18
CA THR A 32 8.65 1.65 -11.47
C THR A 32 8.82 2.21 -12.87
N GLU A 33 8.00 1.71 -13.79
CA GLU A 33 8.02 2.13 -15.18
C GLU A 33 7.20 3.40 -15.34
N HIS A 34 7.49 4.36 -14.47
CA HIS A 34 6.81 5.64 -14.42
C HIS A 34 7.66 6.59 -13.59
N PHE A 35 8.04 6.13 -12.39
CA PHE A 35 8.86 6.92 -11.48
C PHE A 35 10.23 7.15 -12.08
N MET A 36 10.77 6.11 -12.72
CA MET A 36 12.09 6.17 -13.33
C MET A 36 12.07 6.98 -14.62
N ALA A 37 10.87 7.33 -15.09
CA ALA A 37 10.73 8.10 -16.31
C ALA A 37 10.61 9.57 -15.97
N ALA A 38 10.45 9.84 -14.67
CA ALA A 38 10.33 11.20 -14.17
C ALA A 38 11.66 11.72 -13.66
N GLY A 39 12.66 10.85 -13.67
CA GLY A 39 13.99 11.23 -13.22
C GLY A 39 14.38 10.56 -11.92
N TYR A 40 13.46 9.85 -11.30
CA TYR A 40 13.74 9.18 -10.04
C TYR A 40 14.29 7.79 -10.30
N THR A 41 15.58 7.72 -10.61
CA THR A 41 16.23 6.46 -10.90
C THR A 41 17.06 5.97 -9.71
N ALA A 42 16.99 6.67 -8.59
CA ALA A 42 17.75 6.29 -7.42
C ALA A 42 17.07 6.77 -6.14
N ILE A 43 17.41 6.15 -5.02
CA ILE A 43 16.83 6.45 -3.71
C ILE A 43 16.97 7.92 -3.31
N GLU A 44 18.14 8.53 -3.54
CA GLU A 44 18.37 9.91 -3.15
C GLU A 44 17.40 10.86 -3.87
N LYS A 45 17.04 10.51 -5.09
CA LYS A 45 16.11 11.33 -5.86
C LYS A 45 14.67 11.06 -5.43
N VAL A 46 14.43 9.83 -4.99
CA VAL A 46 13.11 9.43 -4.53
C VAL A 46 12.69 10.23 -3.30
N VAL A 47 13.65 10.49 -2.41
CA VAL A 47 13.37 11.25 -1.19
C VAL A 47 13.33 12.75 -1.46
N GLN A 48 13.69 13.13 -2.69
CA GLN A 48 13.69 14.54 -3.08
C GLN A 48 12.28 14.99 -3.45
N MET A 49 11.48 14.05 -3.93
CA MET A 49 10.10 14.35 -4.32
C MET A 49 9.25 14.67 -3.09
N THR A 50 7.96 14.90 -3.28
CA THR A 50 7.08 15.21 -2.19
C THR A 50 5.78 14.42 -2.31
N ASN A 51 4.85 14.65 -1.40
CA ASN A 51 3.58 13.93 -1.37
C ASN A 51 2.81 14.12 -2.69
N ASP A 52 2.63 15.37 -3.09
CA ASP A 52 1.90 15.68 -4.30
C ASP A 52 2.65 15.23 -5.57
N ASP A 53 3.97 15.17 -5.47
CA ASP A 53 4.81 14.74 -6.61
C ASP A 53 4.42 13.34 -7.06
N ILE A 54 4.15 12.48 -6.11
CA ILE A 54 3.73 11.10 -6.38
C ILE A 54 2.47 11.06 -7.20
N LYS A 55 1.60 12.04 -6.98
CA LYS A 55 0.33 12.11 -7.68
C LYS A 55 0.49 12.66 -9.09
N ARG A 56 1.65 13.23 -9.38
CA ARG A 56 1.91 13.80 -10.69
C ARG A 56 2.55 12.76 -11.60
N ILE A 57 3.43 11.97 -11.02
CA ILE A 57 4.13 10.93 -11.77
C ILE A 57 3.27 9.69 -12.02
N GLY A 58 1.96 9.81 -11.84
CA GLY A 58 1.07 8.68 -12.08
C GLY A 58 0.02 8.50 -11.01
N VAL A 59 0.31 7.58 -10.08
CA VAL A 59 -0.57 7.21 -8.95
C VAL A 59 -1.76 8.14 -8.72
N ARG A 60 -2.89 7.80 -9.33
CA ARG A 60 -4.10 8.60 -9.18
C ARG A 60 -4.96 8.09 -8.02
N LEU A 61 -4.70 6.86 -7.59
CA LEU A 61 -5.45 6.26 -6.49
C LEU A 61 -4.89 6.74 -5.16
N PRO A 62 -5.75 7.31 -4.29
CA PRO A 62 -5.33 7.83 -2.98
C PRO A 62 -4.73 6.76 -2.08
N GLY A 63 -5.28 5.56 -2.15
CA GLY A 63 -4.78 4.47 -1.34
C GLY A 63 -3.40 4.03 -1.80
N HIS A 64 -3.19 4.02 -3.11
CA HIS A 64 -1.90 3.64 -3.65
C HIS A 64 -0.86 4.67 -3.25
N GLN A 65 -1.34 5.91 -3.09
CA GLN A 65 -0.48 7.02 -2.71
C GLN A 65 0.02 6.81 -1.28
N LYS A 66 -0.93 6.80 -0.33
CA LYS A 66 -0.65 6.58 1.08
C LYS A 66 0.38 5.47 1.31
N ARG A 67 0.25 4.36 0.60
CA ARG A 67 1.20 3.25 0.72
C ARG A 67 2.61 3.71 0.36
N ILE A 68 2.75 4.30 -0.83
CA ILE A 68 4.03 4.80 -1.29
C ILE A 68 4.60 5.85 -0.34
N ALA A 69 3.75 6.79 0.07
CA ALA A 69 4.14 7.86 0.97
C ALA A 69 4.62 7.30 2.31
N TYR A 70 3.95 6.26 2.78
CA TYR A 70 4.31 5.61 4.04
C TYR A 70 5.75 5.14 4.01
N SER A 71 6.10 4.45 2.94
CA SER A 71 7.44 3.92 2.77
C SER A 71 8.44 5.02 2.35
N LEU A 72 7.93 6.22 2.06
CA LEU A 72 8.78 7.33 1.67
C LEU A 72 9.25 8.11 2.90
N LEU A 73 8.34 8.30 3.85
CA LEU A 73 8.66 9.02 5.08
C LEU A 73 9.77 8.27 5.82
N GLY A 74 9.71 6.95 5.74
CA GLY A 74 10.72 6.13 6.38
C GLY A 74 12.10 6.40 5.83
N LEU A 75 12.22 6.46 4.51
CA LEU A 75 13.51 6.72 3.86
C LEU A 75 14.09 8.05 4.36
N LYS A 76 13.24 9.07 4.45
CA LYS A 76 13.68 10.37 4.92
C LYS A 76 14.18 10.27 6.37
N ASP A 77 13.43 9.54 7.19
CA ASP A 77 13.78 9.35 8.59
C ASP A 77 15.07 8.52 8.74
N GLN A 78 15.19 7.46 7.94
CA GLN A 78 16.36 6.58 7.98
C GLN A 78 17.63 7.33 7.62
N VAL A 79 17.55 8.21 6.63
CA VAL A 79 18.70 8.98 6.21
C VAL A 79 18.96 10.13 7.18
N ASN A 80 17.97 10.42 8.03
CA ASN A 80 18.08 11.48 9.01
C ASN A 80 18.66 10.93 10.30
N THR A 81 18.75 9.61 10.39
CA THR A 81 19.29 8.95 11.57
C THR A 81 20.80 8.83 11.45
N VAL A 82 21.50 9.23 12.51
CA VAL A 82 22.96 9.19 12.53
C VAL A 82 23.48 7.75 12.41
N GLY B 18 -9.11 -10.48 -6.80
CA GLY B 18 -7.75 -10.87 -6.36
C GLY B 18 -7.78 -11.71 -5.09
N MET B 19 -8.54 -11.26 -4.10
CA MET B 19 -8.64 -11.98 -2.84
C MET B 19 -10.10 -12.24 -2.47
N SER B 20 -10.96 -12.36 -3.47
CA SER B 20 -12.37 -12.61 -3.25
C SER B 20 -12.57 -13.92 -2.49
N ALA B 21 -11.98 -15.00 -3.00
CA ALA B 21 -12.06 -16.32 -2.37
C ALA B 21 -11.51 -16.26 -0.96
N TRP B 22 -10.52 -15.41 -0.74
CA TRP B 22 -9.91 -15.23 0.56
C TRP B 22 -10.90 -14.59 1.52
N LEU B 23 -11.42 -13.43 1.11
CA LEU B 23 -12.38 -12.68 1.91
C LEU B 23 -13.67 -13.49 2.13
N ARG B 24 -13.98 -14.38 1.18
CA ARG B 24 -15.16 -15.25 1.26
C ARG B 24 -15.17 -16.05 2.58
N ALA B 25 -13.99 -16.21 3.17
CA ALA B 25 -13.85 -16.95 4.42
C ALA B 25 -14.74 -16.35 5.50
N ILE B 26 -14.88 -15.03 5.46
CA ILE B 26 -15.72 -14.32 6.42
C ILE B 26 -16.83 -13.56 5.69
N GLY B 27 -17.11 -14.00 4.47
CA GLY B 27 -18.12 -13.36 3.63
C GLY B 27 -18.00 -11.86 3.53
N LEU B 28 -16.77 -11.35 3.45
CA LEU B 28 -16.53 -9.91 3.36
C LEU B 28 -15.90 -9.56 2.02
N GLU B 29 -15.99 -10.50 1.07
CA GLU B 29 -15.42 -10.33 -0.27
C GLU B 29 -15.94 -9.07 -0.97
N ARG B 30 -17.14 -8.63 -0.61
CA ARG B 30 -17.74 -7.45 -1.22
C ARG B 30 -17.02 -6.16 -0.80
N TYR B 31 -16.03 -6.30 0.09
CA TYR B 31 -15.26 -5.16 0.55
C TYR B 31 -14.02 -4.97 -0.32
N GLU B 32 -13.64 -6.04 -1.04
CA GLU B 32 -12.47 -6.02 -1.93
C GLU B 32 -12.55 -4.87 -2.94
N GLU B 33 -13.77 -4.47 -3.25
CA GLU B 33 -14.00 -3.38 -4.19
C GLU B 33 -13.30 -2.11 -3.70
N GLY B 34 -13.50 -1.80 -2.43
CA GLY B 34 -12.89 -0.62 -1.83
C GLY B 34 -11.41 -0.81 -1.60
N LEU B 35 -11.01 -2.04 -1.31
CA LEU B 35 -9.61 -2.37 -1.04
C LEU B 35 -8.78 -2.46 -2.31
N VAL B 36 -9.27 -1.86 -3.39
CA VAL B 36 -8.56 -1.87 -4.67
C VAL B 36 -7.85 -0.55 -4.90
N HIS B 37 -8.36 0.50 -4.26
CA HIS B 37 -7.80 1.84 -4.40
C HIS B 37 -6.51 1.98 -3.62
N ASN B 38 -6.28 1.07 -2.69
CA ASN B 38 -5.09 1.11 -1.85
C ASN B 38 -4.01 0.14 -2.32
N GLY B 39 -4.35 -0.69 -3.29
CA GLY B 39 -3.39 -1.65 -3.79
C GLY B 39 -3.35 -2.93 -2.99
N TRP B 40 -4.44 -3.22 -2.28
CA TRP B 40 -4.53 -4.44 -1.49
C TRP B 40 -4.97 -5.62 -2.35
N ASP B 41 -4.40 -5.69 -3.55
CA ASP B 41 -4.73 -6.75 -4.49
C ASP B 41 -3.81 -7.95 -4.25
N ASP B 42 -2.83 -7.74 -3.39
CA ASP B 42 -1.86 -8.77 -3.04
C ASP B 42 -2.07 -9.22 -1.59
N LEU B 43 -1.79 -10.49 -1.33
CA LEU B 43 -1.97 -11.04 0.01
C LEU B 43 -0.70 -10.91 0.85
N GLU B 44 0.45 -10.73 0.20
CA GLU B 44 1.72 -10.60 0.91
C GLU B 44 1.75 -9.36 1.79
N PHE B 45 1.54 -8.20 1.19
CA PHE B 45 1.55 -6.95 1.95
C PHE B 45 0.31 -6.86 2.82
N LEU B 46 -0.75 -7.56 2.41
CA LEU B 46 -2.00 -7.58 3.17
C LEU B 46 -1.77 -8.27 4.52
N SER B 47 -0.71 -9.06 4.60
CA SER B 47 -0.38 -9.77 5.83
C SER B 47 0.16 -8.82 6.90
N ASP B 48 0.29 -7.55 6.55
CA ASP B 48 0.77 -6.54 7.49
C ASP B 48 -0.17 -5.34 7.52
N ILE B 49 -1.42 -5.57 7.11
CA ILE B 49 -2.41 -4.51 7.10
C ILE B 49 -2.82 -4.16 8.53
N THR B 50 -2.82 -2.88 8.84
CA THR B 50 -3.19 -2.42 10.17
C THR B 50 -4.65 -1.99 10.18
N GLU B 51 -5.16 -1.68 11.37
CA GLU B 51 -6.53 -1.23 11.53
C GLU B 51 -6.70 0.12 10.84
N GLU B 52 -5.61 0.87 10.79
CA GLU B 52 -5.60 2.17 10.14
C GLU B 52 -5.76 2.00 8.64
N ASP B 53 -4.96 1.10 8.07
CA ASP B 53 -5.03 0.81 6.65
C ASP B 53 -6.46 0.41 6.26
N LEU B 54 -7.07 -0.46 7.06
CA LEU B 54 -8.43 -0.92 6.82
C LEU B 54 -9.42 0.23 6.73
N GLU B 55 -9.55 0.98 7.83
CA GLU B 55 -10.48 2.13 7.87
C GLU B 55 -10.34 3.02 6.63
N GLU B 56 -9.12 3.19 6.13
CA GLU B 56 -8.88 4.00 4.93
C GLU B 56 -9.65 3.47 3.72
N ALA B 57 -9.81 2.16 3.66
CA ALA B 57 -10.51 1.51 2.56
C ALA B 57 -12.02 1.47 2.81
N GLY B 58 -12.45 2.09 3.90
CA GLY B 58 -13.87 2.12 4.22
C GLY B 58 -14.23 1.15 5.33
N VAL B 59 -13.31 0.25 5.64
CA VAL B 59 -13.54 -0.72 6.71
C VAL B 59 -13.29 -0.07 8.07
N GLN B 60 -14.24 0.73 8.51
CA GLN B 60 -14.13 1.44 9.78
C GLN B 60 -14.95 0.74 10.87
N ASP B 61 -15.69 -0.29 10.47
CA ASP B 61 -16.52 -1.03 11.41
C ASP B 61 -15.65 -1.91 12.32
N PRO B 62 -15.88 -1.85 13.64
CA PRO B 62 -15.11 -2.61 14.63
C PRO B 62 -15.08 -4.12 14.37
N ALA B 63 -16.25 -4.71 14.21
CA ALA B 63 -16.36 -6.15 13.99
C ALA B 63 -15.73 -6.56 12.65
N HIS B 64 -16.03 -5.79 11.61
CA HIS B 64 -15.51 -6.08 10.28
C HIS B 64 -13.98 -6.04 10.27
N LYS B 65 -13.41 -5.06 10.96
CA LYS B 65 -11.96 -4.92 11.05
C LYS B 65 -11.37 -6.10 11.82
N ARG B 66 -11.94 -6.35 13.00
CA ARG B 66 -11.49 -7.44 13.86
C ARG B 66 -11.54 -8.78 13.13
N LEU B 67 -12.64 -9.03 12.44
CA LEU B 67 -12.81 -10.27 11.69
C LEU B 67 -11.74 -10.41 10.61
N LEU B 68 -11.47 -9.32 9.89
CA LEU B 68 -10.46 -9.34 8.84
C LEU B 68 -9.10 -9.65 9.45
N LEU B 69 -8.80 -9.01 10.57
CA LEU B 69 -7.54 -9.22 11.29
C LEU B 69 -7.37 -10.69 11.65
N ASP B 70 -8.48 -11.34 12.01
CA ASP B 70 -8.45 -12.74 12.38
C ASP B 70 -8.27 -13.62 11.15
N THR B 71 -8.85 -13.20 10.04
CA THR B 71 -8.75 -13.93 8.79
C THR B 71 -7.30 -14.01 8.33
N LEU B 72 -6.52 -12.97 8.63
CA LEU B 72 -5.10 -12.92 8.27
C LEU B 72 -4.37 -14.15 8.77
N GLN B 73 -4.73 -14.61 9.96
CA GLN B 73 -4.11 -15.79 10.54
C GLN B 73 -4.78 -17.06 10.02
N LEU B 74 -6.09 -17.12 10.19
CA LEU B 74 -6.90 -18.25 9.77
C LEU B 74 -6.68 -18.68 8.31
N SER B 75 -6.62 -17.73 7.40
CA SER B 75 -6.47 -18.05 5.99
C SER B 75 -5.05 -17.83 5.46
N LYS B 76 -4.29 -16.96 6.14
CA LYS B 76 -2.92 -16.64 5.73
C LYS B 76 -2.90 -16.16 4.29
N THR A 18 17.97 -0.56 -2.23
CA THR A 18 17.68 -0.24 -3.65
C THR A 18 16.22 0.18 -3.83
N VAL A 19 16.01 1.11 -4.75
CA VAL A 19 14.66 1.63 -5.05
C VAL A 19 13.66 0.51 -5.32
N SER A 20 14.10 -0.49 -6.07
CA SER A 20 13.27 -1.62 -6.43
C SER A 20 12.72 -2.34 -5.19
N GLU A 21 13.55 -2.47 -4.16
CA GLU A 21 13.14 -3.14 -2.91
C GLU A 21 11.98 -2.40 -2.23
N TRP A 22 12.08 -1.08 -2.17
CA TRP A 22 11.03 -0.28 -1.54
C TRP A 22 9.75 -0.39 -2.36
N LEU A 23 9.88 -0.29 -3.67
CA LEU A 23 8.74 -0.37 -4.56
C LEU A 23 8.08 -1.75 -4.52
N GLU A 24 8.84 -2.78 -4.21
CA GLU A 24 8.28 -4.12 -4.15
C GLU A 24 7.66 -4.39 -2.79
N SER A 25 8.29 -3.91 -1.72
CA SER A 25 7.74 -4.12 -0.38
C SER A 25 6.29 -3.65 -0.33
N ILE A 26 5.99 -2.57 -1.06
CA ILE A 26 4.64 -2.00 -1.09
C ILE A 26 3.80 -2.55 -2.27
N LYS A 27 4.37 -3.50 -3.03
CA LYS A 27 3.67 -4.10 -4.17
C LYS A 27 3.30 -3.05 -5.22
N MET A 28 4.20 -2.12 -5.47
CA MET A 28 3.98 -1.06 -6.45
C MET A 28 5.18 -1.02 -7.38
N GLN A 29 5.76 -2.19 -7.58
CA GLN A 29 6.96 -2.35 -8.38
C GLN A 29 6.73 -2.13 -9.87
N GLN A 30 5.47 -2.07 -10.31
CA GLN A 30 5.18 -1.87 -11.72
C GLN A 30 5.28 -0.39 -12.10
N TYR A 31 5.64 0.45 -11.15
CA TYR A 31 5.77 1.87 -11.41
C TYR A 31 7.23 2.31 -11.47
N THR A 32 8.13 1.34 -11.34
CA THR A 32 9.57 1.59 -11.36
C THR A 32 9.98 2.24 -12.70
N GLU A 33 9.27 1.87 -13.75
CA GLU A 33 9.53 2.39 -15.09
C GLU A 33 9.40 3.90 -15.12
N HIS A 34 8.34 4.41 -14.51
CA HIS A 34 8.09 5.85 -14.48
C HIS A 34 9.05 6.54 -13.55
N PHE A 35 9.34 5.91 -12.43
CA PHE A 35 10.25 6.47 -11.44
C PHE A 35 11.62 6.73 -12.05
N MET A 36 12.13 5.73 -12.76
CA MET A 36 13.44 5.80 -13.37
C MET A 36 13.48 6.82 -14.51
N ALA A 37 12.36 6.99 -15.20
CA ALA A 37 12.29 7.92 -16.31
C ALA A 37 12.10 9.35 -15.82
N ALA A 38 11.62 9.51 -14.59
CA ALA A 38 11.40 10.83 -14.02
C ALA A 38 12.68 11.40 -13.41
N GLY A 39 13.76 10.63 -13.52
CA GLY A 39 15.04 11.07 -12.99
C GLY A 39 15.32 10.52 -11.62
N TYR A 40 14.33 9.90 -11.00
CA TYR A 40 14.50 9.33 -9.67
C TYR A 40 15.02 7.90 -9.78
N THR A 41 16.29 7.77 -10.11
CA THR A 41 16.93 6.48 -10.29
C THR A 41 17.64 6.00 -9.02
N ALA A 42 17.52 6.76 -7.95
CA ALA A 42 18.17 6.41 -6.69
C ALA A 42 17.42 7.02 -5.51
N ILE A 43 17.62 6.44 -4.34
CA ILE A 43 16.96 6.87 -3.10
C ILE A 43 17.14 8.38 -2.83
N GLU A 44 18.35 8.89 -3.03
CA GLU A 44 18.63 10.32 -2.77
C GLU A 44 17.70 11.21 -3.56
N LYS A 45 17.41 10.82 -4.79
CA LYS A 45 16.52 11.60 -5.65
C LYS A 45 15.07 11.34 -5.27
N VAL A 46 14.77 10.09 -4.94
CA VAL A 46 13.42 9.70 -4.57
C VAL A 46 12.92 10.47 -3.34
N VAL A 47 13.79 10.62 -2.35
CA VAL A 47 13.42 11.32 -1.12
C VAL A 47 13.39 12.84 -1.33
N GLN A 48 13.82 13.30 -2.49
CA GLN A 48 13.83 14.73 -2.78
C GLN A 48 12.50 15.18 -3.37
N MET A 49 11.78 14.22 -3.95
CA MET A 49 10.48 14.49 -4.56
C MET A 49 9.44 14.86 -3.51
N THR A 50 8.24 15.18 -3.97
CA THR A 50 7.15 15.56 -3.09
C THR A 50 5.88 14.81 -3.50
N ASN A 51 4.80 15.04 -2.77
CA ASN A 51 3.52 14.38 -3.05
C ASN A 51 3.07 14.60 -4.49
N ASP A 52 3.30 15.81 -4.99
CA ASP A 52 2.93 16.17 -6.35
C ASP A 52 3.62 15.27 -7.37
N ASP A 53 4.88 14.94 -7.12
CA ASP A 53 5.66 14.09 -8.02
C ASP A 53 4.99 12.73 -8.20
N ILE A 54 4.41 12.20 -7.13
CA ILE A 54 3.71 10.92 -7.16
C ILE A 54 2.60 10.93 -8.19
N LYS A 55 2.01 12.10 -8.39
CA LYS A 55 0.90 12.25 -9.32
C LYS A 55 1.40 12.58 -10.73
N ARG A 56 2.63 13.08 -10.78
CA ARG A 56 3.26 13.45 -12.04
C ARG A 56 3.86 12.23 -12.73
N ILE A 57 4.39 11.31 -11.94
CA ILE A 57 5.01 10.09 -12.46
C ILE A 57 3.97 9.11 -13.00
N GLY A 58 2.70 9.43 -12.87
CA GLY A 58 1.67 8.55 -13.38
C GLY A 58 0.55 8.30 -12.38
N VAL A 59 0.80 7.36 -11.45
CA VAL A 59 -0.14 6.96 -10.38
C VAL A 59 -1.23 7.98 -10.08
N ARG A 60 -2.41 7.76 -10.67
CA ARG A 60 -3.54 8.66 -10.46
C ARG A 60 -4.50 8.13 -9.41
N LEU A 61 -4.28 6.90 -8.95
CA LEU A 61 -5.15 6.32 -7.93
C LEU A 61 -4.82 6.94 -6.57
N PRO A 62 -5.79 7.65 -5.95
CA PRO A 62 -5.58 8.31 -4.66
C PRO A 62 -5.16 7.34 -3.57
N GLY A 63 -5.83 6.19 -3.50
CA GLY A 63 -5.48 5.20 -2.50
C GLY A 63 -4.05 4.73 -2.64
N HIS A 64 -3.63 4.49 -3.88
CA HIS A 64 -2.26 4.05 -4.18
C HIS A 64 -1.30 5.17 -3.82
N GLN A 65 -1.82 6.38 -3.80
CA GLN A 65 -1.03 7.56 -3.49
C GLN A 65 -0.82 7.70 -2.00
N LYS A 66 -1.55 6.92 -1.22
CA LYS A 66 -1.45 6.98 0.23
C LYS A 66 -0.41 6.00 0.75
N ARG A 67 -0.49 4.76 0.27
CA ARG A 67 0.46 3.74 0.67
C ARG A 67 1.89 4.14 0.28
N ILE A 68 2.01 4.80 -0.88
CA ILE A 68 3.31 5.26 -1.34
C ILE A 68 3.79 6.44 -0.48
N ALA A 69 2.88 7.37 -0.19
CA ALA A 69 3.21 8.52 0.65
C ALA A 69 3.66 8.09 2.04
N TYR A 70 3.01 7.06 2.57
CA TYR A 70 3.32 6.51 3.89
C TYR A 70 4.82 6.19 3.99
N SER A 71 5.27 5.36 3.08
CA SER A 71 6.66 4.93 3.04
C SER A 71 7.61 6.08 2.71
N LEU A 72 7.20 6.95 1.79
CA LEU A 72 8.01 8.10 1.40
C LEU A 72 8.41 8.94 2.61
N LEU A 73 7.44 9.19 3.51
CA LEU A 73 7.70 9.97 4.72
C LEU A 73 8.78 9.31 5.55
N GLY A 74 8.69 7.98 5.66
CA GLY A 74 9.67 7.23 6.42
C GLY A 74 11.05 7.33 5.81
N LEU A 75 11.13 7.20 4.49
CA LEU A 75 12.41 7.27 3.77
C LEU A 75 13.10 8.61 4.03
N LYS A 76 12.31 9.69 4.03
CA LYS A 76 12.85 11.01 4.27
C LYS A 76 13.37 11.13 5.69
N ASP A 77 12.60 10.57 6.62
CA ASP A 77 13.00 10.59 8.03
C ASP A 77 14.25 9.74 8.26
N GLN A 78 14.36 8.62 7.53
CA GLN A 78 15.48 7.70 7.66
C GLN A 78 16.81 8.37 7.26
N VAL A 79 16.78 9.15 6.19
CA VAL A 79 17.99 9.82 5.72
C VAL A 79 18.35 10.99 6.64
N ASN A 80 17.38 11.41 7.45
CA ASN A 80 17.57 12.49 8.38
C ASN A 80 18.13 11.96 9.70
N THR A 81 18.02 10.64 9.89
CA THR A 81 18.52 10.00 11.10
C THR A 81 20.04 9.91 11.05
N VAL A 82 20.70 10.36 12.10
CA VAL A 82 22.15 10.33 12.18
C VAL A 82 22.65 8.94 12.50
N GLY B 18 -9.60 -10.26 -6.63
CA GLY B 18 -8.30 -10.81 -6.20
C GLY B 18 -8.40 -11.60 -4.92
N MET B 19 -9.19 -11.11 -3.99
CA MET B 19 -9.38 -11.77 -2.71
C MET B 19 -10.87 -11.87 -2.38
N SER B 20 -11.70 -11.76 -3.41
CA SER B 20 -13.14 -11.84 -3.25
C SER B 20 -13.54 -13.19 -2.65
N ALA B 21 -13.13 -14.26 -3.33
CA ALA B 21 -13.41 -15.63 -2.85
C ALA B 21 -12.72 -15.88 -1.51
N TRP B 22 -11.65 -15.15 -1.25
CA TRP B 22 -10.90 -15.26 -0.01
C TRP B 22 -11.66 -14.61 1.14
N LEU B 23 -12.44 -13.58 0.80
CA LEU B 23 -13.20 -12.85 1.79
C LEU B 23 -14.54 -13.54 2.05
N ARG B 24 -14.99 -14.33 1.08
CA ARG B 24 -16.24 -15.11 1.19
C ARG B 24 -16.25 -15.95 2.47
N ALA B 25 -15.06 -16.23 2.99
CA ALA B 25 -14.91 -17.01 4.22
C ALA B 25 -15.67 -16.37 5.37
N ILE B 26 -15.66 -15.04 5.41
CA ILE B 26 -16.35 -14.30 6.47
C ILE B 26 -17.37 -13.32 5.89
N GLY B 27 -17.80 -13.60 4.66
CA GLY B 27 -18.76 -12.73 3.98
C GLY B 27 -18.37 -11.26 4.00
N LEU B 28 -17.11 -10.96 3.73
CA LEU B 28 -16.62 -9.59 3.73
C LEU B 28 -16.13 -9.16 2.35
N GLU B 29 -16.44 -9.97 1.34
CA GLU B 29 -16.03 -9.70 -0.04
C GLU B 29 -16.46 -8.32 -0.52
N ARG B 30 -17.52 -7.78 0.08
CA ARG B 30 -18.03 -6.46 -0.28
C ARG B 30 -17.07 -5.34 0.11
N TYR B 31 -15.99 -5.69 0.82
CA TYR B 31 -15.02 -4.70 1.24
C TYR B 31 -13.79 -4.67 0.34
N GLU B 32 -13.56 -5.74 -0.42
CA GLU B 32 -12.41 -5.83 -1.33
C GLU B 32 -12.26 -4.54 -2.15
N GLU B 33 -13.27 -4.25 -2.95
CA GLU B 33 -13.30 -3.04 -3.79
C GLU B 33 -12.82 -1.79 -3.03
N GLY B 34 -13.30 -1.62 -1.80
CA GLY B 34 -12.91 -0.48 -0.98
C GLY B 34 -11.46 -0.52 -0.57
N LEU B 35 -10.93 -1.72 -0.38
CA LEU B 35 -9.54 -1.89 0.02
C LEU B 35 -8.59 -1.66 -1.16
N VAL B 36 -8.79 -2.44 -2.22
CA VAL B 36 -7.98 -2.38 -3.47
C VAL B 36 -7.41 -1.00 -3.80
N HIS B 37 -8.26 0.02 -3.81
CA HIS B 37 -7.84 1.38 -4.18
C HIS B 37 -6.62 1.88 -3.41
N ASN B 38 -6.47 1.48 -2.15
CA ASN B 38 -5.35 1.97 -1.35
C ASN B 38 -4.16 1.03 -1.37
N GLY B 39 -4.11 0.11 -2.32
CA GLY B 39 -2.99 -0.81 -2.40
C GLY B 39 -3.23 -2.06 -1.60
N TRP B 40 -4.40 -2.63 -1.75
CA TRP B 40 -4.76 -3.86 -1.05
C TRP B 40 -5.31 -4.87 -2.05
N ASP B 41 -4.80 -4.77 -3.27
CA ASP B 41 -5.22 -5.64 -4.35
C ASP B 41 -4.38 -6.92 -4.36
N ASP B 42 -3.39 -6.95 -3.50
CA ASP B 42 -2.50 -8.11 -3.41
C ASP B 42 -2.67 -8.81 -2.07
N LEU B 43 -2.89 -10.12 -2.11
CA LEU B 43 -3.08 -10.92 -0.91
C LEU B 43 -1.82 -11.01 -0.06
N GLU B 44 -0.66 -11.01 -0.71
CA GLU B 44 0.62 -11.11 0.00
C GLU B 44 0.92 -9.82 0.75
N PHE B 45 0.26 -8.75 0.35
CA PHE B 45 0.44 -7.45 1.00
C PHE B 45 -0.62 -7.27 2.08
N LEU B 46 -1.81 -7.80 1.83
CA LEU B 46 -2.92 -7.71 2.78
C LEU B 46 -2.64 -8.53 4.04
N SER B 47 -1.79 -9.54 3.91
CA SER B 47 -1.45 -10.40 5.04
C SER B 47 -0.61 -9.64 6.07
N ASP B 48 -0.10 -8.48 5.69
CA ASP B 48 0.71 -7.68 6.59
C ASP B 48 -0.05 -6.44 7.04
N ILE B 49 -1.37 -6.46 6.87
CA ILE B 49 -2.21 -5.33 7.26
C ILE B 49 -2.26 -5.21 8.79
N THR B 50 -2.40 -3.99 9.27
CA THR B 50 -2.47 -3.75 10.71
C THR B 50 -3.91 -3.50 11.14
N GLU B 51 -4.13 -3.46 12.45
CA GLU B 51 -5.45 -3.20 13.00
C GLU B 51 -5.81 -1.73 12.82
N GLU B 52 -4.83 -0.95 12.35
CA GLU B 52 -5.01 0.47 12.12
C GLU B 52 -5.24 0.74 10.64
N ASP B 53 -4.40 0.14 9.80
CA ASP B 53 -4.48 0.32 8.35
C ASP B 53 -5.85 -0.08 7.79
N LEU B 54 -6.53 -1.00 8.47
CA LEU B 54 -7.87 -1.42 8.02
C LEU B 54 -8.80 -0.22 7.89
N GLU B 55 -8.85 0.60 8.94
CA GLU B 55 -9.67 1.82 8.95
C GLU B 55 -9.55 2.60 7.64
N GLU B 56 -8.35 2.61 7.04
CA GLU B 56 -8.10 3.30 5.77
C GLU B 56 -9.13 2.94 4.70
N ALA B 57 -9.56 1.69 4.68
CA ALA B 57 -10.53 1.23 3.68
C ALA B 57 -11.97 1.39 4.17
N GLY B 58 -12.14 2.07 5.29
CA GLY B 58 -13.47 2.28 5.83
C GLY B 58 -13.82 1.27 6.90
N VAL B 59 -12.93 0.32 7.14
CA VAL B 59 -13.16 -0.70 8.14
C VAL B 59 -12.84 -0.17 9.52
N GLN B 60 -13.74 0.63 10.07
CA GLN B 60 -13.57 1.23 11.40
C GLN B 60 -14.44 0.50 12.41
N ASP B 61 -14.92 -0.67 12.02
CA ASP B 61 -15.77 -1.48 12.89
C ASP B 61 -14.93 -2.53 13.62
N PRO B 62 -15.13 -2.65 14.95
CA PRO B 62 -14.38 -3.60 15.78
C PRO B 62 -14.53 -5.06 15.33
N ALA B 63 -15.76 -5.48 15.10
CA ALA B 63 -16.04 -6.86 14.70
C ALA B 63 -15.42 -7.17 13.33
N HIS B 64 -15.62 -6.27 12.38
CA HIS B 64 -15.10 -6.46 11.03
C HIS B 64 -13.57 -6.58 11.02
N LYS B 65 -12.90 -5.70 11.76
CA LYS B 65 -11.44 -5.74 11.83
C LYS B 65 -10.97 -7.03 12.47
N ARG B 66 -11.53 -7.33 13.64
CA ARG B 66 -11.19 -8.54 14.37
C ARG B 66 -11.38 -9.79 13.50
N LEU B 67 -12.52 -9.85 12.82
CA LEU B 67 -12.82 -11.00 11.96
C LEU B 67 -11.81 -11.13 10.83
N LEU B 68 -11.43 -10.01 10.24
CA LEU B 68 -10.47 -10.02 9.14
C LEU B 68 -9.12 -10.58 9.62
N LEU B 69 -8.63 -10.06 10.74
CA LEU B 69 -7.36 -10.53 11.31
C LEU B 69 -7.39 -12.03 11.58
N ASP B 70 -8.51 -12.51 12.09
CA ASP B 70 -8.66 -13.94 12.39
C ASP B 70 -8.67 -14.75 11.09
N THR B 71 -9.32 -14.21 10.07
CA THR B 71 -9.41 -14.85 8.76
C THR B 71 -8.04 -14.96 8.10
N LEU B 72 -7.20 -13.93 8.30
CA LEU B 72 -5.86 -13.90 7.73
C LEU B 72 -5.08 -15.15 8.11
N GLN B 73 -5.24 -15.59 9.36
CA GLN B 73 -4.55 -16.78 9.85
C GLN B 73 -5.23 -18.04 9.32
N LEU B 74 -6.55 -18.08 9.43
CA LEU B 74 -7.35 -19.22 9.00
C LEU B 74 -7.19 -19.54 7.51
N SER B 75 -7.43 -18.57 6.65
CA SER B 75 -7.35 -18.79 5.21
C SER B 75 -5.91 -18.74 4.69
N LYS B 76 -5.07 -17.91 5.32
CA LYS B 76 -3.67 -17.76 4.94
C LYS B 76 -3.52 -17.21 3.53
N THR A 18 17.54 -1.47 -4.19
CA THR A 18 17.24 -0.86 -5.50
C THR A 18 15.81 -0.33 -5.51
N VAL A 19 15.46 0.44 -6.53
CA VAL A 19 14.13 1.02 -6.66
C VAL A 19 13.06 -0.07 -6.70
N SER A 20 13.30 -1.08 -7.53
CA SER A 20 12.37 -2.19 -7.69
C SER A 20 12.10 -2.91 -6.36
N GLU A 21 13.16 -3.18 -5.61
CA GLU A 21 13.01 -3.85 -4.32
C GLU A 21 12.17 -3.01 -3.37
N TRP A 22 12.36 -1.70 -3.44
CA TRP A 22 11.62 -0.77 -2.61
C TRP A 22 10.16 -0.75 -3.02
N LEU A 23 9.92 -0.69 -4.33
CA LEU A 23 8.57 -0.69 -4.87
C LEU A 23 7.86 -2.00 -4.59
N GLU A 24 8.60 -3.11 -4.65
CA GLU A 24 8.05 -4.41 -4.35
C GLU A 24 7.57 -4.46 -2.90
N SER A 25 8.36 -3.88 -1.99
CA SER A 25 8.03 -3.85 -0.56
C SER A 25 6.66 -3.25 -0.27
N ILE A 26 6.32 -2.17 -0.95
CA ILE A 26 5.03 -1.53 -0.76
C ILE A 26 4.00 -2.10 -1.71
N LYS A 27 4.46 -3.03 -2.56
CA LYS A 27 3.60 -3.71 -3.54
C LYS A 27 3.13 -2.74 -4.62
N MET A 28 3.92 -1.71 -4.85
CA MET A 28 3.60 -0.71 -5.87
C MET A 28 4.48 -0.95 -7.08
N GLN A 29 4.80 -2.21 -7.32
CA GLN A 29 5.65 -2.62 -8.42
C GLN A 29 5.18 -2.10 -9.77
N GLN A 30 3.87 -2.00 -10.01
CA GLN A 30 3.37 -1.52 -11.28
C GLN A 30 3.54 -0.02 -11.45
N TYR A 31 4.02 0.64 -10.41
CA TYR A 31 4.22 2.08 -10.46
C TYR A 31 5.64 2.40 -10.90
N THR A 32 6.43 1.37 -11.19
CA THR A 32 7.80 1.57 -11.66
C THR A 32 7.76 2.32 -12.98
N GLU A 33 6.71 2.06 -13.76
CA GLU A 33 6.50 2.70 -15.04
C GLU A 33 5.83 4.05 -14.82
N HIS A 34 6.39 4.78 -13.85
CA HIS A 34 5.88 6.10 -13.47
C HIS A 34 7.01 6.88 -12.84
N PHE A 35 7.62 6.29 -11.80
CA PHE A 35 8.75 6.91 -11.10
C PHE A 35 9.90 7.17 -12.06
N MET A 36 10.19 6.15 -12.86
CA MET A 36 11.28 6.21 -13.83
C MET A 36 11.06 7.28 -14.89
N ALA A 37 9.81 7.52 -15.26
CA ALA A 37 9.49 8.51 -16.28
C ALA A 37 9.43 9.92 -15.68
N ALA A 38 9.30 10.00 -14.37
CA ALA A 38 9.24 11.29 -13.69
C ALA A 38 10.63 11.81 -13.35
N GLY A 39 11.65 11.06 -13.72
CA GLY A 39 13.01 11.46 -13.45
C GLY A 39 13.54 10.91 -12.14
N TYR A 40 12.65 10.30 -11.37
CA TYR A 40 13.05 9.72 -10.10
C TYR A 40 13.44 8.27 -10.30
N THR A 41 14.56 8.06 -10.95
CA THR A 41 15.06 6.74 -11.23
C THR A 41 15.80 6.16 -10.04
N ALA A 42 17.02 6.64 -9.81
CA ALA A 42 17.83 6.16 -8.70
C ALA A 42 17.26 6.60 -7.35
N ILE A 43 17.56 5.82 -6.33
CA ILE A 43 17.06 6.05 -4.97
C ILE A 43 17.38 7.45 -4.44
N GLU A 44 18.57 7.98 -4.75
CA GLU A 44 18.97 9.30 -4.27
C GLU A 44 18.00 10.37 -4.76
N LYS A 45 17.41 10.14 -5.93
CA LYS A 45 16.47 11.08 -6.50
C LYS A 45 15.09 10.83 -5.92
N VAL A 46 14.78 9.55 -5.67
CA VAL A 46 13.50 9.15 -5.10
C VAL A 46 13.30 9.79 -3.72
N VAL A 47 14.36 9.85 -2.92
CA VAL A 47 14.26 10.43 -1.59
C VAL A 47 14.21 11.95 -1.64
N GLN A 48 14.48 12.53 -2.81
CA GLN A 48 14.44 13.98 -2.97
C GLN A 48 13.03 14.44 -3.28
N MET A 49 12.19 13.52 -3.73
CA MET A 49 10.80 13.81 -4.04
C MET A 49 10.04 14.21 -2.78
N THR A 50 8.80 14.61 -2.96
CA THR A 50 7.95 15.02 -1.86
C THR A 50 6.62 14.28 -1.93
N ASN A 51 5.78 14.47 -0.92
CA ASN A 51 4.47 13.80 -0.87
C ASN A 51 3.65 14.16 -2.12
N ASP A 52 3.67 15.43 -2.49
CA ASP A 52 2.95 15.91 -3.67
C ASP A 52 3.46 15.24 -4.95
N ASP A 53 4.77 14.98 -5.00
CA ASP A 53 5.38 14.34 -6.16
C ASP A 53 4.72 13.00 -6.47
N ILE A 54 4.45 12.25 -5.42
CA ILE A 54 3.80 10.95 -5.51
C ILE A 54 2.47 11.06 -6.22
N LYS A 55 1.82 12.18 -6.00
CA LYS A 55 0.50 12.42 -6.57
C LYS A 55 0.61 12.99 -7.99
N ARG A 56 1.80 13.47 -8.35
CA ARG A 56 2.01 14.05 -9.67
C ARG A 56 2.54 13.00 -10.64
N ILE A 57 3.28 12.03 -10.10
CA ILE A 57 3.86 10.95 -10.92
C ILE A 57 2.81 9.92 -11.32
N GLY A 58 1.57 10.19 -10.99
CA GLY A 58 0.50 9.28 -11.32
C GLY A 58 -0.44 9.04 -10.16
N VAL A 59 -0.01 8.12 -9.28
CA VAL A 59 -0.74 7.72 -8.05
C VAL A 59 -1.71 8.77 -7.52
N ARG A 60 -2.97 8.64 -7.90
CA ARG A 60 -4.01 9.56 -7.43
C ARG A 60 -4.85 8.91 -6.33
N LEU A 61 -4.60 7.63 -6.06
CA LEU A 61 -5.35 6.91 -5.05
C LEU A 61 -4.73 7.12 -3.67
N PRO A 62 -5.53 7.56 -2.69
CA PRO A 62 -5.08 7.85 -1.32
C PRO A 62 -4.33 6.70 -0.65
N GLY A 63 -4.88 5.49 -0.74
CA GLY A 63 -4.21 4.36 -0.14
C GLY A 63 -2.93 3.99 -0.84
N HIS A 64 -2.93 4.08 -2.17
CA HIS A 64 -1.74 3.76 -2.94
C HIS A 64 -0.65 4.76 -2.57
N GLN A 65 -1.10 5.98 -2.27
CA GLN A 65 -0.19 7.05 -1.85
C GLN A 65 0.37 6.71 -0.47
N LYS A 66 -0.55 6.53 0.48
CA LYS A 66 -0.24 6.15 1.86
C LYS A 66 0.94 5.17 1.93
N ARG A 67 0.84 4.09 1.16
CA ARG A 67 1.89 3.07 1.10
C ARG A 67 3.25 3.70 0.77
N ILE A 68 3.31 4.38 -0.37
CA ILE A 68 4.53 5.03 -0.84
C ILE A 68 5.03 6.11 0.12
N ALA A 69 4.14 7.01 0.54
CA ALA A 69 4.50 8.10 1.45
C ALA A 69 5.14 7.54 2.71
N TYR A 70 4.59 6.43 3.19
CA TYR A 70 5.10 5.77 4.39
C TYR A 70 6.54 5.33 4.18
N SER A 71 6.77 4.54 3.13
CA SER A 71 8.09 4.04 2.81
C SER A 71 9.09 5.18 2.59
N LEU A 72 8.62 6.28 2.00
CA LEU A 72 9.48 7.43 1.74
C LEU A 72 10.06 8.03 3.01
N LEU A 73 9.25 8.09 4.06
CA LEU A 73 9.70 8.65 5.33
C LEU A 73 10.89 7.88 5.86
N GLY A 74 10.84 6.55 5.70
CA GLY A 74 11.92 5.70 6.15
C GLY A 74 13.21 5.96 5.40
N LEU A 75 13.12 6.04 4.07
CA LEU A 75 14.29 6.28 3.22
C LEU A 75 15.01 7.57 3.62
N LYS A 76 14.26 8.64 3.82
CA LYS A 76 14.83 9.93 4.20
C LYS A 76 15.48 9.84 5.57
N ASP A 77 14.83 9.14 6.49
CA ASP A 77 15.36 8.96 7.83
C ASP A 77 16.65 8.13 7.81
N GLN A 78 16.63 7.07 7.01
CA GLN A 78 17.79 6.18 6.87
C GLN A 78 19.02 6.92 6.37
N VAL A 79 18.84 7.76 5.35
CA VAL A 79 19.96 8.52 4.78
C VAL A 79 20.46 9.60 5.74
N ASN A 80 19.66 9.90 6.75
CA ASN A 80 20.02 10.93 7.73
C ASN A 80 20.71 10.30 8.92
N THR A 81 20.76 8.98 8.93
CA THR A 81 21.42 8.24 9.99
C THR A 81 22.81 7.80 9.55
N VAL A 82 23.75 7.84 10.48
CA VAL A 82 25.13 7.43 10.19
C VAL A 82 25.20 5.93 9.96
N GLY B 18 -4.87 -11.29 -6.70
CA GLY B 18 -6.27 -11.47 -6.29
C GLY B 18 -6.39 -12.08 -4.90
N MET B 19 -7.23 -11.48 -4.07
CA MET B 19 -7.42 -11.96 -2.72
C MET B 19 -8.87 -12.36 -2.48
N SER B 20 -9.70 -12.28 -3.52
CA SER B 20 -11.10 -12.66 -3.42
C SER B 20 -11.21 -14.11 -2.98
N ALA B 21 -10.45 -14.97 -3.68
CA ALA B 21 -10.39 -16.39 -3.36
C ALA B 21 -10.07 -16.61 -1.88
N TRP B 22 -9.27 -15.71 -1.32
CA TRP B 22 -8.90 -15.78 0.09
C TRP B 22 -10.06 -15.31 0.95
N LEU B 23 -10.64 -14.18 0.57
CA LEU B 23 -11.78 -13.61 1.28
C LEU B 23 -13.08 -14.30 0.87
N ARG B 24 -12.97 -15.58 0.52
CA ARG B 24 -14.12 -16.35 0.09
C ARG B 24 -14.44 -17.38 1.17
N ALA B 25 -13.65 -17.33 2.24
CA ALA B 25 -13.82 -18.23 3.37
C ALA B 25 -14.68 -17.57 4.44
N ILE B 26 -14.91 -16.27 4.26
CA ILE B 26 -15.72 -15.50 5.19
C ILE B 26 -16.70 -14.60 4.43
N GLY B 27 -16.91 -14.93 3.16
CA GLY B 27 -17.81 -14.17 2.31
C GLY B 27 -17.55 -12.67 2.33
N LEU B 28 -16.32 -12.28 2.06
CA LEU B 28 -15.96 -10.87 2.07
C LEU B 28 -15.29 -10.47 0.76
N GLU B 29 -15.35 -11.36 -0.22
CA GLU B 29 -14.76 -11.12 -1.54
C GLU B 29 -15.35 -9.89 -2.21
N ARG B 30 -16.58 -9.56 -1.82
CA ARG B 30 -17.28 -8.39 -2.37
C ARG B 30 -16.62 -7.09 -1.91
N TYR B 31 -15.71 -7.19 -0.96
CA TYR B 31 -15.02 -6.02 -0.43
C TYR B 31 -13.63 -5.84 -1.03
N GLU B 32 -13.15 -6.85 -1.77
CA GLU B 32 -11.82 -6.79 -2.39
C GLU B 32 -11.60 -5.48 -3.15
N GLU B 33 -12.42 -5.25 -4.18
CA GLU B 33 -12.35 -4.03 -4.99
C GLU B 33 -12.25 -2.76 -4.13
N GLY B 34 -13.02 -2.73 -3.04
CA GLY B 34 -13.01 -1.58 -2.16
C GLY B 34 -11.66 -1.36 -1.51
N LEU B 35 -11.00 -2.45 -1.14
CA LEU B 35 -9.69 -2.39 -0.50
C LEU B 35 -8.60 -2.06 -1.52
N VAL B 36 -8.63 -2.77 -2.65
CA VAL B 36 -7.65 -2.58 -3.74
C VAL B 36 -7.42 -1.10 -4.07
N HIS B 37 -8.46 -0.29 -3.98
CA HIS B 37 -8.36 1.15 -4.30
C HIS B 37 -7.35 1.86 -3.39
N ASN B 38 -7.01 1.25 -2.25
CA ASN B 38 -6.07 1.84 -1.32
C ASN B 38 -4.75 1.10 -1.31
N GLY B 39 -4.43 0.44 -2.42
CA GLY B 39 -3.19 -0.29 -2.52
C GLY B 39 -3.18 -1.52 -1.65
N TRP B 40 -4.24 -2.31 -1.74
CA TRP B 40 -4.36 -3.53 -0.96
C TRP B 40 -4.51 -4.74 -1.88
N ASP B 41 -3.88 -4.64 -3.04
CA ASP B 41 -3.91 -5.71 -4.02
C ASP B 41 -2.79 -6.71 -3.73
N ASP B 42 -2.60 -6.99 -2.44
CA ASP B 42 -1.55 -7.90 -1.99
C ASP B 42 -1.96 -8.56 -0.67
N LEU B 43 -1.16 -9.50 -0.19
CA LEU B 43 -1.47 -10.18 1.06
C LEU B 43 -0.35 -10.00 2.09
N GLU B 44 0.83 -9.61 1.62
CA GLU B 44 1.99 -9.42 2.48
C GLU B 44 1.89 -8.11 3.26
N PHE B 45 1.62 -7.01 2.56
CA PHE B 45 1.50 -5.71 3.21
C PHE B 45 0.18 -5.66 3.99
N LEU B 46 -0.81 -6.38 3.47
CA LEU B 46 -2.13 -6.45 4.09
C LEU B 46 -2.07 -7.18 5.43
N SER B 47 -0.97 -7.88 5.68
CA SER B 47 -0.78 -8.62 6.92
C SER B 47 -0.70 -7.68 8.13
N ASP B 48 -0.32 -6.43 7.87
CA ASP B 48 -0.20 -5.45 8.95
C ASP B 48 -1.05 -4.22 8.64
N ILE B 49 -2.34 -4.43 8.52
CA ILE B 49 -3.27 -3.36 8.24
C ILE B 49 -3.85 -2.81 9.53
N THR B 50 -4.22 -1.53 9.54
CA THR B 50 -4.79 -0.92 10.72
C THR B 50 -6.31 -0.85 10.57
N GLU B 51 -7.02 -0.66 11.68
CA GLU B 51 -8.46 -0.56 11.63
C GLU B 51 -8.87 0.70 10.89
N GLU B 52 -8.00 1.69 10.91
CA GLU B 52 -8.23 2.96 10.23
C GLU B 52 -8.20 2.76 8.73
N ASP B 53 -7.18 2.02 8.26
CA ASP B 53 -7.03 1.76 6.84
C ASP B 53 -8.28 1.11 6.26
N LEU B 54 -8.85 0.13 6.98
CA LEU B 54 -10.08 -0.52 6.54
C LEU B 54 -11.16 0.52 6.37
N GLU B 55 -11.40 1.29 7.43
CA GLU B 55 -12.37 2.38 7.42
C GLU B 55 -12.19 3.25 6.17
N GLU B 56 -10.95 3.63 5.88
CA GLU B 56 -10.62 4.48 4.73
C GLU B 56 -10.91 3.77 3.39
N ALA B 57 -11.17 2.47 3.44
CA ALA B 57 -11.48 1.70 2.25
C ALA B 57 -12.97 1.43 2.14
N GLY B 58 -13.73 1.92 3.12
CA GLY B 58 -15.16 1.74 3.11
C GLY B 58 -15.64 0.77 4.17
N VAL B 59 -14.70 0.06 4.79
CA VAL B 59 -15.04 -0.90 5.84
C VAL B 59 -15.19 -0.19 7.18
N GLN B 60 -16.30 0.52 7.34
CA GLN B 60 -16.57 1.25 8.56
C GLN B 60 -17.39 0.41 9.53
N ASP B 61 -17.67 -0.82 9.14
CA ASP B 61 -18.45 -1.73 9.97
C ASP B 61 -17.57 -2.43 11.00
N PRO B 62 -17.97 -2.39 12.27
CA PRO B 62 -17.21 -3.01 13.36
C PRO B 62 -17.05 -4.53 13.20
N ALA B 63 -18.13 -5.20 12.81
CA ALA B 63 -18.10 -6.65 12.63
C ALA B 63 -17.15 -7.05 11.52
N HIS B 64 -17.26 -6.40 10.38
CA HIS B 64 -16.41 -6.69 9.22
C HIS B 64 -14.94 -6.43 9.53
N LYS B 65 -14.66 -5.37 10.28
CA LYS B 65 -13.29 -5.05 10.64
C LYS B 65 -12.72 -6.16 11.51
N ARG B 66 -13.39 -6.43 12.63
CA ARG B 66 -12.98 -7.49 13.54
C ARG B 66 -12.83 -8.82 12.79
N LEU B 67 -13.79 -9.11 11.92
CA LEU B 67 -13.77 -10.34 11.12
C LEU B 67 -12.50 -10.42 10.28
N LEU B 68 -12.18 -9.33 9.58
CA LEU B 68 -10.99 -9.29 8.75
C LEU B 68 -9.74 -9.51 9.58
N LEU B 69 -9.65 -8.78 10.69
CA LEU B 69 -8.51 -8.89 11.61
C LEU B 69 -8.31 -10.33 12.06
N ASP B 70 -9.42 -10.99 12.43
CA ASP B 70 -9.38 -12.37 12.88
C ASP B 70 -8.96 -13.30 11.73
N THR B 71 -9.46 -13.01 10.53
CA THR B 71 -9.14 -13.80 9.36
C THR B 71 -7.67 -13.68 8.99
N LEU B 72 -7.11 -12.48 9.14
CA LEU B 72 -5.71 -12.24 8.85
C LEU B 72 -4.83 -13.15 9.67
N GLN B 73 -5.09 -13.20 10.96
CA GLN B 73 -4.32 -14.05 11.87
C GLN B 73 -4.56 -15.53 11.56
N LEU B 74 -5.81 -15.87 11.28
CA LEU B 74 -6.17 -17.25 10.93
C LEU B 74 -5.38 -17.76 9.72
N SER B 75 -5.03 -16.85 8.83
CA SER B 75 -4.27 -17.20 7.64
C SER B 75 -2.77 -17.10 7.90
N LYS B 76 -2.35 -15.95 8.42
CA LYS B 76 -0.96 -15.68 8.75
C LYS B 76 -0.06 -15.85 7.53
N THR A 18 18.12 -0.97 -2.63
CA THR A 18 17.73 -0.67 -4.03
C THR A 18 16.30 -0.12 -4.08
N VAL A 19 16.06 0.77 -5.04
CA VAL A 19 14.73 1.39 -5.23
C VAL A 19 13.64 0.32 -5.33
N SER A 20 13.94 -0.76 -6.03
CA SER A 20 12.99 -1.85 -6.23
C SER A 20 12.53 -2.44 -4.90
N GLU A 21 13.41 -2.47 -3.90
CA GLU A 21 13.08 -3.03 -2.59
C GLU A 21 12.12 -2.10 -1.85
N TRP A 22 12.29 -0.80 -2.05
CA TRP A 22 11.44 0.18 -1.40
C TRP A 22 10.03 0.06 -1.96
N LEU A 23 9.95 -0.12 -3.27
CA LEU A 23 8.67 -0.28 -3.95
C LEU A 23 8.09 -1.66 -3.65
N GLU A 24 8.96 -2.61 -3.34
CA GLU A 24 8.55 -3.97 -3.00
C GLU A 24 7.77 -3.99 -1.70
N SER A 25 8.29 -3.31 -0.68
CA SER A 25 7.65 -3.25 0.64
C SER A 25 6.16 -2.84 0.57
N ILE A 26 5.84 -1.75 -0.12
CA ILE A 26 4.45 -1.31 -0.22
C ILE A 26 3.73 -1.99 -1.38
N LYS A 27 4.42 -2.94 -2.02
CA LYS A 27 3.87 -3.71 -3.15
C LYS A 27 3.49 -2.80 -4.31
N MET A 28 4.33 -1.81 -4.56
CA MET A 28 4.12 -0.87 -5.65
C MET A 28 5.19 -1.08 -6.71
N GLN A 29 5.59 -2.34 -6.83
CA GLN A 29 6.62 -2.76 -7.78
C GLN A 29 6.31 -2.42 -9.24
N GLN A 30 5.02 -2.37 -9.61
CA GLN A 30 4.63 -2.06 -10.98
C GLN A 30 4.73 -0.56 -11.26
N TYR A 31 4.93 0.23 -10.22
CA TYR A 31 5.01 1.67 -10.36
C TYR A 31 6.43 2.09 -10.73
N THR A 32 7.34 1.12 -10.80
CA THR A 32 8.72 1.38 -11.16
C THR A 32 8.79 1.84 -12.62
N GLU A 33 7.80 1.43 -13.40
CA GLU A 33 7.72 1.78 -14.81
C GLU A 33 7.06 3.15 -14.94
N HIS A 34 7.55 4.08 -14.14
CA HIS A 34 7.03 5.44 -14.11
C HIS A 34 7.94 6.27 -13.22
N PHE A 35 8.29 5.70 -12.07
CA PHE A 35 9.19 6.36 -11.12
C PHE A 35 10.53 6.62 -11.80
N MET A 36 11.02 5.62 -12.52
CA MET A 36 12.30 5.70 -13.21
C MET A 36 12.22 6.63 -14.42
N ALA A 37 11.02 6.79 -14.96
CA ALA A 37 10.81 7.63 -16.13
C ALA A 37 10.73 9.10 -15.73
N ALA A 38 10.48 9.34 -14.44
CA ALA A 38 10.38 10.69 -13.93
C ALA A 38 11.76 11.23 -13.57
N GLY A 39 12.77 10.37 -13.70
CA GLY A 39 14.13 10.77 -13.39
C GLY A 39 14.61 10.26 -12.05
N TYR A 40 13.69 9.72 -11.27
CA TYR A 40 14.04 9.20 -9.94
C TYR A 40 14.50 7.76 -10.07
N THR A 41 15.73 7.59 -10.54
CA THR A 41 16.32 6.28 -10.75
C THR A 41 17.18 5.82 -9.57
N ALA A 42 17.17 6.59 -8.49
CA ALA A 42 17.96 6.24 -7.32
C ALA A 42 17.34 6.82 -6.06
N ILE A 43 17.66 6.20 -4.92
CA ILE A 43 17.13 6.59 -3.62
C ILE A 43 17.35 8.07 -3.31
N GLU A 44 18.54 8.59 -3.62
CA GLU A 44 18.85 9.99 -3.34
C GLU A 44 17.93 10.93 -4.10
N LYS A 45 17.54 10.54 -5.31
CA LYS A 45 16.63 11.34 -6.11
C LYS A 45 15.20 11.16 -5.61
N VAL A 46 14.89 9.93 -5.19
CA VAL A 46 13.56 9.61 -4.70
C VAL A 46 13.21 10.45 -3.46
N VAL A 47 14.19 10.67 -2.59
CA VAL A 47 13.95 11.44 -1.37
C VAL A 47 13.83 12.94 -1.67
N GLN A 48 14.21 13.33 -2.87
CA GLN A 48 14.15 14.73 -3.28
C GLN A 48 12.74 15.11 -3.72
N MET A 49 11.99 14.11 -4.18
CA MET A 49 10.61 14.34 -4.64
C MET A 49 9.72 14.76 -3.46
N THR A 50 8.48 15.12 -3.77
CA THR A 50 7.55 15.56 -2.75
C THR A 50 6.21 14.84 -2.93
N ASN A 51 5.25 15.17 -2.08
CA ASN A 51 3.92 14.56 -2.12
C ASN A 51 3.29 14.69 -3.51
N ASP A 52 3.40 15.89 -4.09
CA ASP A 52 2.84 16.16 -5.43
C ASP A 52 3.43 15.24 -6.50
N ASP A 53 4.73 14.98 -6.41
CA ASP A 53 5.42 14.12 -7.38
C ASP A 53 4.74 12.77 -7.52
N ILE A 54 4.39 12.17 -6.40
CA ILE A 54 3.73 10.87 -6.35
C ILE A 54 2.45 10.88 -7.15
N LYS A 55 1.70 11.96 -7.02
CA LYS A 55 0.42 12.07 -7.70
C LYS A 55 0.58 12.50 -9.15
N ARG A 56 1.77 12.91 -9.52
CA ARG A 56 2.03 13.35 -10.89
C ARG A 56 2.61 12.20 -11.72
N ILE A 57 3.44 11.37 -11.09
CA ILE A 57 4.07 10.24 -11.76
C ILE A 57 3.11 9.08 -11.97
N GLY A 58 1.81 9.36 -11.88
CA GLY A 58 0.82 8.34 -12.09
C GLY A 58 -0.15 8.24 -10.94
N VAL A 59 0.17 7.34 -10.00
CA VAL A 59 -0.60 7.05 -8.77
C VAL A 59 -1.76 8.03 -8.50
N ARG A 60 -2.89 7.81 -9.17
CA ARG A 60 -4.06 8.66 -8.96
C ARG A 60 -4.93 8.13 -7.83
N LEU A 61 -4.71 6.87 -7.45
CA LEU A 61 -5.47 6.25 -6.37
C LEU A 61 -4.97 6.77 -5.02
N PRO A 62 -5.85 7.42 -4.22
CA PRO A 62 -5.50 7.99 -2.91
C PRO A 62 -4.88 6.98 -1.95
N GLY A 63 -5.42 5.77 -1.95
CA GLY A 63 -4.91 4.74 -1.08
C GLY A 63 -3.48 4.35 -1.42
N HIS A 64 -3.20 4.16 -2.70
CA HIS A 64 -1.86 3.80 -3.14
C HIS A 64 -0.90 4.93 -2.82
N GLN A 65 -1.45 6.15 -2.86
CA GLN A 65 -0.66 7.36 -2.58
C GLN A 65 -0.13 7.30 -1.15
N LYS A 66 -1.06 7.37 -0.20
CA LYS A 66 -0.75 7.29 1.23
C LYS A 66 0.35 6.28 1.55
N ARG A 67 0.25 5.08 0.98
CA ARG A 67 1.25 4.04 1.24
C ARG A 67 2.65 4.50 0.78
N ILE A 68 2.71 5.08 -0.42
CA ILE A 68 3.98 5.57 -0.96
C ILE A 68 4.47 6.79 -0.18
N ALA A 69 3.56 7.71 0.11
CA ALA A 69 3.88 8.92 0.86
C ALA A 69 4.42 8.58 2.25
N TYR A 70 3.81 7.57 2.86
CA TYR A 70 4.22 7.13 4.17
C TYR A 70 5.62 6.53 4.12
N SER A 71 5.90 5.76 3.08
CA SER A 71 7.22 5.14 2.91
C SER A 71 8.28 6.22 2.61
N LEU A 72 7.87 7.31 1.96
CA LEU A 72 8.79 8.39 1.63
C LEU A 72 9.30 9.10 2.88
N LEU A 73 8.44 9.23 3.88
CA LEU A 73 8.81 9.88 5.12
C LEU A 73 9.95 9.11 5.78
N GLY A 74 9.88 7.79 5.68
CA GLY A 74 10.90 6.95 6.25
C GLY A 74 12.24 7.14 5.54
N LEU A 75 12.18 7.23 4.21
CA LEU A 75 13.39 7.44 3.42
C LEU A 75 14.07 8.75 3.78
N LYS A 76 13.28 9.82 3.88
CA LYS A 76 13.81 11.12 4.23
C LYS A 76 14.40 11.08 5.65
N ASP A 77 13.73 10.39 6.54
CA ASP A 77 14.19 10.24 7.92
C ASP A 77 15.50 9.45 7.96
N GLN A 78 15.57 8.38 7.18
CA GLN A 78 16.76 7.52 7.12
C GLN A 78 17.98 8.27 6.61
N VAL A 79 17.79 9.15 5.64
CA VAL A 79 18.91 9.90 5.07
C VAL A 79 19.36 11.02 6.02
N ASN A 80 18.57 11.27 7.06
CA ASN A 80 18.90 12.32 8.03
C ASN A 80 19.75 11.73 9.15
N THR A 81 19.84 10.42 9.19
CA THR A 81 20.62 9.72 10.20
C THR A 81 22.11 9.91 9.96
N VAL A 82 22.81 10.39 10.97
CA VAL A 82 24.24 10.62 10.86
C VAL A 82 25.01 9.31 10.95
N GLY B 18 -7.08 -11.67 -7.66
CA GLY B 18 -8.06 -11.12 -6.70
C GLY B 18 -8.13 -11.93 -5.43
N MET B 19 -8.86 -11.42 -4.45
CA MET B 19 -9.00 -12.11 -3.17
C MET B 19 -10.47 -12.29 -2.81
N SER B 20 -11.33 -12.30 -3.81
CA SER B 20 -12.76 -12.47 -3.59
C SER B 20 -13.02 -13.81 -2.90
N ALA B 21 -12.51 -14.89 -3.50
CA ALA B 21 -12.65 -16.23 -2.94
C ALA B 21 -12.11 -16.29 -1.51
N TRP B 22 -11.08 -15.51 -1.25
CA TRP B 22 -10.45 -15.45 0.07
C TRP B 22 -11.39 -14.78 1.06
N LEU B 23 -11.91 -13.62 0.68
CA LEU B 23 -12.83 -12.87 1.52
C LEU B 23 -14.15 -13.61 1.71
N ARG B 24 -14.54 -14.39 0.70
CA ARG B 24 -15.77 -15.20 0.75
C ARG B 24 -15.76 -16.20 1.91
N ALA B 25 -14.63 -16.30 2.60
CA ALA B 25 -14.52 -17.21 3.72
C ALA B 25 -15.39 -16.73 4.87
N ILE B 26 -15.56 -15.41 4.93
CA ILE B 26 -16.37 -14.77 5.94
C ILE B 26 -17.38 -13.82 5.28
N GLY B 27 -17.74 -14.15 4.04
CA GLY B 27 -18.67 -13.34 3.26
C GLY B 27 -18.37 -11.85 3.27
N LEU B 28 -17.13 -11.49 2.95
CA LEU B 28 -16.73 -10.08 2.93
C LEU B 28 -16.17 -9.67 1.57
N GLU B 29 -16.37 -10.52 0.57
CA GLU B 29 -15.87 -10.26 -0.79
C GLU B 29 -16.30 -8.90 -1.34
N ARG B 30 -17.40 -8.36 -0.84
CA ARG B 30 -17.89 -7.06 -1.30
C ARG B 30 -16.99 -5.92 -0.88
N TYR B 31 -16.05 -6.19 0.03
CA TYR B 31 -15.13 -5.17 0.50
C TYR B 31 -13.90 -5.06 -0.40
N GLU B 32 -13.59 -6.14 -1.12
CA GLU B 32 -12.44 -6.15 -2.03
C GLU B 32 -12.42 -4.92 -2.92
N GLU B 33 -13.56 -4.67 -3.56
CA GLU B 33 -13.75 -3.51 -4.44
C GLU B 33 -13.17 -2.23 -3.82
N GLY B 34 -13.47 -2.00 -2.54
CA GLY B 34 -12.96 -0.82 -1.86
C GLY B 34 -11.49 -0.94 -1.51
N LEU B 35 -11.03 -2.17 -1.28
CA LEU B 35 -9.64 -2.43 -0.92
C LEU B 35 -8.74 -2.49 -2.16
N VAL B 36 -9.15 -1.85 -3.24
CA VAL B 36 -8.37 -1.87 -4.48
C VAL B 36 -7.63 -0.55 -4.67
N HIS B 37 -8.28 0.55 -4.33
CA HIS B 37 -7.69 1.87 -4.50
C HIS B 37 -6.55 2.13 -3.51
N ASN B 38 -6.31 1.20 -2.60
CA ASN B 38 -5.26 1.38 -1.62
C ASN B 38 -4.14 0.35 -1.78
N GLY B 39 -4.25 -0.48 -2.80
CA GLY B 39 -3.23 -1.49 -3.03
C GLY B 39 -3.27 -2.61 -2.01
N TRP B 40 -4.47 -3.00 -1.62
CA TRP B 40 -4.65 -4.07 -0.65
C TRP B 40 -5.22 -5.30 -1.35
N ASP B 41 -5.07 -5.32 -2.66
CA ASP B 41 -5.55 -6.42 -3.49
C ASP B 41 -4.53 -7.56 -3.47
N ASP B 42 -3.31 -7.23 -3.08
CA ASP B 42 -2.24 -8.21 -2.98
C ASP B 42 -2.29 -8.90 -1.63
N LEU B 43 -2.61 -10.19 -1.63
CA LEU B 43 -2.72 -10.97 -0.40
C LEU B 43 -1.43 -10.96 0.40
N GLU B 44 -0.29 -11.00 -0.28
CA GLU B 44 1.00 -11.00 0.40
C GLU B 44 1.19 -9.72 1.21
N PHE B 45 0.72 -8.61 0.64
CA PHE B 45 0.80 -7.32 1.32
C PHE B 45 -0.24 -7.25 2.43
N LEU B 46 -1.38 -7.88 2.18
CA LEU B 46 -2.47 -7.92 3.15
C LEU B 46 -2.02 -8.61 4.43
N SER B 47 -1.01 -9.48 4.32
CA SER B 47 -0.47 -10.20 5.47
C SER B 47 0.25 -9.25 6.41
N ASP B 48 0.50 -8.03 5.96
CA ASP B 48 1.20 -7.03 6.76
C ASP B 48 0.31 -5.83 7.03
N ILE B 49 -0.99 -6.00 6.83
CA ILE B 49 -1.93 -4.91 7.05
C ILE B 49 -2.12 -4.64 8.55
N THR B 50 -2.29 -3.37 8.89
CA THR B 50 -2.48 -2.98 10.28
C THR B 50 -3.97 -2.93 10.59
N GLU B 51 -4.30 -2.64 11.84
CA GLU B 51 -5.69 -2.54 12.24
C GLU B 51 -6.20 -1.13 11.93
N GLU B 52 -5.28 -0.28 11.50
CA GLU B 52 -5.60 1.09 11.15
C GLU B 52 -5.87 1.20 9.65
N ASP B 53 -5.02 0.55 8.86
CA ASP B 53 -5.14 0.55 7.40
C ASP B 53 -6.52 0.14 6.91
N LEU B 54 -7.16 -0.76 7.65
CA LEU B 54 -8.49 -1.25 7.30
C LEU B 54 -9.48 -0.10 7.15
N GLU B 55 -9.62 0.69 8.22
CA GLU B 55 -10.54 1.84 8.24
C GLU B 55 -10.50 2.69 6.96
N GLU B 56 -9.33 2.78 6.32
CA GLU B 56 -9.18 3.56 5.08
C GLU B 56 -10.15 3.08 4.00
N ALA B 57 -10.32 1.77 3.90
CA ALA B 57 -11.19 1.20 2.88
C ALA B 57 -12.64 1.13 3.36
N GLY B 58 -12.97 1.95 4.35
CA GLY B 58 -14.32 1.98 4.87
C GLY B 58 -14.54 0.99 5.99
N VAL B 59 -13.52 0.18 6.27
CA VAL B 59 -13.60 -0.82 7.32
C VAL B 59 -13.37 -0.17 8.68
N GLN B 60 -14.26 0.74 9.04
CA GLN B 60 -14.17 1.45 10.31
C GLN B 60 -15.12 0.81 11.33
N ASP B 61 -15.44 -0.45 11.10
CA ASP B 61 -16.33 -1.20 11.97
C ASP B 61 -15.56 -2.22 12.78
N PRO B 62 -15.81 -2.30 14.09
CA PRO B 62 -15.13 -3.23 15.00
C PRO B 62 -15.23 -4.69 14.57
N ALA B 63 -16.45 -5.14 14.32
CA ALA B 63 -16.68 -6.52 13.91
C ALA B 63 -15.97 -6.84 12.60
N HIS B 64 -16.09 -5.97 11.62
CA HIS B 64 -15.45 -6.17 10.32
C HIS B 64 -13.94 -6.23 10.45
N LYS B 65 -13.35 -5.30 11.22
CA LYS B 65 -11.91 -5.29 11.42
C LYS B 65 -11.47 -6.59 12.07
N ARG B 66 -12.12 -6.91 13.19
CA ARG B 66 -11.84 -8.14 13.93
C ARG B 66 -11.93 -9.36 13.02
N LEU B 67 -13.03 -9.46 12.27
CA LEU B 67 -13.24 -10.59 11.36
C LEU B 67 -12.14 -10.69 10.32
N LEU B 68 -11.80 -9.57 9.68
CA LEU B 68 -10.77 -9.57 8.65
C LEU B 68 -9.43 -10.00 9.24
N LEU B 69 -9.07 -9.40 10.38
CA LEU B 69 -7.83 -9.74 11.06
C LEU B 69 -7.77 -11.23 11.39
N ASP B 70 -8.90 -11.78 11.83
CA ASP B 70 -8.99 -13.20 12.17
C ASP B 70 -8.84 -14.05 10.92
N THR B 71 -9.44 -13.58 9.83
CA THR B 71 -9.38 -14.29 8.56
C THR B 71 -7.95 -14.40 8.04
N LEU B 72 -7.14 -13.36 8.29
CA LEU B 72 -5.74 -13.35 7.87
C LEU B 72 -5.01 -14.60 8.39
N GLN B 73 -5.34 -14.98 9.62
CA GLN B 73 -4.75 -16.15 10.22
C GLN B 73 -5.46 -17.41 9.73
N LEU B 74 -6.78 -17.41 9.84
CA LEU B 74 -7.62 -18.53 9.44
C LEU B 74 -7.36 -19.00 7.99
N SER B 75 -7.59 -18.13 7.02
CA SER B 75 -7.41 -18.48 5.62
C SER B 75 -5.93 -18.53 5.22
N LYS B 76 -5.15 -17.61 5.78
CA LYS B 76 -3.72 -17.53 5.48
C LYS B 76 -3.49 -17.31 3.99
N THR A 18 18.46 -0.88 -3.75
CA THR A 18 17.85 -0.72 -5.09
C THR A 18 16.41 -0.24 -4.98
N VAL A 19 16.05 0.72 -5.83
CA VAL A 19 14.70 1.29 -5.86
C VAL A 19 13.62 0.21 -5.90
N SER A 20 13.86 -0.82 -6.70
CA SER A 20 12.92 -1.92 -6.85
C SER A 20 12.57 -2.57 -5.50
N GLU A 21 13.57 -2.73 -4.65
CA GLU A 21 13.37 -3.36 -3.34
C GLU A 21 12.44 -2.52 -2.46
N TRP A 22 12.54 -1.21 -2.60
CA TRP A 22 11.71 -0.29 -1.83
C TRP A 22 10.26 -0.33 -2.35
N LEU A 23 10.13 -0.48 -3.67
CA LEU A 23 8.83 -0.53 -4.30
C LEU A 23 8.15 -1.88 -4.09
N GLU A 24 8.94 -2.96 -4.12
CA GLU A 24 8.38 -4.30 -3.94
C GLU A 24 7.91 -4.53 -2.49
N SER A 25 8.67 -4.03 -1.52
CA SER A 25 8.30 -4.19 -0.11
C SER A 25 6.93 -3.59 0.19
N ILE A 26 6.64 -2.43 -0.38
CA ILE A 26 5.35 -1.78 -0.17
C ILE A 26 4.34 -2.29 -1.18
N LYS A 27 4.77 -3.26 -1.99
CA LYS A 27 3.94 -3.90 -3.02
C LYS A 27 3.40 -2.88 -4.03
N MET A 28 4.28 -1.98 -4.42
CA MET A 28 3.98 -0.97 -5.43
C MET A 28 4.94 -1.17 -6.57
N GLN A 29 5.40 -2.41 -6.68
CA GLN A 29 6.38 -2.81 -7.68
C GLN A 29 5.97 -2.50 -9.11
N GLN A 30 4.69 -2.51 -9.43
CA GLN A 30 4.26 -2.25 -10.79
C GLN A 30 4.36 -0.76 -11.13
N TYR A 31 4.75 0.06 -10.16
CA TYR A 31 4.89 1.49 -10.40
C TYR A 31 6.32 1.81 -10.79
N THR A 32 7.12 0.78 -11.03
CA THR A 32 8.49 0.95 -11.44
C THR A 32 8.51 1.47 -12.86
N GLU A 33 7.47 1.13 -13.61
CA GLU A 33 7.31 1.56 -14.99
C GLU A 33 6.62 2.94 -15.00
N HIS A 34 7.09 3.80 -14.10
CA HIS A 34 6.56 5.15 -13.95
C HIS A 34 7.59 5.99 -13.21
N PHE A 35 8.05 5.46 -12.07
CA PHE A 35 9.07 6.12 -11.26
C PHE A 35 10.34 6.39 -12.06
N MET A 36 10.73 5.41 -12.88
CA MET A 36 11.94 5.51 -13.67
C MET A 36 11.80 6.48 -14.83
N ALA A 37 10.57 6.72 -15.28
CA ALA A 37 10.33 7.62 -16.38
C ALA A 37 10.34 9.07 -15.91
N ALA A 38 10.06 9.26 -14.62
CA ALA A 38 10.04 10.59 -14.04
C ALA A 38 11.45 11.06 -13.69
N GLY A 39 12.42 10.19 -13.91
CA GLY A 39 13.80 10.54 -13.63
C GLY A 39 14.29 10.05 -12.27
N TYR A 40 13.38 9.45 -11.51
CA TYR A 40 13.74 8.93 -10.19
C TYR A 40 14.21 7.49 -10.32
N THR A 41 15.43 7.33 -10.79
CA THR A 41 16.03 6.02 -11.00
C THR A 41 16.92 5.61 -9.82
N ALA A 42 16.94 6.40 -8.77
CA ALA A 42 17.75 6.11 -7.61
C ALA A 42 17.10 6.65 -6.34
N ILE A 43 17.42 6.01 -5.22
CA ILE A 43 16.86 6.39 -3.92
C ILE A 43 17.15 7.84 -3.55
N GLU A 44 18.33 8.35 -3.92
CA GLU A 44 18.69 9.73 -3.58
C GLU A 44 17.72 10.71 -4.25
N LYS A 45 17.23 10.35 -5.42
CA LYS A 45 16.28 11.18 -6.12
C LYS A 45 14.88 10.98 -5.53
N VAL A 46 14.60 9.73 -5.17
CA VAL A 46 13.32 9.36 -4.59
C VAL A 46 13.04 10.15 -3.30
N VAL A 47 14.06 10.33 -2.47
CA VAL A 47 13.88 11.05 -1.23
C VAL A 47 13.76 12.56 -1.46
N GLN A 48 14.15 13.01 -2.65
CA GLN A 48 14.09 14.43 -3.00
C GLN A 48 12.69 14.80 -3.46
N MET A 49 11.95 13.82 -3.98
CA MET A 49 10.60 14.05 -4.45
C MET A 49 9.67 14.40 -3.29
N THR A 50 8.42 14.68 -3.61
CA THR A 50 7.44 15.03 -2.61
C THR A 50 6.13 14.31 -2.92
N ASN A 51 5.13 14.49 -2.07
CA ASN A 51 3.83 13.84 -2.26
C ASN A 51 3.24 14.22 -3.61
N ASP A 52 3.48 15.46 -4.03
CA ASP A 52 3.02 15.97 -5.32
C ASP A 52 3.52 15.09 -6.46
N ASP A 53 4.80 14.71 -6.40
CA ASP A 53 5.42 13.88 -7.42
C ASP A 53 4.65 12.57 -7.57
N ILE A 54 4.38 11.92 -6.45
CA ILE A 54 3.66 10.65 -6.41
C ILE A 54 2.35 10.75 -7.14
N LYS A 55 1.63 11.85 -6.92
CA LYS A 55 0.32 12.05 -7.52
C LYS A 55 0.42 12.47 -8.99
N ARG A 56 1.62 12.79 -9.44
CA ARG A 56 1.82 13.24 -10.81
C ARG A 56 2.43 12.14 -11.68
N ILE A 57 3.30 11.33 -11.09
CA ILE A 57 3.96 10.24 -11.81
C ILE A 57 3.03 9.05 -12.04
N GLY A 58 1.73 9.26 -11.88
CA GLY A 58 0.76 8.21 -12.08
C GLY A 58 -0.19 8.07 -10.91
N VAL A 59 0.17 7.16 -10.00
CA VAL A 59 -0.57 6.85 -8.76
C VAL A 59 -1.70 7.83 -8.42
N ARG A 60 -2.89 7.59 -8.97
CA ARG A 60 -4.02 8.48 -8.70
C ARG A 60 -4.87 7.97 -7.54
N LEU A 61 -4.67 6.72 -7.15
CA LEU A 61 -5.43 6.14 -6.05
C LEU A 61 -4.91 6.67 -4.72
N PRO A 62 -5.82 7.17 -3.86
CA PRO A 62 -5.47 7.76 -2.55
C PRO A 62 -4.69 6.82 -1.64
N GLY A 63 -5.15 5.60 -1.51
CA GLY A 63 -4.46 4.65 -0.65
C GLY A 63 -3.12 4.21 -1.20
N HIS A 64 -3.05 4.11 -2.52
CA HIS A 64 -1.82 3.71 -3.19
C HIS A 64 -0.75 4.78 -2.96
N GLN A 65 -1.23 6.01 -2.81
CA GLN A 65 -0.36 7.16 -2.57
C GLN A 65 0.16 7.08 -1.14
N LYS A 66 -0.78 7.19 -0.18
CA LYS A 66 -0.49 7.11 1.25
C LYS A 66 0.61 6.11 1.57
N ARG A 67 0.51 4.90 1.02
CA ARG A 67 1.51 3.87 1.27
C ARG A 67 2.90 4.33 0.84
N ILE A 68 2.99 4.86 -0.37
CA ILE A 68 4.26 5.37 -0.90
C ILE A 68 4.72 6.58 -0.09
N ALA A 69 3.80 7.51 0.14
CA ALA A 69 4.09 8.73 0.90
C ALA A 69 4.62 8.40 2.28
N TYR A 70 3.94 7.47 2.95
CA TYR A 70 4.35 7.03 4.29
C TYR A 70 5.79 6.55 4.28
N SER A 71 6.10 5.68 3.33
CA SER A 71 7.45 5.13 3.20
C SER A 71 8.47 6.23 2.91
N LEU A 72 8.05 7.26 2.16
CA LEU A 72 8.93 8.37 1.83
C LEU A 72 9.38 9.12 3.08
N LEU A 73 8.47 9.27 4.05
CA LEU A 73 8.78 9.95 5.31
C LEU A 73 9.91 9.22 6.02
N GLY A 74 9.84 7.90 5.99
CA GLY A 74 10.86 7.08 6.62
C GLY A 74 12.21 7.26 5.95
N LEU A 75 12.22 7.22 4.62
CA LEU A 75 13.45 7.38 3.86
C LEU A 75 14.12 8.71 4.18
N LYS A 76 13.33 9.77 4.22
CA LYS A 76 13.84 11.10 4.52
C LYS A 76 14.43 11.15 5.92
N ASP A 77 13.75 10.52 6.88
CA ASP A 77 14.22 10.48 8.26
C ASP A 77 15.51 9.67 8.38
N GLN A 78 15.57 8.54 7.67
CA GLN A 78 16.75 7.68 7.71
C GLN A 78 18.02 8.41 7.25
N VAL A 79 17.90 9.20 6.18
CA VAL A 79 19.04 9.94 5.66
C VAL A 79 19.41 11.12 6.55
N ASN A 80 18.54 11.42 7.51
CA ASN A 80 18.77 12.52 8.45
C ASN A 80 19.43 12.01 9.72
N THR A 81 19.38 10.70 9.90
CA THR A 81 19.96 10.07 11.08
C THR A 81 21.49 10.03 10.96
N VAL A 82 22.17 10.44 12.02
CA VAL A 82 23.63 10.43 12.03
C VAL A 82 24.16 9.00 12.09
N GLY B 18 -7.03 -11.56 -7.55
CA GLY B 18 -7.40 -10.64 -6.46
C GLY B 18 -7.55 -11.38 -5.15
N MET B 19 -8.55 -11.01 -4.36
CA MET B 19 -8.78 -11.65 -3.09
C MET B 19 -10.26 -11.95 -2.87
N SER B 20 -11.02 -12.06 -3.96
CA SER B 20 -12.44 -12.35 -3.87
C SER B 20 -12.63 -13.72 -3.22
N ALA B 21 -12.02 -14.74 -3.81
CA ALA B 21 -12.07 -16.11 -3.31
C ALA B 21 -11.56 -16.17 -1.87
N TRP B 22 -10.68 -15.23 -1.52
CA TRP B 22 -10.11 -15.15 -0.18
C TRP B 22 -11.14 -14.58 0.79
N LEU B 23 -11.63 -13.38 0.49
CA LEU B 23 -12.61 -12.71 1.33
C LEU B 23 -13.89 -13.54 1.47
N ARG B 24 -14.21 -14.30 0.42
CA ARG B 24 -15.38 -15.20 0.41
C ARG B 24 -15.39 -16.17 1.61
N ALA B 25 -14.28 -16.22 2.34
CA ALA B 25 -14.19 -17.11 3.49
C ALA B 25 -15.07 -16.59 4.62
N ILE B 26 -15.24 -15.26 4.65
CA ILE B 26 -16.06 -14.60 5.65
C ILE B 26 -17.06 -13.66 5.02
N GLY B 27 -17.44 -13.96 3.78
CA GLY B 27 -18.38 -13.14 3.03
C GLY B 27 -18.08 -11.65 3.09
N LEU B 28 -16.83 -11.28 2.83
CA LEU B 28 -16.43 -9.88 2.87
C LEU B 28 -15.93 -9.41 1.51
N GLU B 29 -16.20 -10.19 0.47
CA GLU B 29 -15.79 -9.87 -0.90
C GLU B 29 -16.31 -8.50 -1.33
N ARG B 30 -17.41 -8.05 -0.73
CA ARG B 30 -18.01 -6.76 -1.07
C ARG B 30 -17.13 -5.60 -0.60
N TYR B 31 -16.00 -5.91 0.03
CA TYR B 31 -15.09 -4.88 0.51
C TYR B 31 -13.84 -4.78 -0.37
N GLU B 32 -13.55 -5.86 -1.12
CA GLU B 32 -12.39 -5.89 -2.03
C GLU B 32 -12.34 -4.63 -2.89
N GLU B 33 -13.46 -4.35 -3.55
CA GLU B 33 -13.62 -3.18 -4.40
C GLU B 33 -13.03 -1.93 -3.74
N GLY B 34 -13.39 -1.71 -2.47
CA GLY B 34 -12.91 -0.55 -1.74
C GLY B 34 -11.45 -0.68 -1.33
N LEU B 35 -11.05 -1.89 -0.94
CA LEU B 35 -9.68 -2.15 -0.52
C LEU B 35 -8.69 -1.83 -1.64
N VAL B 36 -8.84 -2.52 -2.78
CA VAL B 36 -7.98 -2.33 -3.95
C VAL B 36 -7.73 -0.85 -4.26
N HIS B 37 -8.74 -0.02 -4.08
CA HIS B 37 -8.63 1.41 -4.36
C HIS B 37 -7.59 2.10 -3.47
N ASN B 38 -7.23 1.48 -2.36
CA ASN B 38 -6.26 2.07 -1.46
C ASN B 38 -4.97 1.27 -1.41
N GLY B 39 -4.67 0.56 -2.49
CA GLY B 39 -3.45 -0.20 -2.56
C GLY B 39 -3.50 -1.49 -1.77
N TRP B 40 -4.50 -2.30 -2.06
CA TRP B 40 -4.66 -3.58 -1.38
C TRP B 40 -4.92 -4.66 -2.41
N ASP B 41 -4.30 -4.49 -3.58
CA ASP B 41 -4.45 -5.44 -4.67
C ASP B 41 -3.60 -6.67 -4.43
N ASP B 42 -2.64 -6.56 -3.53
CA ASP B 42 -1.77 -7.67 -3.20
C ASP B 42 -2.16 -8.28 -1.85
N LEU B 43 -2.36 -9.60 -1.86
CA LEU B 43 -2.75 -10.32 -0.65
C LEU B 43 -1.58 -10.48 0.31
N GLU B 44 -0.37 -10.54 -0.24
CA GLU B 44 0.82 -10.74 0.56
C GLU B 44 1.04 -9.56 1.52
N PHE B 45 0.87 -8.34 1.03
CA PHE B 45 1.04 -7.15 1.86
C PHE B 45 -0.16 -7.00 2.81
N LEU B 46 -1.32 -7.50 2.39
CA LEU B 46 -2.53 -7.43 3.20
C LEU B 46 -2.35 -8.18 4.50
N SER B 47 -1.43 -9.15 4.50
CA SER B 47 -1.14 -9.95 5.68
C SER B 47 -0.50 -9.10 6.78
N ASP B 48 0.01 -7.93 6.40
CA ASP B 48 0.66 -7.04 7.35
C ASP B 48 -0.18 -5.77 7.57
N ILE B 49 -1.47 -5.87 7.33
CA ILE B 49 -2.37 -4.74 7.50
C ILE B 49 -2.66 -4.49 8.98
N THR B 50 -2.87 -3.24 9.33
CA THR B 50 -3.17 -2.85 10.69
C THR B 50 -4.67 -2.59 10.86
N GLU B 51 -5.12 -2.52 12.10
CA GLU B 51 -6.53 -2.24 12.36
C GLU B 51 -6.83 -0.79 12.01
N GLU B 52 -5.77 -0.01 11.84
CA GLU B 52 -5.88 1.40 11.50
C GLU B 52 -6.06 1.58 10.00
N ASP B 53 -5.16 0.97 9.22
CA ASP B 53 -5.21 1.07 7.76
C ASP B 53 -6.48 0.47 7.18
N LEU B 54 -7.14 -0.44 7.91
CA LEU B 54 -8.38 -1.04 7.43
C LEU B 54 -9.41 0.06 7.16
N GLU B 55 -9.60 0.92 8.16
CA GLU B 55 -10.51 2.07 8.08
C GLU B 55 -10.43 2.78 6.72
N GLU B 56 -9.23 2.89 6.16
CA GLU B 56 -9.02 3.55 4.87
C GLU B 56 -9.91 2.97 3.76
N ALA B 57 -10.17 1.69 3.83
CA ALA B 57 -10.99 1.01 2.83
C ALA B 57 -12.47 1.02 3.21
N GLY B 58 -12.81 1.80 4.23
CA GLY B 58 -14.19 1.88 4.66
C GLY B 58 -14.50 0.92 5.79
N VAL B 59 -13.51 0.09 6.14
CA VAL B 59 -13.69 -0.88 7.20
C VAL B 59 -13.52 -0.22 8.57
N GLN B 60 -14.50 0.60 8.93
CA GLN B 60 -14.46 1.31 10.20
C GLN B 60 -15.24 0.56 11.26
N ASP B 61 -15.94 -0.50 10.83
CA ASP B 61 -16.73 -1.31 11.74
C ASP B 61 -15.83 -2.24 12.55
N PRO B 62 -15.98 -2.23 13.89
CA PRO B 62 -15.18 -3.06 14.79
C PRO B 62 -15.25 -4.56 14.47
N ALA B 63 -16.45 -5.07 14.24
CA ALA B 63 -16.64 -6.49 13.95
C ALA B 63 -15.96 -6.88 12.64
N HIS B 64 -16.18 -6.09 11.60
CA HIS B 64 -15.59 -6.36 10.30
C HIS B 64 -14.07 -6.35 10.36
N LYS B 65 -13.52 -5.43 11.14
CA LYS B 65 -12.07 -5.35 11.31
C LYS B 65 -11.56 -6.62 11.96
N ARG B 66 -12.13 -6.95 13.10
CA ARG B 66 -11.76 -8.15 13.84
C ARG B 66 -11.88 -9.39 12.95
N LEU B 67 -12.98 -9.48 12.22
CA LEU B 67 -13.23 -10.61 11.32
C LEU B 67 -12.11 -10.74 10.28
N LEU B 68 -11.75 -9.64 9.65
CA LEU B 68 -10.70 -9.64 8.63
C LEU B 68 -9.38 -10.09 9.25
N LEU B 69 -9.02 -9.47 10.38
CA LEU B 69 -7.78 -9.81 11.08
C LEU B 69 -7.71 -11.31 11.39
N ASP B 70 -8.83 -11.86 11.85
CA ASP B 70 -8.90 -13.28 12.19
C ASP B 70 -8.72 -14.15 10.94
N THR B 71 -9.36 -13.73 9.85
CA THR B 71 -9.28 -14.47 8.60
C THR B 71 -7.86 -14.47 8.05
N LEU B 72 -7.12 -13.37 8.26
CA LEU B 72 -5.74 -13.27 7.79
C LEU B 72 -4.91 -14.45 8.28
N GLN B 73 -5.01 -14.74 9.56
CA GLN B 73 -4.26 -15.84 10.15
C GLN B 73 -4.87 -17.19 9.73
N LEU B 74 -6.18 -17.28 9.82
CA LEU B 74 -6.92 -18.48 9.47
C LEU B 74 -6.62 -19.00 8.05
N SER B 75 -6.67 -18.11 7.06
CA SER B 75 -6.47 -18.52 5.68
C SER B 75 -5.04 -18.29 5.18
N LYS B 76 -4.41 -17.21 5.64
CA LYS B 76 -3.04 -16.86 5.23
C LYS B 76 -3.02 -16.53 3.73
N THR A 18 17.58 -0.49 -2.56
CA THR A 18 17.44 0.06 -3.92
C THR A 18 16.03 0.58 -4.12
N VAL A 19 15.83 1.35 -5.18
CA VAL A 19 14.53 1.91 -5.51
C VAL A 19 13.51 0.79 -5.72
N SER A 20 13.96 -0.28 -6.37
CA SER A 20 13.10 -1.41 -6.67
C SER A 20 12.59 -2.07 -5.38
N GLU A 21 13.50 -2.38 -4.45
CA GLU A 21 13.12 -3.02 -3.18
C GLU A 21 12.18 -2.13 -2.37
N TRP A 22 12.34 -0.82 -2.51
CA TRP A 22 11.52 0.15 -1.80
C TRP A 22 10.09 0.14 -2.35
N LEU A 23 9.98 0.02 -3.67
CA LEU A 23 8.68 -0.02 -4.32
C LEU A 23 8.06 -1.41 -4.22
N GLU A 24 8.91 -2.42 -4.24
CA GLU A 24 8.49 -3.81 -4.15
C GLU A 24 7.82 -4.12 -2.80
N SER A 25 8.42 -3.66 -1.70
CA SER A 25 7.87 -3.92 -0.36
C SER A 25 6.40 -3.47 -0.22
N ILE A 26 6.05 -2.32 -0.79
CA ILE A 26 4.66 -1.84 -0.72
C ILE A 26 3.82 -2.38 -1.88
N LYS A 27 4.42 -3.25 -2.68
CA LYS A 27 3.77 -3.88 -3.83
C LYS A 27 3.47 -2.87 -4.93
N MET A 28 4.35 -1.89 -5.11
CA MET A 28 4.18 -0.89 -6.15
C MET A 28 5.30 -1.06 -7.17
N GLN A 29 5.82 -2.28 -7.24
CA GLN A 29 6.91 -2.64 -8.13
C GLN A 29 6.63 -2.31 -9.59
N GLN A 30 5.37 -2.28 -10.01
CA GLN A 30 5.02 -1.99 -11.40
C GLN A 30 5.01 -0.49 -11.69
N TYR A 31 5.22 0.32 -10.65
CA TYR A 31 5.22 1.77 -10.80
C TYR A 31 6.64 2.27 -10.94
N THR A 32 7.60 1.35 -10.95
CA THR A 32 9.01 1.70 -11.07
C THR A 32 9.32 2.36 -12.42
N GLU A 33 8.59 1.93 -13.45
CA GLU A 33 8.77 2.46 -14.80
C GLU A 33 8.53 3.97 -14.80
N HIS A 34 7.39 4.35 -14.24
CA HIS A 34 7.00 5.75 -14.13
C HIS A 34 8.04 6.54 -13.32
N PHE A 35 8.55 5.94 -12.25
CA PHE A 35 9.57 6.58 -11.40
C PHE A 35 10.84 6.86 -12.20
N MET A 36 11.23 5.89 -13.03
CA MET A 36 12.41 5.99 -13.89
C MET A 36 12.29 7.13 -14.88
N ALA A 37 11.14 7.25 -15.53
CA ALA A 37 10.93 8.30 -16.50
C ALA A 37 10.82 9.66 -15.81
N ALA A 38 10.43 9.64 -14.55
CA ALA A 38 10.30 10.86 -13.77
C ALA A 38 11.68 11.39 -13.39
N GLY A 39 12.67 10.51 -13.43
CA GLY A 39 14.02 10.89 -13.11
C GLY A 39 14.45 10.42 -11.74
N TYR A 40 13.56 9.73 -11.04
CA TYR A 40 13.86 9.23 -9.71
C TYR A 40 14.39 7.80 -9.79
N THR A 41 15.64 7.69 -10.23
CA THR A 41 16.27 6.38 -10.36
C THR A 41 17.25 6.14 -9.21
N ALA A 42 17.15 6.97 -8.18
CA ALA A 42 18.02 6.85 -7.03
C ALA A 42 17.30 7.30 -5.77
N ILE A 43 17.62 6.66 -4.65
CA ILE A 43 17.00 6.94 -3.35
C ILE A 43 17.07 8.42 -2.96
N GLU A 44 18.23 9.05 -3.17
CA GLU A 44 18.39 10.46 -2.79
C GLU A 44 17.48 11.37 -3.60
N LYS A 45 17.12 10.95 -4.80
CA LYS A 45 16.23 11.72 -5.65
C LYS A 45 14.77 11.43 -5.31
N VAL A 46 14.50 10.19 -4.95
CA VAL A 46 13.15 9.77 -4.59
C VAL A 46 12.61 10.57 -3.41
N VAL A 47 13.48 10.89 -2.46
CA VAL A 47 13.07 11.65 -1.27
C VAL A 47 12.91 13.14 -1.57
N GLN A 48 13.26 13.57 -2.78
CA GLN A 48 13.15 14.97 -3.16
C GLN A 48 11.74 15.29 -3.61
N MET A 49 11.02 14.28 -4.07
CA MET A 49 9.65 14.45 -4.55
C MET A 49 8.71 14.87 -3.41
N THR A 50 7.45 15.07 -3.74
CA THR A 50 6.46 15.48 -2.76
C THR A 50 5.15 14.73 -2.99
N ASN A 51 4.19 14.95 -2.10
CA ASN A 51 2.89 14.29 -2.18
C ASN A 51 2.24 14.48 -3.54
N ASP A 52 2.13 15.73 -3.98
CA ASP A 52 1.53 16.06 -5.28
C ASP A 52 2.26 15.38 -6.43
N ASP A 53 3.59 15.28 -6.30
CA ASP A 53 4.41 14.70 -7.35
C ASP A 53 4.07 13.24 -7.58
N ILE A 54 3.76 12.53 -6.49
CA ILE A 54 3.36 11.13 -6.55
C ILE A 54 2.11 10.96 -7.38
N LYS A 55 1.31 12.00 -7.39
CA LYS A 55 0.05 11.98 -8.13
C LYS A 55 0.25 12.41 -9.58
N ARG A 56 1.41 12.98 -9.87
CA ARG A 56 1.72 13.46 -11.21
C ARG A 56 2.42 12.37 -12.01
N ILE A 57 3.30 11.61 -11.35
CA ILE A 57 4.08 10.54 -11.98
C ILE A 57 3.22 9.33 -12.35
N GLY A 58 1.90 9.49 -12.29
CA GLY A 58 1.01 8.42 -12.67
C GLY A 58 -0.03 8.13 -11.63
N VAL A 59 0.34 7.28 -10.65
CA VAL A 59 -0.52 6.87 -9.53
C VAL A 59 -1.64 7.85 -9.21
N ARG A 60 -2.84 7.57 -9.71
CA ARG A 60 -3.98 8.43 -9.46
C ARG A 60 -4.81 7.90 -8.30
N LEU A 61 -4.52 6.67 -7.88
CA LEU A 61 -5.24 6.04 -6.78
C LEU A 61 -4.74 6.59 -5.45
N PRO A 62 -5.63 7.20 -4.64
CA PRO A 62 -5.28 7.78 -3.35
C PRO A 62 -4.67 6.78 -2.37
N GLY A 63 -5.25 5.59 -2.32
CA GLY A 63 -4.74 4.58 -1.43
C GLY A 63 -3.37 4.07 -1.86
N HIS A 64 -3.12 4.06 -3.17
CA HIS A 64 -1.81 3.62 -3.67
C HIS A 64 -0.80 4.70 -3.32
N GLN A 65 -1.29 5.93 -3.29
CA GLN A 65 -0.46 7.09 -2.97
C GLN A 65 -0.06 7.02 -1.52
N LYS A 66 -1.06 7.06 -0.65
CA LYS A 66 -0.85 6.94 0.80
C LYS A 66 0.17 5.85 1.14
N ARG A 67 0.06 4.69 0.48
CA ARG A 67 0.99 3.59 0.71
C ARG A 67 2.41 4.06 0.44
N ILE A 68 2.63 4.63 -0.75
CA ILE A 68 3.93 5.14 -1.14
C ILE A 68 4.40 6.25 -0.19
N ALA A 69 3.49 7.16 0.16
CA ALA A 69 3.81 8.27 1.05
C ALA A 69 4.33 7.77 2.40
N TYR A 70 3.77 6.66 2.87
CA TYR A 70 4.18 6.07 4.13
C TYR A 70 5.64 5.66 4.06
N SER A 71 6.00 5.02 2.97
CA SER A 71 7.37 4.56 2.77
C SER A 71 8.33 5.71 2.52
N LEU A 72 7.82 6.84 2.05
CA LEU A 72 8.66 8.01 1.79
C LEU A 72 9.10 8.63 3.11
N LEU A 73 8.24 8.54 4.11
CA LEU A 73 8.52 9.10 5.42
C LEU A 73 9.70 8.36 6.05
N GLY A 74 9.69 7.04 5.90
CA GLY A 74 10.75 6.22 6.45
C GLY A 74 12.11 6.59 5.88
N LEU A 75 12.16 6.76 4.56
CA LEU A 75 13.40 7.11 3.88
C LEU A 75 13.97 8.42 4.40
N LYS A 76 13.11 9.41 4.59
CA LYS A 76 13.54 10.71 5.09
C LYS A 76 14.05 10.59 6.53
N ASP A 77 13.38 9.76 7.32
CA ASP A 77 13.77 9.56 8.71
C ASP A 77 15.09 8.78 8.81
N GLN A 78 15.24 7.77 7.98
CA GLN A 78 16.47 6.97 7.98
C GLN A 78 17.68 7.79 7.53
N VAL A 79 17.48 8.70 6.57
CA VAL A 79 18.56 9.52 6.07
C VAL A 79 18.95 10.58 7.12
N ASN A 80 18.04 10.80 8.06
CA ASN A 80 18.28 11.77 9.13
C ASN A 80 18.89 11.09 10.34
N THR A 81 18.94 9.76 10.29
CA THR A 81 19.50 8.99 11.38
C THR A 81 21.02 8.87 11.24
N VAL A 82 21.74 9.23 12.30
CA VAL A 82 23.20 9.16 12.29
C VAL A 82 23.67 7.71 12.43
N GLY B 18 -8.98 -12.09 -7.70
CA GLY B 18 -8.33 -11.41 -6.55
C GLY B 18 -8.40 -12.24 -5.29
N MET B 19 -9.14 -11.74 -4.30
CA MET B 19 -9.27 -12.44 -3.02
C MET B 19 -10.73 -12.55 -2.60
N SER B 20 -11.63 -12.63 -3.59
CA SER B 20 -13.05 -12.75 -3.30
C SER B 20 -13.33 -14.01 -2.50
N ALA B 21 -12.79 -15.13 -2.96
CA ALA B 21 -12.94 -16.42 -2.28
C ALA B 21 -12.38 -16.34 -0.86
N TRP B 22 -11.31 -15.57 -0.72
CA TRP B 22 -10.66 -15.39 0.58
C TRP B 22 -11.56 -14.58 1.50
N LEU B 23 -12.17 -13.54 0.96
CA LEU B 23 -13.06 -12.68 1.73
C LEU B 23 -14.40 -13.36 2.00
N ARG B 24 -14.79 -14.26 1.10
CA ARG B 24 -16.04 -15.02 1.25
C ARG B 24 -16.04 -15.84 2.54
N ALA B 25 -14.84 -16.11 3.04
CA ALA B 25 -14.68 -16.89 4.26
C ALA B 25 -15.42 -16.21 5.43
N ILE B 26 -15.44 -14.90 5.40
CA ILE B 26 -16.12 -14.12 6.43
C ILE B 26 -17.20 -13.22 5.82
N GLY B 27 -17.58 -13.57 4.59
CA GLY B 27 -18.59 -12.79 3.87
C GLY B 27 -18.28 -11.30 3.79
N LEU B 28 -17.04 -10.97 3.46
CA LEU B 28 -16.64 -9.57 3.35
C LEU B 28 -16.18 -9.25 1.93
N GLU B 29 -16.48 -10.14 1.00
CA GLU B 29 -16.09 -9.97 -0.42
C GLU B 29 -16.55 -8.62 -0.99
N ARG B 30 -17.55 -8.00 -0.39
CA ARG B 30 -18.05 -6.72 -0.88
C ARG B 30 -17.07 -5.58 -0.58
N TYR B 31 -16.11 -5.83 0.30
CA TYR B 31 -15.13 -4.80 0.66
C TYR B 31 -13.95 -4.78 -0.30
N GLU B 32 -13.70 -5.91 -0.99
CA GLU B 32 -12.61 -6.02 -1.96
C GLU B 32 -12.64 -4.86 -2.96
N GLU B 33 -13.84 -4.36 -3.23
CA GLU B 33 -14.05 -3.25 -4.15
C GLU B 33 -13.20 -2.05 -3.73
N GLY B 34 -13.27 -1.69 -2.45
CA GLY B 34 -12.52 -0.57 -1.94
C GLY B 34 -11.06 -0.90 -1.71
N LEU B 35 -10.77 -2.16 -1.41
CA LEU B 35 -9.40 -2.61 -1.15
C LEU B 35 -8.56 -2.67 -2.42
N VAL B 36 -9.03 -2.06 -3.49
CA VAL B 36 -8.31 -2.05 -4.76
C VAL B 36 -7.61 -0.71 -4.97
N HIS B 37 -8.19 0.35 -4.39
CA HIS B 37 -7.64 1.69 -4.55
C HIS B 37 -6.43 1.92 -3.65
N ASN B 38 -6.16 1.00 -2.73
CA ASN B 38 -5.03 1.14 -1.83
C ASN B 38 -3.96 0.09 -2.11
N GLY B 39 -4.24 -0.78 -3.07
CA GLY B 39 -3.30 -1.82 -3.43
C GLY B 39 -3.27 -2.95 -2.44
N TRP B 40 -4.44 -3.50 -2.13
CA TRP B 40 -4.53 -4.61 -1.19
C TRP B 40 -5.04 -5.85 -1.90
N ASP B 41 -4.87 -5.88 -3.22
CA ASP B 41 -5.30 -7.00 -4.03
C ASP B 41 -4.24 -8.11 -4.00
N ASP B 42 -3.22 -7.89 -3.20
CA ASP B 42 -2.13 -8.84 -3.04
C ASP B 42 -2.19 -9.45 -1.64
N LEU B 43 -2.50 -10.74 -1.58
CA LEU B 43 -2.65 -11.44 -0.30
C LEU B 43 -1.35 -11.47 0.52
N GLU B 44 -0.21 -11.47 -0.14
CA GLU B 44 1.07 -11.49 0.56
C GLU B 44 1.23 -10.23 1.40
N PHE B 45 1.09 -9.08 0.76
CA PHE B 45 1.22 -7.80 1.45
C PHE B 45 0.05 -7.59 2.39
N LEU B 46 -1.09 -8.17 2.05
CA LEU B 46 -2.29 -8.08 2.88
C LEU B 46 -2.04 -8.75 4.24
N SER B 47 -1.08 -9.66 4.26
CA SER B 47 -0.72 -10.37 5.49
C SER B 47 0.09 -9.48 6.42
N ASP B 48 0.38 -8.26 5.97
CA ASP B 48 1.14 -7.30 6.76
C ASP B 48 0.34 -6.02 6.97
N ILE B 49 -0.96 -6.12 6.73
CA ILE B 49 -1.86 -4.98 6.87
C ILE B 49 -2.02 -4.61 8.35
N THR B 50 -2.06 -3.32 8.64
CA THR B 50 -2.22 -2.84 10.00
C THR B 50 -3.66 -2.41 10.23
N GLU B 51 -3.97 -2.01 11.46
CA GLU B 51 -5.30 -1.54 11.78
C GLU B 51 -5.55 -0.17 11.17
N GLU B 52 -4.46 0.49 10.79
CA GLU B 52 -4.53 1.81 10.17
C GLU B 52 -5.03 1.67 8.73
N ASP B 53 -4.34 0.80 7.99
CA ASP B 53 -4.65 0.53 6.59
C ASP B 53 -6.12 0.19 6.39
N LEU B 54 -6.66 -0.69 7.25
CA LEU B 54 -8.08 -1.07 7.17
C LEU B 54 -8.96 0.17 7.07
N GLU B 55 -8.90 1.00 8.12
CA GLU B 55 -9.64 2.26 8.16
C GLU B 55 -9.58 3.01 6.83
N GLU B 56 -8.38 3.11 6.26
CA GLU B 56 -8.17 3.80 4.98
C GLU B 56 -9.00 3.18 3.85
N ALA B 57 -9.23 1.88 3.93
CA ALA B 57 -9.99 1.18 2.90
C ALA B 57 -11.49 1.23 3.19
N GLY B 58 -11.88 1.95 4.23
CA GLY B 58 -13.28 2.06 4.58
C GLY B 58 -13.68 1.14 5.71
N VAL B 59 -12.76 0.25 6.10
CA VAL B 59 -13.04 -0.70 7.17
C VAL B 59 -12.81 -0.04 8.52
N GLN B 60 -13.75 0.80 8.92
CA GLN B 60 -13.65 1.51 10.19
C GLN B 60 -14.44 0.80 11.28
N ASP B 61 -15.28 -0.15 10.89
CA ASP B 61 -16.10 -0.88 11.84
C ASP B 61 -15.24 -1.81 12.69
N PRO B 62 -15.40 -1.73 14.04
CA PRO B 62 -14.64 -2.54 14.98
C PRO B 62 -14.70 -4.03 14.69
N ALA B 63 -15.91 -4.58 14.61
CA ALA B 63 -16.10 -6.01 14.34
C ALA B 63 -15.47 -6.41 13.01
N HIS B 64 -15.66 -5.59 11.99
CA HIS B 64 -15.10 -5.87 10.67
C HIS B 64 -13.57 -5.92 10.73
N LYS B 65 -12.98 -4.99 11.48
CA LYS B 65 -11.52 -4.97 11.63
C LYS B 65 -11.05 -6.23 12.34
N ARG B 66 -11.73 -6.56 13.44
CA ARG B 66 -11.40 -7.75 14.22
C ARG B 66 -11.49 -9.00 13.36
N LEU B 67 -12.61 -9.15 12.65
CA LEU B 67 -12.84 -10.29 11.77
C LEU B 67 -11.75 -10.43 10.72
N LEU B 68 -11.44 -9.33 10.05
CA LEU B 68 -10.41 -9.37 9.01
C LEU B 68 -9.07 -9.82 9.58
N LEU B 69 -8.71 -9.27 10.74
CA LEU B 69 -7.46 -9.64 11.41
C LEU B 69 -7.41 -11.14 11.71
N ASP B 70 -8.56 -11.70 12.05
CA ASP B 70 -8.65 -13.13 12.35
C ASP B 70 -8.55 -13.94 11.06
N THR B 71 -9.17 -13.43 10.02
CA THR B 71 -9.16 -14.08 8.71
C THR B 71 -7.75 -14.24 8.18
N LEU B 72 -6.89 -13.27 8.47
CA LEU B 72 -5.48 -13.29 8.05
C LEU B 72 -4.82 -14.60 8.47
N GLN B 73 -5.26 -15.15 9.59
CA GLN B 73 -4.72 -16.40 10.08
C GLN B 73 -5.58 -17.57 9.61
N LEU B 74 -6.89 -17.43 9.82
CA LEU B 74 -7.87 -18.45 9.43
C LEU B 74 -7.66 -18.95 7.99
N SER B 75 -7.50 -18.03 7.05
CA SER B 75 -7.31 -18.42 5.65
C SER B 75 -5.91 -18.09 5.16
N LYS B 76 -5.06 -17.61 6.06
CA LYS B 76 -3.67 -17.26 5.72
C LYS B 76 -3.62 -16.24 4.58
N THR A 18 17.74 -1.53 -5.55
CA THR A 18 17.27 -0.60 -6.60
C THR A 18 15.82 -0.21 -6.40
N VAL A 19 15.32 0.67 -7.26
CA VAL A 19 13.94 1.15 -7.19
C VAL A 19 12.94 0.03 -7.46
N SER A 20 13.26 -0.82 -8.43
CA SER A 20 12.40 -1.95 -8.81
C SER A 20 12.12 -2.86 -7.62
N GLU A 21 13.16 -3.14 -6.85
CA GLU A 21 13.07 -4.01 -5.66
C GLU A 21 12.12 -3.44 -4.63
N TRP A 22 12.27 -2.16 -4.35
CA TRP A 22 11.44 -1.49 -3.36
C TRP A 22 9.97 -1.53 -3.77
N LEU A 23 9.70 -1.04 -4.98
CA LEU A 23 8.35 -1.02 -5.49
C LEU A 23 7.77 -2.43 -5.56
N GLU A 24 8.59 -3.38 -5.98
CA GLU A 24 8.14 -4.77 -6.06
C GLU A 24 7.71 -5.31 -4.69
N SER A 25 8.52 -5.05 -3.65
CA SER A 25 8.21 -5.50 -2.30
C SER A 25 6.92 -4.90 -1.76
N ILE A 26 6.68 -3.63 -2.04
CA ILE A 26 5.46 -2.99 -1.54
C ILE A 26 4.30 -3.25 -2.48
N LYS A 27 4.60 -3.96 -3.56
CA LYS A 27 3.63 -4.36 -4.57
C LYS A 27 3.14 -3.18 -5.43
N MET A 28 3.89 -2.08 -5.45
CA MET A 28 3.50 -0.92 -6.27
C MET A 28 4.32 -0.93 -7.55
N GLN A 29 4.74 -2.14 -7.94
CA GLN A 29 5.58 -2.35 -9.13
C GLN A 29 5.00 -1.77 -10.41
N GLN A 30 3.68 -1.76 -10.55
CA GLN A 30 3.05 -1.26 -11.76
C GLN A 30 3.04 0.27 -11.79
N TYR A 31 3.82 0.89 -10.93
CA TYR A 31 3.93 2.34 -10.90
C TYR A 31 5.37 2.77 -11.13
N THR A 32 6.22 1.79 -11.40
CA THR A 32 7.64 2.03 -11.67
C THR A 32 7.79 2.81 -12.97
N GLU A 33 6.91 2.50 -13.92
CA GLU A 33 6.92 3.14 -15.22
C GLU A 33 6.48 4.61 -15.13
N HIS A 34 6.28 5.10 -13.91
CA HIS A 34 5.86 6.47 -13.70
C HIS A 34 7.00 7.22 -13.01
N PHE A 35 7.62 6.54 -12.03
CA PHE A 35 8.74 7.09 -11.29
C PHE A 35 9.89 7.41 -12.23
N MET A 36 10.18 6.49 -13.13
CA MET A 36 11.26 6.64 -14.10
C MET A 36 11.02 7.83 -15.03
N ALA A 37 9.76 8.20 -15.25
CA ALA A 37 9.44 9.30 -16.14
C ALA A 37 9.67 10.63 -15.46
N ALA A 38 9.38 10.67 -14.17
CA ALA A 38 9.55 11.88 -13.40
C ALA A 38 11.03 12.15 -13.16
N GLY A 39 11.83 11.09 -13.18
CA GLY A 39 13.27 11.23 -12.97
C GLY A 39 13.76 10.54 -11.72
N TYR A 40 12.93 9.67 -11.14
CA TYR A 40 13.33 8.95 -9.93
C TYR A 40 13.84 7.57 -10.29
N THR A 41 15.02 7.54 -10.90
CA THR A 41 15.65 6.30 -11.34
C THR A 41 16.70 5.81 -10.34
N ALA A 42 16.70 6.36 -9.14
CA ALA A 42 17.68 5.97 -8.13
C ALA A 42 17.10 6.12 -6.73
N ILE A 43 17.63 5.31 -5.80
CA ILE A 43 17.18 5.31 -4.41
C ILE A 43 17.22 6.69 -3.75
N GLU A 44 18.32 7.43 -3.94
CA GLU A 44 18.44 8.75 -3.32
C GLU A 44 17.37 9.71 -3.82
N LYS A 45 17.07 9.65 -5.11
CA LYS A 45 16.03 10.50 -5.69
C LYS A 45 14.66 10.13 -5.13
N VAL A 46 14.47 8.83 -4.90
CA VAL A 46 13.21 8.33 -4.36
C VAL A 46 12.91 8.94 -2.99
N VAL A 47 13.94 9.11 -2.16
CA VAL A 47 13.74 9.68 -0.84
C VAL A 47 13.76 11.21 -0.87
N GLN A 48 14.09 11.77 -2.04
CA GLN A 48 14.12 13.21 -2.20
C GLN A 48 12.73 13.76 -2.41
N MET A 49 11.90 13.01 -3.13
CA MET A 49 10.52 13.40 -3.40
C MET A 49 9.73 13.54 -2.09
N THR A 50 8.47 13.94 -2.22
CA THR A 50 7.61 14.13 -1.07
C THR A 50 6.26 13.46 -1.29
N ASN A 51 5.42 13.49 -0.27
CA ASN A 51 4.09 12.88 -0.32
C ASN A 51 3.29 13.41 -1.52
N ASP A 52 3.29 14.73 -1.67
CA ASP A 52 2.55 15.36 -2.78
C ASP A 52 3.14 15.00 -4.14
N ASP A 53 4.45 14.76 -4.18
CA ASP A 53 5.12 14.39 -5.43
C ASP A 53 4.55 13.08 -5.96
N ILE A 54 4.19 12.19 -5.06
CA ILE A 54 3.60 10.90 -5.40
C ILE A 54 2.31 11.08 -6.18
N LYS A 55 1.63 12.17 -5.89
CA LYS A 55 0.35 12.45 -6.54
C LYS A 55 0.55 12.99 -7.95
N ARG A 56 1.73 13.53 -8.19
CA ARG A 56 2.05 14.10 -9.50
C ARG A 56 2.58 13.05 -10.47
N ILE A 57 3.32 12.08 -9.95
CA ILE A 57 3.91 11.04 -10.79
C ILE A 57 2.84 10.15 -11.44
N GLY A 58 1.61 10.27 -10.97
CA GLY A 58 0.54 9.48 -11.53
C GLY A 58 -0.48 9.08 -10.48
N VAL A 59 -0.06 8.18 -9.59
CA VAL A 59 -0.89 7.67 -8.50
C VAL A 59 -1.80 8.74 -7.87
N ARG A 60 -3.10 8.67 -8.15
CA ARG A 60 -4.05 9.61 -7.60
C ARG A 60 -5.09 8.91 -6.73
N LEU A 61 -4.71 7.76 -6.18
CA LEU A 61 -5.60 7.00 -5.33
C LEU A 61 -5.10 7.02 -3.90
N PRO A 62 -5.99 7.27 -2.94
CA PRO A 62 -5.65 7.37 -1.50
C PRO A 62 -4.90 6.17 -0.94
N GLY A 63 -5.44 4.98 -1.13
CA GLY A 63 -4.78 3.79 -0.62
C GLY A 63 -3.44 3.57 -1.29
N HIS A 64 -3.38 3.87 -2.59
CA HIS A 64 -2.16 3.71 -3.37
C HIS A 64 -1.14 4.74 -2.92
N GLN A 65 -1.67 5.84 -2.39
CA GLN A 65 -0.86 6.97 -1.93
C GLN A 65 -0.44 6.79 -0.48
N LYS A 66 -0.87 5.71 0.16
CA LYS A 66 -0.50 5.46 1.54
C LYS A 66 0.66 4.48 1.63
N ARG A 67 0.61 3.43 0.81
CA ARG A 67 1.68 2.44 0.78
C ARG A 67 3.02 3.07 0.49
N ILE A 68 3.08 3.86 -0.58
CA ILE A 68 4.30 4.52 -0.97
C ILE A 68 4.77 5.52 0.11
N ALA A 69 3.84 6.31 0.64
CA ALA A 69 4.15 7.30 1.67
C ALA A 69 4.71 6.62 2.92
N TYR A 70 4.13 5.49 3.28
CA TYR A 70 4.58 4.71 4.43
C TYR A 70 6.04 4.30 4.26
N SER A 71 6.35 3.74 3.11
CA SER A 71 7.69 3.27 2.82
C SER A 71 8.70 4.41 2.78
N LEU A 72 8.25 5.59 2.34
CA LEU A 72 9.16 6.74 2.25
C LEU A 72 9.72 7.08 3.63
N LEU A 73 8.87 6.94 4.66
CA LEU A 73 9.27 7.19 6.04
C LEU A 73 10.41 6.29 6.47
N GLY A 74 10.26 4.99 6.17
CA GLY A 74 11.29 4.03 6.55
C GLY A 74 12.58 4.27 5.79
N LEU A 75 12.46 4.61 4.51
CA LEU A 75 13.60 4.87 3.66
C LEU A 75 14.44 6.03 4.20
N LYS A 76 13.76 7.08 4.64
CA LYS A 76 14.43 8.26 5.19
C LYS A 76 15.12 7.92 6.52
N ASP A 77 14.51 7.01 7.27
CA ASP A 77 15.05 6.56 8.55
C ASP A 77 16.29 5.70 8.35
N GLN A 78 16.24 4.86 7.32
CA GLN A 78 17.36 3.98 7.00
C GLN A 78 18.61 4.78 6.68
N VAL A 79 18.44 5.88 5.94
CA VAL A 79 19.57 6.72 5.57
C VAL A 79 19.97 7.63 6.73
N ASN A 80 19.14 7.69 7.75
CA ASN A 80 19.42 8.52 8.92
C ASN A 80 20.16 7.70 9.96
N THR A 81 20.08 6.38 9.81
CA THR A 81 20.74 5.46 10.73
C THR A 81 22.21 5.29 10.35
N VAL A 82 23.06 5.30 11.37
CA VAL A 82 24.49 5.15 11.16
C VAL A 82 24.88 3.68 11.23
N GLY B 18 -7.19 -11.22 -6.99
CA GLY B 18 -5.80 -11.26 -6.49
C GLY B 18 -5.72 -11.84 -5.10
N MET B 19 -6.61 -11.39 -4.22
CA MET B 19 -6.65 -11.88 -2.86
C MET B 19 -8.02 -12.43 -2.53
N SER B 20 -8.84 -12.60 -3.56
CA SER B 20 -10.19 -13.13 -3.41
C SER B 20 -10.17 -14.47 -2.70
N ALA B 21 -9.41 -15.42 -3.27
CA ALA B 21 -9.26 -16.76 -2.69
C ALA B 21 -8.85 -16.68 -1.22
N TRP B 22 -8.06 -15.67 -0.89
CA TRP B 22 -7.59 -15.48 0.46
C TRP B 22 -8.72 -14.92 1.34
N LEU B 23 -9.43 -13.92 0.83
CA LEU B 23 -10.52 -13.30 1.56
C LEU B 23 -11.66 -14.29 1.77
N ARG B 24 -11.82 -15.24 0.84
CA ARG B 24 -12.85 -16.28 0.94
C ARG B 24 -12.71 -17.10 2.21
N ALA B 25 -11.57 -16.95 2.89
CA ALA B 25 -11.34 -17.68 4.14
C ALA B 25 -12.33 -17.22 5.21
N ILE B 26 -12.79 -15.98 5.07
CA ILE B 26 -13.75 -15.40 6.00
C ILE B 26 -14.93 -14.81 5.23
N GLY B 27 -15.05 -15.20 3.97
CA GLY B 27 -16.11 -14.71 3.11
C GLY B 27 -16.13 -13.20 2.97
N LEU B 28 -14.96 -12.58 2.85
CA LEU B 28 -14.88 -11.13 2.71
C LEU B 28 -14.34 -10.74 1.35
N GLU B 29 -14.40 -11.68 0.40
CA GLU B 29 -13.93 -11.43 -0.96
C GLU B 29 -14.81 -10.38 -1.64
N ARG B 30 -15.97 -10.16 -1.06
CA ARG B 30 -16.94 -9.20 -1.57
C ARG B 30 -16.40 -7.77 -1.43
N TYR B 31 -15.31 -7.60 -0.69
CA TYR B 31 -14.74 -6.28 -0.47
C TYR B 31 -13.42 -6.09 -1.22
N GLU B 32 -12.93 -7.15 -1.88
CA GLU B 32 -11.68 -7.06 -2.63
C GLU B 32 -11.67 -5.87 -3.58
N GLU B 33 -12.65 -5.82 -4.47
CA GLU B 33 -12.78 -4.73 -5.45
C GLU B 33 -12.63 -3.35 -4.81
N GLY B 34 -13.31 -3.13 -3.68
CA GLY B 34 -13.23 -1.84 -3.01
C GLY B 34 -11.84 -1.56 -2.48
N LEU B 35 -11.17 -2.59 -2.03
CA LEU B 35 -9.83 -2.47 -1.48
C LEU B 35 -8.81 -2.18 -2.59
N VAL B 36 -8.83 -3.01 -3.63
CA VAL B 36 -7.93 -2.87 -4.77
C VAL B 36 -7.98 -1.48 -5.41
N HIS B 37 -9.18 -0.95 -5.59
CA HIS B 37 -9.33 0.36 -6.22
C HIS B 37 -8.63 1.46 -5.42
N ASN B 38 -8.87 1.47 -4.11
CA ASN B 38 -8.26 2.46 -3.24
C ASN B 38 -6.75 2.34 -3.27
N GLY B 39 -6.28 1.12 -3.06
CA GLY B 39 -4.86 0.86 -3.05
C GLY B 39 -4.48 -0.08 -1.93
N TRP B 40 -5.22 -1.17 -1.82
CA TRP B 40 -4.97 -2.14 -0.78
C TRP B 40 -4.84 -3.54 -1.38
N ASP B 41 -4.48 -3.60 -2.67
CA ASP B 41 -4.32 -4.87 -3.36
C ASP B 41 -2.96 -5.48 -3.04
N ASP B 42 -2.22 -4.81 -2.18
CA ASP B 42 -0.90 -5.26 -1.76
C ASP B 42 -1.02 -6.15 -0.54
N LEU B 43 -0.87 -7.45 -0.72
CA LEU B 43 -0.95 -8.39 0.38
C LEU B 43 0.26 -8.25 1.30
N GLU B 44 1.36 -7.75 0.74
CA GLU B 44 2.59 -7.56 1.50
C GLU B 44 2.46 -6.43 2.52
N PHE B 45 1.86 -5.33 2.09
CA PHE B 45 1.67 -4.18 2.97
C PHE B 45 0.31 -4.21 3.64
N LEU B 46 -0.46 -5.26 3.41
CA LEU B 46 -1.79 -5.38 3.98
C LEU B 46 -1.73 -5.63 5.49
N SER B 47 -0.59 -6.12 5.95
CA SER B 47 -0.39 -6.39 7.37
C SER B 47 -0.31 -5.08 8.15
N ASP B 48 0.09 -4.00 7.46
CA ASP B 48 0.19 -2.69 8.07
C ASP B 48 -1.02 -1.86 7.68
N ILE B 49 -2.06 -1.94 8.50
CA ILE B 49 -3.29 -1.22 8.26
C ILE B 49 -4.02 -0.96 9.58
N THR B 50 -4.66 0.19 9.71
CA THR B 50 -5.36 0.53 10.94
C THR B 50 -6.86 0.34 10.78
N GLU B 51 -7.61 0.53 11.86
CA GLU B 51 -9.06 0.40 11.82
C GLU B 51 -9.68 1.50 10.97
N GLU B 52 -8.99 2.63 10.91
CA GLU B 52 -9.46 3.77 10.12
C GLU B 52 -9.18 3.52 8.65
N ASP B 53 -8.14 2.76 8.37
CA ASP B 53 -7.77 2.41 6.99
C ASP B 53 -8.65 1.29 6.46
N LEU B 54 -9.81 1.13 7.07
CA LEU B 54 -10.75 0.11 6.70
C LEU B 54 -12.01 0.79 6.19
N GLU B 55 -12.64 1.54 7.08
CA GLU B 55 -13.84 2.32 6.76
C GLU B 55 -13.66 3.12 5.46
N GLU B 56 -12.41 3.50 5.16
CA GLU B 56 -12.10 4.26 3.95
C GLU B 56 -12.45 3.45 2.69
N ALA B 57 -12.49 2.13 2.84
CA ALA B 57 -12.79 1.25 1.72
C ALA B 57 -14.23 0.75 1.80
N GLY B 58 -15.00 1.30 2.71
CA GLY B 58 -16.39 0.89 2.85
C GLY B 58 -16.62 -0.02 4.04
N VAL B 59 -15.53 -0.41 4.70
CA VAL B 59 -15.63 -1.29 5.86
C VAL B 59 -15.98 -0.48 7.10
N GLN B 60 -17.20 0.03 7.14
CA GLN B 60 -17.67 0.84 8.25
C GLN B 60 -18.50 0.01 9.24
N ASP B 61 -18.22 -1.28 9.27
CA ASP B 61 -18.93 -2.19 10.17
C ASP B 61 -17.96 -2.79 11.19
N PRO B 62 -18.34 -2.77 12.48
CA PRO B 62 -17.50 -3.29 13.57
C PRO B 62 -17.14 -4.77 13.41
N ALA B 63 -18.12 -5.57 12.98
CA ALA B 63 -17.89 -7.00 12.80
C ALA B 63 -16.90 -7.26 11.67
N HIS B 64 -17.07 -6.55 10.56
CA HIS B 64 -16.19 -6.70 9.40
C HIS B 64 -14.77 -6.26 9.74
N LYS B 65 -14.64 -5.18 10.50
CA LYS B 65 -13.32 -4.68 10.88
C LYS B 65 -12.64 -5.69 11.80
N ARG B 66 -13.34 -6.06 12.87
CA ARG B 66 -12.83 -7.04 13.83
C ARG B 66 -12.39 -8.32 13.10
N LEU B 67 -13.21 -8.75 12.14
CA LEU B 67 -12.93 -9.94 11.35
C LEU B 67 -11.66 -9.74 10.52
N LEU B 68 -11.52 -8.57 9.92
CA LEU B 68 -10.35 -8.27 9.10
C LEU B 68 -9.08 -8.35 9.92
N LEU B 69 -9.05 -7.65 11.06
CA LEU B 69 -7.89 -7.65 11.94
C LEU B 69 -7.51 -9.08 12.35
N ASP B 70 -8.51 -9.84 12.76
CA ASP B 70 -8.30 -11.24 13.17
C ASP B 70 -7.70 -12.06 12.03
N THR B 71 -8.21 -11.85 10.83
CA THR B 71 -7.73 -12.57 9.65
C THR B 71 -6.31 -12.12 9.28
N LEU B 72 -6.00 -10.85 9.51
CA LEU B 72 -4.67 -10.32 9.20
C LEU B 72 -3.61 -11.07 9.98
N GLN B 73 -3.82 -11.20 11.29
CA GLN B 73 -2.87 -11.91 12.15
C GLN B 73 -2.77 -13.38 11.72
N LEU B 74 -3.88 -13.92 11.26
CA LEU B 74 -3.95 -15.31 10.81
C LEU B 74 -3.11 -15.53 9.56
N SER B 75 -2.90 -14.47 8.79
CA SER B 75 -2.13 -14.57 7.55
C SER B 75 -0.74 -13.95 7.71
N LYS B 76 -0.57 -13.19 8.79
CA LYS B 76 0.68 -12.50 9.12
C LYS B 76 0.82 -11.19 8.33
N THR A 18 18.38 -0.61 -3.90
CA THR A 18 18.01 0.12 -5.13
C THR A 18 16.55 0.60 -5.05
N VAL A 19 16.22 1.56 -5.91
CA VAL A 19 14.87 2.13 -5.97
C VAL A 19 13.83 1.03 -6.21
N SER A 20 14.19 0.05 -7.02
CA SER A 20 13.30 -1.05 -7.35
C SER A 20 12.88 -1.81 -6.09
N GLU A 21 13.82 -2.10 -5.20
CA GLU A 21 13.54 -2.83 -3.96
C GLU A 21 12.56 -2.07 -3.07
N TRP A 22 12.69 -0.75 -3.07
CA TRP A 22 11.84 0.10 -2.25
C TRP A 22 10.39 0.04 -2.71
N LEU A 23 10.20 -0.05 -4.02
CA LEU A 23 8.86 -0.13 -4.58
C LEU A 23 8.40 -1.58 -4.65
N GLU A 24 9.35 -2.50 -4.77
CA GLU A 24 9.04 -3.93 -4.82
C GLU A 24 8.43 -4.39 -3.50
N SER A 25 9.06 -3.99 -2.39
CA SER A 25 8.60 -4.36 -1.05
C SER A 25 7.15 -3.98 -0.81
N ILE A 26 6.79 -2.74 -1.13
CA ILE A 26 5.43 -2.27 -0.92
C ILE A 26 4.50 -2.74 -2.03
N LYS A 27 5.06 -3.52 -2.95
CA LYS A 27 4.30 -4.10 -4.08
C LYS A 27 3.83 -3.03 -5.06
N MET A 28 4.68 -2.04 -5.31
CA MET A 28 4.37 -0.99 -6.25
C MET A 28 5.40 -1.00 -7.38
N GLN A 29 5.90 -2.20 -7.65
CA GLN A 29 6.92 -2.45 -8.67
C GLN A 29 6.52 -1.99 -10.07
N GLN A 30 5.24 -1.87 -10.37
CA GLN A 30 4.81 -1.45 -11.69
C GLN A 30 4.87 0.07 -11.86
N TYR A 31 5.14 0.76 -10.76
CA TYR A 31 5.22 2.22 -10.81
C TYR A 31 6.67 2.65 -10.93
N THR A 32 7.58 1.69 -10.79
CA THR A 32 9.01 1.98 -10.88
C THR A 32 9.35 2.65 -12.21
N GLU A 33 8.69 2.23 -13.27
CA GLU A 33 8.93 2.81 -14.59
C GLU A 33 8.57 4.30 -14.58
N HIS A 34 7.37 4.61 -14.11
CA HIS A 34 6.89 5.99 -14.00
C HIS A 34 7.87 6.84 -13.16
N PHE A 35 8.39 6.27 -12.09
CA PHE A 35 9.34 6.96 -11.21
C PHE A 35 10.61 7.36 -11.96
N MET A 36 11.17 6.40 -12.68
CA MET A 36 12.42 6.62 -13.42
C MET A 36 12.22 7.50 -14.64
N ALA A 37 10.98 7.82 -14.96
CA ALA A 37 10.69 8.65 -16.12
C ALA A 37 10.52 10.10 -15.69
N ALA A 38 10.34 10.30 -14.40
CA ALA A 38 10.18 11.63 -13.85
C ALA A 38 11.51 12.16 -13.34
N GLY A 39 12.53 11.31 -13.40
CA GLY A 39 13.85 11.70 -12.96
C GLY A 39 14.23 11.11 -11.61
N TYR A 40 13.28 10.46 -10.96
CA TYR A 40 13.55 9.87 -9.65
C TYR A 40 14.11 8.46 -9.82
N THR A 41 15.33 8.39 -10.34
CA THR A 41 16.01 7.13 -10.58
C THR A 41 17.05 6.88 -9.50
N ALA A 42 17.05 7.73 -8.48
CA ALA A 42 18.00 7.64 -7.39
C ALA A 42 17.31 7.90 -6.07
N ILE A 43 17.70 7.15 -5.04
CA ILE A 43 17.11 7.29 -3.71
C ILE A 43 17.11 8.73 -3.21
N GLU A 44 18.24 9.43 -3.39
CA GLU A 44 18.36 10.82 -2.94
C GLU A 44 17.30 11.71 -3.62
N LYS A 45 16.97 11.39 -4.86
CA LYS A 45 15.97 12.17 -5.59
C LYS A 45 14.57 11.75 -5.17
N VAL A 46 14.43 10.46 -4.85
CA VAL A 46 13.15 9.92 -4.43
C VAL A 46 12.74 10.53 -3.09
N VAL A 47 13.68 10.64 -2.18
CA VAL A 47 13.41 11.22 -0.87
C VAL A 47 13.23 12.73 -0.96
N GLN A 48 13.65 13.31 -2.08
CA GLN A 48 13.55 14.76 -2.27
C GLN A 48 12.15 15.16 -2.72
N MET A 49 11.45 14.23 -3.35
CA MET A 49 10.08 14.48 -3.82
C MET A 49 9.13 14.71 -2.65
N THR A 50 7.86 14.92 -2.95
CA THR A 50 6.87 15.15 -1.92
C THR A 50 5.64 14.27 -2.16
N ASN A 51 4.68 14.33 -1.23
CA ASN A 51 3.46 13.54 -1.34
C ASN A 51 2.73 13.82 -2.65
N ASP A 52 2.69 15.10 -3.05
CA ASP A 52 2.03 15.49 -4.29
C ASP A 52 2.71 14.85 -5.50
N ASP A 53 4.02 14.66 -5.42
CA ASP A 53 4.79 14.06 -6.51
C ASP A 53 4.27 12.68 -6.86
N ILE A 54 3.85 11.94 -5.85
CA ILE A 54 3.30 10.59 -6.03
C ILE A 54 2.13 10.61 -6.97
N LYS A 55 1.30 11.65 -6.86
CA LYS A 55 0.13 11.78 -7.70
C LYS A 55 0.55 12.28 -9.07
N ARG A 56 1.52 13.19 -9.08
CA ARG A 56 2.05 13.78 -10.30
C ARG A 56 2.64 12.72 -11.24
N ILE A 57 3.44 11.81 -10.67
CA ILE A 57 4.09 10.76 -11.46
C ILE A 57 3.13 9.68 -11.96
N GLY A 58 1.83 9.89 -11.76
CA GLY A 58 0.86 8.92 -12.22
C GLY A 58 -0.16 8.54 -11.17
N VAL A 59 0.25 7.62 -10.28
CA VAL A 59 -0.57 7.11 -9.17
C VAL A 59 -1.67 8.05 -8.71
N ARG A 60 -2.89 7.84 -9.21
CA ARG A 60 -4.03 8.66 -8.83
C ARG A 60 -4.85 7.98 -7.74
N LEU A 61 -4.54 6.72 -7.48
CA LEU A 61 -5.25 5.97 -6.45
C LEU A 61 -4.73 6.36 -5.07
N PRO A 62 -5.62 6.84 -4.19
CA PRO A 62 -5.25 7.27 -2.84
C PRO A 62 -4.57 6.16 -2.03
N GLY A 63 -5.09 4.95 -2.12
CA GLY A 63 -4.50 3.84 -1.39
C GLY A 63 -3.12 3.48 -1.89
N HIS A 64 -2.94 3.53 -3.19
CA HIS A 64 -1.63 3.23 -3.78
C HIS A 64 -0.66 4.34 -3.43
N GLN A 65 -1.22 5.53 -3.25
CA GLN A 65 -0.44 6.69 -2.87
C GLN A 65 0.08 6.48 -1.45
N LYS A 66 -0.88 6.40 -0.51
CA LYS A 66 -0.58 6.14 0.90
C LYS A 66 0.54 5.10 1.05
N ARG A 67 0.43 4.00 0.31
CA ARG A 67 1.45 2.94 0.35
C ARG A 67 2.84 3.53 0.07
N ILE A 68 2.95 4.22 -1.05
CA ILE A 68 4.20 4.85 -1.46
C ILE A 68 4.62 5.93 -0.45
N ALA A 69 3.66 6.77 -0.06
CA ALA A 69 3.91 7.84 0.90
C ALA A 69 4.46 7.29 2.22
N TYR A 70 3.88 6.18 2.68
CA TYR A 70 4.29 5.50 3.90
C TYR A 70 5.76 5.08 3.79
N SER A 71 6.10 4.49 2.65
CA SER A 71 7.45 4.05 2.39
C SER A 71 8.41 5.24 2.30
N LEU A 72 7.94 6.35 1.74
CA LEU A 72 8.75 7.55 1.61
C LEU A 72 9.18 8.07 2.98
N LEU A 73 8.25 8.06 3.94
CA LEU A 73 8.53 8.53 5.29
C LEU A 73 9.70 7.75 5.89
N GLY A 74 9.73 6.45 5.64
CA GLY A 74 10.80 5.61 6.15
C GLY A 74 12.15 6.05 5.61
N LEU A 75 12.21 6.27 4.30
CA LEU A 75 13.44 6.69 3.64
C LEU A 75 13.94 8.02 4.21
N LYS A 76 13.02 8.96 4.39
CA LYS A 76 13.37 10.28 4.92
C LYS A 76 13.97 10.15 6.32
N ASP A 77 13.33 9.34 7.15
CA ASP A 77 13.81 9.12 8.52
C ASP A 77 15.16 8.41 8.52
N GLN A 78 15.27 7.36 7.71
CA GLN A 78 16.49 6.57 7.62
C GLN A 78 17.69 7.41 7.19
N VAL A 79 17.50 8.30 6.22
CA VAL A 79 18.60 9.15 5.74
C VAL A 79 18.98 10.20 6.78
N ASN A 80 18.08 10.45 7.71
CA ASN A 80 18.33 11.44 8.77
C ASN A 80 18.95 10.77 9.98
N THR A 81 19.04 9.45 9.93
CA THR A 81 19.61 8.68 11.03
C THR A 81 21.12 8.52 10.85
N VAL A 82 21.85 8.48 11.95
CA VAL A 82 23.30 8.33 11.93
C VAL A 82 23.69 6.99 11.29
N GLY B 18 -7.38 -12.37 -7.18
CA GLY B 18 -8.29 -11.70 -6.23
C GLY B 18 -8.26 -12.34 -4.87
N MET B 19 -9.18 -11.92 -4.01
CA MET B 19 -9.26 -12.47 -2.66
C MET B 19 -10.71 -12.67 -2.27
N SER B 20 -11.58 -12.81 -3.26
CA SER B 20 -12.99 -13.02 -3.03
C SER B 20 -13.21 -14.28 -2.21
N ALA B 21 -12.66 -15.40 -2.70
CA ALA B 21 -12.77 -16.68 -2.01
C ALA B 21 -12.14 -16.60 -0.62
N TRP B 22 -11.11 -15.77 -0.50
CA TRP B 22 -10.42 -15.57 0.78
C TRP B 22 -11.32 -14.82 1.76
N LEU B 23 -11.93 -13.74 1.28
CA LEU B 23 -12.82 -12.93 2.11
C LEU B 23 -14.12 -13.67 2.38
N ARG B 24 -14.50 -14.55 1.46
CA ARG B 24 -15.70 -15.38 1.58
C ARG B 24 -15.65 -16.23 2.86
N ALA B 25 -14.46 -16.34 3.44
CA ALA B 25 -14.27 -17.12 4.67
C ALA B 25 -15.10 -16.53 5.82
N ILE B 26 -15.26 -15.21 5.78
CA ILE B 26 -16.04 -14.51 6.80
C ILE B 26 -17.11 -13.64 6.13
N GLY B 27 -17.44 -13.99 4.90
CA GLY B 27 -18.44 -13.25 4.13
C GLY B 27 -18.19 -11.75 4.11
N LEU B 28 -16.96 -11.36 3.78
CA LEU B 28 -16.61 -9.95 3.72
C LEU B 28 -16.14 -9.56 2.32
N GLU B 29 -16.37 -10.44 1.36
CA GLU B 29 -16.00 -10.22 -0.04
C GLU B 29 -16.54 -8.90 -0.59
N ARG B 30 -17.59 -8.38 0.03
CA ARG B 30 -18.21 -7.13 -0.41
C ARG B 30 -17.26 -5.95 -0.29
N TYR B 31 -16.21 -6.09 0.52
CA TYR B 31 -15.26 -5.01 0.70
C TYR B 31 -14.13 -5.03 -0.32
N GLU B 32 -13.86 -6.21 -0.92
CA GLU B 32 -12.82 -6.35 -1.94
C GLU B 32 -12.98 -5.28 -3.02
N GLU B 33 -14.22 -4.97 -3.33
CA GLU B 33 -14.57 -3.97 -4.34
C GLU B 33 -13.80 -2.66 -4.10
N GLY B 34 -13.84 -2.17 -2.87
CA GLY B 34 -13.14 -0.93 -2.55
C GLY B 34 -11.67 -1.12 -2.24
N LEU B 35 -11.27 -2.34 -1.91
CA LEU B 35 -9.88 -2.63 -1.55
C LEU B 35 -8.97 -2.67 -2.80
N VAL B 36 -9.44 -2.11 -3.90
CA VAL B 36 -8.67 -2.10 -5.14
C VAL B 36 -7.95 -0.75 -5.29
N HIS B 37 -8.51 0.29 -4.69
CA HIS B 37 -7.92 1.62 -4.77
C HIS B 37 -6.60 1.69 -4.00
N ASN B 38 -6.42 0.73 -3.09
CA ASN B 38 -5.22 0.68 -2.29
C ASN B 38 -4.37 -0.51 -2.70
N GLY B 39 -4.84 -1.24 -3.71
CA GLY B 39 -4.12 -2.41 -4.19
C GLY B 39 -3.90 -3.44 -3.10
N TRP B 40 -4.93 -3.68 -2.30
CA TRP B 40 -4.84 -4.64 -1.22
C TRP B 40 -5.20 -6.03 -1.71
N ASP B 41 -5.15 -6.21 -3.03
CA ASP B 41 -5.46 -7.49 -3.65
C ASP B 41 -4.31 -8.45 -3.41
N ASP B 42 -3.14 -7.90 -3.09
CA ASP B 42 -1.97 -8.70 -2.80
C ASP B 42 -2.07 -9.19 -1.37
N LEU B 43 -2.51 -10.44 -1.23
CA LEU B 43 -2.69 -11.06 0.08
C LEU B 43 -1.37 -11.11 0.86
N GLU B 44 -0.26 -11.05 0.15
CA GLU B 44 1.06 -11.08 0.77
C GLU B 44 1.26 -9.86 1.67
N PHE B 45 1.22 -8.67 1.09
CA PHE B 45 1.41 -7.45 1.86
C PHE B 45 0.20 -7.21 2.77
N LEU B 46 -0.96 -7.76 2.38
CA LEU B 46 -2.17 -7.63 3.17
C LEU B 46 -2.01 -8.33 4.52
N SER B 47 -1.11 -9.31 4.57
CA SER B 47 -0.84 -10.04 5.79
C SER B 47 -0.07 -9.17 6.79
N ASP B 48 0.52 -8.09 6.27
CA ASP B 48 1.31 -7.17 7.10
C ASP B 48 0.58 -5.84 7.25
N ILE B 49 -0.73 -5.84 7.03
CA ILE B 49 -1.52 -4.63 7.15
C ILE B 49 -1.80 -4.32 8.62
N THR B 50 -2.07 -3.06 8.92
CA THR B 50 -2.36 -2.67 10.29
C THR B 50 -3.85 -2.41 10.46
N GLU B 51 -4.27 -2.19 11.69
CA GLU B 51 -5.66 -1.91 11.99
C GLU B 51 -5.95 -0.43 11.77
N GLU B 52 -5.01 0.25 11.11
CA GLU B 52 -5.14 1.66 10.81
C GLU B 52 -4.95 1.89 9.31
N ASP B 53 -5.42 0.93 8.52
CA ASP B 53 -5.28 1.00 7.07
C ASP B 53 -6.59 0.67 6.37
N LEU B 54 -7.30 -0.33 6.90
CA LEU B 54 -8.56 -0.78 6.33
C LEU B 54 -9.55 0.37 6.14
N GLU B 55 -9.69 1.20 7.17
CA GLU B 55 -10.59 2.37 7.14
C GLU B 55 -10.58 3.13 5.82
N GLU B 56 -9.40 3.31 5.22
CA GLU B 56 -9.29 4.04 3.97
C GLU B 56 -10.09 3.38 2.84
N ALA B 57 -10.22 2.06 2.90
CA ALA B 57 -10.97 1.33 1.88
C ALA B 57 -12.47 1.34 2.19
N GLY B 58 -12.81 1.91 3.34
CA GLY B 58 -14.20 1.98 3.74
C GLY B 58 -14.48 1.16 4.98
N VAL B 59 -13.51 0.35 5.37
CA VAL B 59 -13.67 -0.50 6.55
C VAL B 59 -13.36 0.30 7.81
N GLN B 60 -14.26 1.20 8.17
CA GLN B 60 -14.09 2.03 9.37
C GLN B 60 -14.92 1.47 10.50
N ASP B 61 -15.42 0.26 10.31
CA ASP B 61 -16.25 -0.39 11.31
C ASP B 61 -15.39 -1.25 12.24
N PRO B 62 -15.65 -1.17 13.56
CA PRO B 62 -14.89 -1.94 14.57
C PRO B 62 -14.92 -3.44 14.31
N ALA B 63 -16.12 -4.02 14.21
CA ALA B 63 -16.26 -5.45 13.98
C ALA B 63 -15.63 -5.89 12.67
N HIS B 64 -15.91 -5.15 11.60
CA HIS B 64 -15.36 -5.48 10.28
C HIS B 64 -13.84 -5.51 10.31
N LYS B 65 -13.22 -4.52 10.95
CA LYS B 65 -11.78 -4.46 11.04
C LYS B 65 -11.25 -5.62 11.87
N ARG B 66 -11.93 -5.90 12.98
CA ARG B 66 -11.53 -6.99 13.86
C ARG B 66 -11.62 -8.32 13.13
N LEU B 67 -12.75 -8.58 12.48
CA LEU B 67 -12.97 -9.81 11.73
C LEU B 67 -11.90 -10.01 10.66
N LEU B 68 -11.58 -8.95 9.91
CA LEU B 68 -10.57 -9.03 8.88
C LEU B 68 -9.22 -9.41 9.48
N LEU B 69 -8.89 -8.80 10.61
CA LEU B 69 -7.64 -9.07 11.30
C LEU B 69 -7.54 -10.53 11.72
N ASP B 70 -8.67 -11.10 12.13
CA ASP B 70 -8.71 -12.49 12.55
C ASP B 70 -8.59 -13.41 11.35
N THR B 71 -9.18 -12.99 10.24
CA THR B 71 -9.14 -13.77 9.01
C THR B 71 -7.72 -13.87 8.47
N LEU B 72 -6.91 -12.82 8.73
CA LEU B 72 -5.52 -12.80 8.30
C LEU B 72 -4.76 -13.98 8.90
N GLN B 73 -5.19 -14.39 10.09
CA GLN B 73 -4.58 -15.51 10.78
C GLN B 73 -5.22 -16.82 10.32
N LEU B 74 -6.54 -16.91 10.53
CA LEU B 74 -7.32 -18.09 10.14
C LEU B 74 -6.96 -18.63 8.76
N SER B 75 -7.12 -17.81 7.74
CA SER B 75 -6.82 -18.23 6.38
C SER B 75 -5.34 -18.05 6.06
N LYS B 76 -4.79 -16.92 6.52
CA LYS B 76 -3.38 -16.58 6.29
C LYS B 76 -3.07 -16.51 4.80
N THR A 18 17.66 -1.17 -2.60
CA THR A 18 17.42 -0.42 -3.85
C THR A 18 15.96 -0.02 -3.98
N VAL A 19 15.65 0.77 -5.01
CA VAL A 19 14.30 1.25 -5.27
C VAL A 19 13.30 0.10 -5.40
N SER A 20 13.71 -0.96 -6.07
CA SER A 20 12.87 -2.13 -6.29
C SER A 20 12.38 -2.72 -4.97
N GLU A 21 13.28 -2.89 -4.03
CA GLU A 21 12.95 -3.46 -2.72
C GLU A 21 11.98 -2.56 -1.97
N TRP A 22 12.17 -1.26 -2.12
CA TRP A 22 11.32 -0.27 -1.46
C TRP A 22 9.91 -0.32 -2.02
N LEU A 23 9.81 -0.39 -3.34
CA LEU A 23 8.53 -0.44 -4.01
C LEU A 23 7.84 -1.79 -3.78
N GLU A 24 8.59 -2.82 -3.45
CA GLU A 24 8.03 -4.13 -3.22
C GLU A 24 7.44 -4.19 -1.82
N SER A 25 8.11 -3.51 -0.88
CA SER A 25 7.66 -3.48 0.51
C SER A 25 6.21 -3.00 0.64
N ILE A 26 5.79 -2.13 -0.27
CA ILE A 26 4.43 -1.59 -0.26
C ILE A 26 3.59 -2.19 -1.38
N LYS A 27 4.22 -3.08 -2.15
CA LYS A 27 3.57 -3.76 -3.28
C LYS A 27 3.14 -2.80 -4.38
N MET A 28 4.05 -1.89 -4.71
CA MET A 28 3.81 -0.90 -5.77
C MET A 28 4.90 -1.07 -6.82
N GLN A 29 5.46 -2.29 -6.85
CA GLN A 29 6.55 -2.62 -7.75
C GLN A 29 6.22 -2.43 -9.23
N GLN A 30 4.94 -2.44 -9.61
CA GLN A 30 4.60 -2.25 -11.02
C GLN A 30 4.55 -0.77 -11.38
N TYR A 31 4.83 0.10 -10.41
CA TYR A 31 4.83 1.53 -10.65
C TYR A 31 6.25 2.04 -10.89
N THR A 32 7.20 1.11 -10.90
CA THR A 32 8.61 1.45 -11.13
C THR A 32 8.80 2.02 -12.52
N GLU A 33 7.96 1.56 -13.44
CA GLU A 33 7.99 1.99 -14.83
C GLU A 33 7.57 3.45 -14.99
N HIS A 34 7.31 4.15 -13.88
CA HIS A 34 6.90 5.52 -13.93
C HIS A 34 7.94 6.34 -13.15
N PHE A 35 8.35 5.81 -12.00
CA PHE A 35 9.37 6.45 -11.16
C PHE A 35 10.64 6.69 -11.95
N MET A 36 11.05 5.65 -12.68
CA MET A 36 12.26 5.69 -13.48
C MET A 36 12.14 6.70 -14.61
N ALA A 37 10.97 6.77 -15.23
CA ALA A 37 10.74 7.70 -16.34
C ALA A 37 10.65 9.14 -15.87
N ALA A 38 10.27 9.34 -14.61
CA ALA A 38 10.15 10.67 -14.04
C ALA A 38 11.51 11.22 -13.62
N GLY A 39 12.51 10.35 -13.65
CA GLY A 39 13.86 10.76 -13.29
C GLY A 39 14.33 10.19 -11.97
N TYR A 40 13.44 9.46 -11.28
CA TYR A 40 13.80 8.87 -10.01
C TYR A 40 14.39 7.48 -10.23
N THR A 41 15.64 7.47 -10.67
CA THR A 41 16.35 6.23 -10.96
C THR A 41 17.28 5.83 -9.82
N ALA A 42 17.25 6.59 -8.73
CA ALA A 42 18.10 6.31 -7.59
C ALA A 42 17.46 6.84 -6.30
N ILE A 43 17.94 6.33 -5.17
CA ILE A 43 17.42 6.67 -3.85
C ILE A 43 17.44 8.18 -3.57
N GLU A 44 18.53 8.86 -3.90
CA GLU A 44 18.64 10.30 -3.63
C GLU A 44 17.52 11.08 -4.33
N LYS A 45 17.22 10.71 -5.56
CA LYS A 45 16.16 11.37 -6.30
C LYS A 45 14.80 11.04 -5.70
N VAL A 46 14.64 9.80 -5.27
CA VAL A 46 13.39 9.33 -4.66
C VAL A 46 13.07 10.11 -3.39
N VAL A 47 14.11 10.49 -2.62
CA VAL A 47 13.88 11.24 -1.39
C VAL A 47 13.70 12.73 -1.66
N GLN A 48 14.02 13.16 -2.87
CA GLN A 48 13.89 14.56 -3.25
C GLN A 48 12.45 14.89 -3.65
N MET A 49 11.75 13.88 -4.17
CA MET A 49 10.36 14.06 -4.59
C MET A 49 9.47 14.50 -3.43
N THR A 50 8.26 14.94 -3.77
CA THR A 50 7.33 15.41 -2.76
C THR A 50 6.06 14.55 -2.77
N ASN A 51 5.16 14.82 -1.84
CA ASN A 51 3.91 14.06 -1.72
C ASN A 51 3.08 14.12 -3.00
N ASP A 52 2.96 15.30 -3.59
CA ASP A 52 2.18 15.46 -4.82
C ASP A 52 2.86 14.78 -6.01
N ASP A 53 4.17 14.59 -5.91
CA ASP A 53 4.95 13.96 -6.98
C ASP A 53 4.46 12.55 -7.23
N ILE A 54 4.05 11.88 -6.17
CA ILE A 54 3.51 10.52 -6.24
C ILE A 54 2.35 10.44 -7.19
N LYS A 55 1.58 11.51 -7.21
CA LYS A 55 0.41 11.58 -8.07
C LYS A 55 0.81 12.01 -9.47
N ARG A 56 1.76 12.93 -9.52
CA ARG A 56 2.28 13.46 -10.77
C ARG A 56 2.95 12.36 -11.59
N ILE A 57 3.61 11.43 -10.92
CA ILE A 57 4.29 10.33 -11.59
C ILE A 57 3.31 9.23 -12.04
N GLY A 58 2.03 9.42 -11.75
CA GLY A 58 1.04 8.43 -12.15
C GLY A 58 -0.03 8.18 -11.13
N VAL A 59 0.31 7.34 -10.13
CA VAL A 59 -0.60 6.96 -9.03
C VAL A 59 -1.65 8.01 -8.66
N ARG A 60 -2.85 7.83 -9.20
CA ARG A 60 -3.95 8.76 -8.91
C ARG A 60 -4.87 8.20 -7.82
N LEU A 61 -4.59 6.97 -7.39
CA LEU A 61 -5.40 6.35 -6.34
C LEU A 61 -4.91 6.81 -4.97
N PRO A 62 -5.80 7.46 -4.18
CA PRO A 62 -5.45 8.00 -2.85
C PRO A 62 -4.82 6.99 -1.91
N GLY A 63 -5.41 5.82 -1.79
CA GLY A 63 -4.88 4.80 -0.92
C GLY A 63 -3.52 4.30 -1.36
N HIS A 64 -3.33 4.18 -2.69
CA HIS A 64 -2.06 3.73 -3.25
C HIS A 64 -0.99 4.78 -2.95
N GLN A 65 -1.45 6.01 -2.82
CA GLN A 65 -0.57 7.14 -2.55
C GLN A 65 0.01 7.04 -1.14
N LYS A 66 -0.88 7.12 -0.15
CA LYS A 66 -0.50 6.99 1.27
C LYS A 66 0.60 5.95 1.50
N ARG A 67 0.47 4.78 0.87
CA ARG A 67 1.45 3.72 1.04
C ARG A 67 2.84 4.18 0.61
N ILE A 68 2.91 4.82 -0.54
CA ILE A 68 4.16 5.34 -1.07
C ILE A 68 4.65 6.53 -0.25
N ALA A 69 3.77 7.49 -0.03
CA ALA A 69 4.10 8.71 0.72
C ALA A 69 4.60 8.40 2.14
N TYR A 70 3.97 7.41 2.79
CA TYR A 70 4.35 7.03 4.15
C TYR A 70 5.76 6.44 4.15
N SER A 71 6.03 5.58 3.20
CA SER A 71 7.33 4.95 3.06
C SER A 71 8.43 5.96 2.68
N LEU A 72 8.04 7.03 2.00
CA LEU A 72 8.98 8.08 1.61
C LEU A 72 9.57 8.75 2.83
N LEU A 73 8.72 9.03 3.82
CA LEU A 73 9.14 9.67 5.07
C LEU A 73 10.30 8.90 5.71
N GLY A 74 10.22 7.57 5.64
CA GLY A 74 11.26 6.73 6.21
C GLY A 74 12.60 6.92 5.55
N LEU A 75 12.60 6.96 4.22
CA LEU A 75 13.83 7.14 3.46
C LEU A 75 14.46 8.50 3.76
N LYS A 76 13.63 9.53 3.77
CA LYS A 76 14.09 10.89 4.04
C LYS A 76 14.77 11.00 5.40
N ASP A 77 14.18 10.36 6.39
CA ASP A 77 14.73 10.37 7.75
C ASP A 77 15.96 9.48 7.87
N GLN A 78 15.90 8.31 7.25
CA GLN A 78 17.00 7.34 7.32
C GLN A 78 18.26 7.87 6.67
N VAL A 79 18.12 8.59 5.55
CA VAL A 79 19.28 9.14 4.85
C VAL A 79 19.90 10.28 5.66
N ASN A 80 19.16 10.79 6.63
CA ASN A 80 19.65 11.88 7.48
C ASN A 80 20.15 11.34 8.80
N THR A 81 20.09 10.03 8.96
CA THR A 81 20.54 9.39 10.19
C THR A 81 22.03 9.10 10.12
N VAL A 82 22.70 9.13 11.26
CA VAL A 82 24.12 8.86 11.33
C VAL A 82 24.35 7.40 11.66
N GLY B 18 -6.60 -11.17 -7.64
CA GLY B 18 -7.59 -10.63 -6.69
C GLY B 18 -7.72 -11.48 -5.44
N MET B 19 -8.49 -11.00 -4.48
CA MET B 19 -8.69 -11.71 -3.23
C MET B 19 -10.17 -11.90 -2.95
N SER B 20 -10.99 -11.76 -3.98
CA SER B 20 -12.44 -11.92 -3.87
C SER B 20 -12.76 -13.31 -3.30
N ALA B 21 -12.22 -14.34 -3.96
CA ALA B 21 -12.41 -15.72 -3.53
C ALA B 21 -11.92 -15.91 -2.10
N TRP B 22 -10.90 -15.15 -1.71
CA TRP B 22 -10.35 -15.22 -0.37
C TRP B 22 -11.33 -14.62 0.64
N LEU B 23 -11.76 -13.39 0.38
CA LEU B 23 -12.69 -12.69 1.26
C LEU B 23 -13.99 -13.48 1.43
N ARG B 24 -14.35 -14.26 0.40
CA ARG B 24 -15.55 -15.11 0.45
C ARG B 24 -15.52 -16.04 1.67
N ALA B 25 -14.32 -16.33 2.16
CA ALA B 25 -14.14 -17.20 3.33
C ALA B 25 -15.00 -16.71 4.50
N ILE B 26 -15.12 -15.39 4.62
CA ILE B 26 -15.93 -14.79 5.68
C ILE B 26 -17.03 -13.93 5.07
N GLY B 27 -17.37 -14.26 3.82
CA GLY B 27 -18.40 -13.55 3.09
C GLY B 27 -18.20 -12.04 3.08
N LEU B 28 -16.95 -11.60 3.06
CA LEU B 28 -16.66 -10.16 3.07
C LEU B 28 -16.12 -9.71 1.71
N GLU B 29 -16.29 -10.57 0.71
CA GLU B 29 -15.84 -10.31 -0.67
C GLU B 29 -16.31 -8.94 -1.18
N ARG B 30 -17.47 -8.50 -0.70
CA ARG B 30 -18.05 -7.23 -1.13
C ARG B 30 -17.21 -6.04 -0.66
N TYR B 31 -16.21 -6.29 0.17
CA TYR B 31 -15.36 -5.22 0.66
C TYR B 31 -14.15 -4.99 -0.25
N GLU B 32 -13.79 -6.00 -1.05
CA GLU B 32 -12.65 -5.88 -1.99
C GLU B 32 -12.85 -4.69 -2.92
N GLU B 33 -14.10 -4.32 -3.12
CA GLU B 33 -14.47 -3.21 -3.98
C GLU B 33 -13.75 -1.94 -3.54
N GLY B 34 -13.86 -1.64 -2.25
CA GLY B 34 -13.21 -0.46 -1.70
C GLY B 34 -11.77 -0.71 -1.29
N LEU B 35 -11.32 -1.95 -1.39
CA LEU B 35 -9.96 -2.31 -1.01
C LEU B 35 -9.02 -2.32 -2.23
N VAL B 36 -9.46 -1.70 -3.32
CA VAL B 36 -8.65 -1.67 -4.53
C VAL B 36 -7.82 -0.39 -4.64
N HIS B 37 -8.45 0.74 -4.29
CA HIS B 37 -7.81 2.04 -4.40
C HIS B 37 -6.68 2.26 -3.38
N ASN B 38 -6.40 1.27 -2.54
CA ASN B 38 -5.34 1.46 -1.54
C ASN B 38 -4.13 0.57 -1.79
N GLY B 39 -4.14 -0.20 -2.86
CA GLY B 39 -3.00 -1.04 -3.16
C GLY B 39 -3.06 -2.40 -2.51
N TRP B 40 -4.26 -2.86 -2.18
CA TRP B 40 -4.42 -4.17 -1.57
C TRP B 40 -4.51 -5.22 -2.67
N ASP B 41 -3.67 -5.05 -3.68
CA ASP B 41 -3.61 -5.94 -4.83
C ASP B 41 -2.91 -7.24 -4.47
N ASP B 42 -2.00 -7.15 -3.51
CA ASP B 42 -1.26 -8.32 -3.05
C ASP B 42 -1.62 -8.62 -1.60
N LEU B 43 -2.00 -9.86 -1.34
CA LEU B 43 -2.38 -10.28 0.00
C LEU B 43 -1.19 -10.27 0.95
N GLU B 44 0.02 -10.32 0.39
CA GLU B 44 1.23 -10.30 1.21
C GLU B 44 1.29 -9.02 2.02
N PHE B 45 0.93 -7.91 1.39
CA PHE B 45 0.94 -6.62 2.07
C PHE B 45 -0.27 -6.49 2.98
N LEU B 46 -1.35 -7.16 2.62
CA LEU B 46 -2.58 -7.12 3.41
C LEU B 46 -2.41 -7.89 4.71
N SER B 47 -1.37 -8.71 4.77
CA SER B 47 -1.09 -9.50 5.97
C SER B 47 -0.40 -8.62 7.03
N ASP B 48 -0.04 -7.42 6.61
CA ASP B 48 0.63 -6.46 7.48
C ASP B 48 -0.28 -5.26 7.72
N ILE B 49 -1.57 -5.44 7.44
CA ILE B 49 -2.54 -4.37 7.60
C ILE B 49 -2.89 -4.15 9.08
N THR B 50 -3.25 -2.92 9.41
CA THR B 50 -3.61 -2.57 10.77
C THR B 50 -5.09 -2.22 10.84
N GLU B 51 -5.59 -1.99 12.05
CA GLU B 51 -6.99 -1.62 12.23
C GLU B 51 -7.22 -0.23 11.66
N GLU B 52 -6.14 0.55 11.62
CA GLU B 52 -6.18 1.91 11.10
C GLU B 52 -6.34 1.88 9.59
N ASP B 53 -5.42 1.18 8.93
CA ASP B 53 -5.44 1.06 7.47
C ASP B 53 -6.79 0.57 6.98
N LEU B 54 -7.36 -0.42 7.67
CA LEU B 54 -8.66 -0.97 7.30
C LEU B 54 -9.73 0.12 7.20
N GLU B 55 -9.97 0.81 8.32
CA GLU B 55 -10.97 1.89 8.38
C GLU B 55 -10.94 2.82 7.16
N GLU B 56 -9.76 3.11 6.63
CA GLU B 56 -9.61 3.98 5.46
C GLU B 56 -10.37 3.45 4.25
N ALA B 57 -10.40 2.13 4.10
CA ALA B 57 -11.08 1.51 2.98
C ALA B 57 -12.58 1.40 3.20
N GLY B 58 -13.03 1.88 4.36
CA GLY B 58 -14.45 1.84 4.66
C GLY B 58 -14.78 0.79 5.69
N VAL B 59 -13.76 0.13 6.22
CA VAL B 59 -13.96 -0.90 7.24
C VAL B 59 -14.04 -0.27 8.62
N GLN B 60 -15.06 0.56 8.82
CA GLN B 60 -15.25 1.23 10.10
C GLN B 60 -16.29 0.49 10.94
N ASP B 61 -16.11 -0.82 11.04
CA ASP B 61 -17.01 -1.66 11.81
C ASP B 61 -16.19 -2.64 12.65
N PRO B 62 -16.50 -2.76 13.95
CA PRO B 62 -15.79 -3.67 14.87
C PRO B 62 -15.76 -5.11 14.37
N ALA B 63 -16.93 -5.68 14.08
CA ALA B 63 -17.01 -7.06 13.61
C ALA B 63 -16.26 -7.26 12.31
N HIS B 64 -16.45 -6.35 11.36
CA HIS B 64 -15.79 -6.43 10.06
C HIS B 64 -14.27 -6.45 10.23
N LYS B 65 -13.75 -5.56 11.08
CA LYS B 65 -12.32 -5.49 11.34
C LYS B 65 -11.84 -6.76 12.02
N ARG B 66 -12.55 -7.15 13.07
CA ARG B 66 -12.21 -8.35 13.83
C ARG B 66 -12.18 -9.57 12.93
N LEU B 67 -13.24 -9.78 12.16
CA LEU B 67 -13.35 -10.91 11.24
C LEU B 67 -12.18 -10.94 10.27
N LEU B 68 -11.83 -9.78 9.71
CA LEU B 68 -10.72 -9.70 8.76
C LEU B 68 -9.43 -10.12 9.44
N LEU B 69 -9.20 -9.60 10.65
CA LEU B 69 -8.00 -9.93 11.41
C LEU B 69 -7.92 -11.43 11.68
N ASP B 70 -9.07 -12.04 11.99
CA ASP B 70 -9.12 -13.47 12.25
C ASP B 70 -8.81 -14.25 10.98
N THR B 71 -9.31 -13.75 9.86
CA THR B 71 -9.10 -14.39 8.56
C THR B 71 -7.62 -14.36 8.17
N LEU B 72 -6.94 -13.28 8.55
CA LEU B 72 -5.51 -13.14 8.25
C LEU B 72 -4.73 -14.32 8.80
N GLN B 73 -5.02 -14.67 10.05
CA GLN B 73 -4.35 -15.78 10.71
C GLN B 73 -4.71 -17.11 10.06
N LEU B 74 -6.00 -17.31 9.78
CA LEU B 74 -6.47 -18.53 9.15
C LEU B 74 -5.88 -18.74 7.75
N SER B 75 -5.47 -17.66 7.11
CA SER B 75 -4.90 -17.75 5.76
C SER B 75 -3.37 -17.84 5.81
N LYS B 76 -2.76 -16.94 6.57
CA LYS B 76 -1.30 -16.86 6.71
C LYS B 76 -0.66 -16.27 5.44
N THR A 18 18.36 -0.87 -3.84
CA THR A 18 17.97 -0.32 -5.16
C THR A 18 16.55 0.24 -5.11
N VAL A 19 16.19 0.97 -6.15
CA VAL A 19 14.85 1.55 -6.26
C VAL A 19 13.82 0.44 -6.37
N SER A 20 14.18 -0.62 -7.10
CA SER A 20 13.30 -1.76 -7.30
C SER A 20 12.93 -2.40 -5.95
N GLU A 21 13.92 -2.56 -5.08
CA GLU A 21 13.73 -3.16 -3.75
C GLU A 21 12.73 -2.35 -2.94
N TRP A 22 12.73 -1.04 -3.16
CA TRP A 22 11.85 -0.13 -2.45
C TRP A 22 10.43 -0.21 -3.01
N LEU A 23 10.31 -0.53 -4.29
CA LEU A 23 9.01 -0.61 -4.95
C LEU A 23 8.42 -2.02 -4.87
N GLU A 24 9.25 -3.04 -4.72
CA GLU A 24 8.77 -4.41 -4.66
C GLU A 24 8.15 -4.73 -3.29
N SER A 25 8.79 -4.27 -2.23
CA SER A 25 8.32 -4.50 -0.86
C SER A 25 6.91 -4.01 -0.61
N ILE A 26 6.51 -2.94 -1.28
CA ILE A 26 5.20 -2.38 -1.07
C ILE A 26 4.27 -2.85 -2.17
N LYS A 27 4.82 -3.68 -3.05
CA LYS A 27 4.09 -4.24 -4.18
C LYS A 27 3.58 -3.15 -5.12
N MET A 28 4.47 -2.23 -5.50
CA MET A 28 4.13 -1.14 -6.42
C MET A 28 5.18 -1.05 -7.50
N GLN A 29 5.58 -2.22 -8.01
CA GLN A 29 6.62 -2.33 -9.02
C GLN A 29 6.27 -1.64 -10.33
N GLN A 30 4.98 -1.47 -10.65
CA GLN A 30 4.58 -0.84 -11.90
C GLN A 30 4.82 0.67 -11.90
N TYR A 31 5.33 1.20 -10.79
CA TYR A 31 5.61 2.62 -10.71
C TYR A 31 7.05 2.92 -11.07
N THR A 32 7.82 1.86 -11.34
CA THR A 32 9.21 2.01 -11.72
C THR A 32 9.30 2.76 -13.05
N GLU A 33 8.38 2.42 -13.95
CA GLU A 33 8.30 3.04 -15.27
C GLU A 33 7.45 4.29 -15.17
N HIS A 34 7.68 5.05 -14.12
CA HIS A 34 6.95 6.28 -13.83
C HIS A 34 7.84 7.19 -13.01
N PHE A 35 8.33 6.64 -11.90
CA PHE A 35 9.22 7.37 -11.01
C PHE A 35 10.54 7.66 -11.69
N MET A 36 11.04 6.69 -12.44
CA MET A 36 12.31 6.81 -13.13
C MET A 36 12.19 7.69 -14.37
N ALA A 37 10.96 7.93 -14.81
CA ALA A 37 10.72 8.76 -15.97
C ALA A 37 10.69 10.23 -15.58
N ALA A 38 10.43 10.47 -14.30
CA ALA A 38 10.37 11.81 -13.76
C ALA A 38 11.75 12.28 -13.34
N GLY A 39 12.74 11.43 -13.53
CA GLY A 39 14.10 11.78 -13.18
C GLY A 39 14.56 11.14 -11.89
N TYR A 40 13.65 10.49 -11.18
CA TYR A 40 13.99 9.83 -9.93
C TYR A 40 14.43 8.40 -10.20
N THR A 41 15.65 8.26 -10.72
CA THR A 41 16.21 6.96 -11.05
C THR A 41 17.06 6.40 -9.92
N ALA A 42 17.08 7.08 -8.78
CA ALA A 42 17.86 6.65 -7.64
C ALA A 42 17.21 7.09 -6.34
N ILE A 43 17.52 6.35 -5.26
CA ILE A 43 16.94 6.61 -3.94
C ILE A 43 17.18 8.04 -3.44
N GLU A 44 18.39 8.56 -3.64
CA GLU A 44 18.72 9.91 -3.17
C GLU A 44 17.82 10.96 -3.84
N LYS A 45 17.38 10.68 -5.05
CA LYS A 45 16.49 11.59 -5.77
C LYS A 45 15.05 11.35 -5.34
N VAL A 46 14.74 10.11 -5.01
CA VAL A 46 13.40 9.73 -4.57
C VAL A 46 13.01 10.46 -3.29
N VAL A 47 13.98 10.63 -2.39
CA VAL A 47 13.74 11.32 -1.13
C VAL A 47 13.63 12.83 -1.31
N GLN A 48 13.93 13.30 -2.52
CA GLN A 48 13.85 14.73 -2.82
C GLN A 48 12.44 15.11 -3.23
N MET A 49 11.69 14.13 -3.75
CA MET A 49 10.31 14.35 -4.16
C MET A 49 9.43 14.56 -2.93
N THR A 50 8.14 14.76 -3.15
CA THR A 50 7.22 14.98 -2.06
C THR A 50 5.89 14.28 -2.36
N ASN A 51 4.95 14.36 -1.43
CA ASN A 51 3.64 13.72 -1.59
C ASN A 51 2.99 14.12 -2.92
N ASP A 52 3.08 15.39 -3.25
CA ASP A 52 2.52 15.92 -4.49
C ASP A 52 3.13 15.24 -5.72
N ASP A 53 4.46 15.04 -5.70
CA ASP A 53 5.16 14.40 -6.81
C ASP A 53 4.52 13.06 -7.16
N ILE A 54 4.27 12.27 -6.15
CA ILE A 54 3.65 10.96 -6.29
C ILE A 54 2.34 11.05 -7.04
N LYS A 55 1.56 12.07 -6.73
CA LYS A 55 0.25 12.26 -7.35
C LYS A 55 0.37 12.88 -8.74
N ARG A 56 1.50 13.50 -9.03
CA ARG A 56 1.72 14.14 -10.32
C ARG A 56 2.21 13.13 -11.35
N ILE A 57 3.10 12.23 -10.91
CA ILE A 57 3.65 11.20 -11.80
C ILE A 57 2.69 10.03 -11.96
N GLY A 58 1.43 10.25 -11.59
CA GLY A 58 0.43 9.21 -11.71
C GLY A 58 -0.18 8.87 -10.37
N VAL A 59 -0.12 7.58 -10.03
CA VAL A 59 -0.65 7.06 -8.76
C VAL A 59 -1.97 7.74 -8.37
N ARG A 60 -3.00 7.58 -9.20
CA ARG A 60 -4.29 8.22 -8.93
C ARG A 60 -5.02 7.58 -7.74
N LEU A 61 -4.69 6.34 -7.40
CA LEU A 61 -5.33 5.66 -6.27
C LEU A 61 -4.77 6.20 -4.95
N PRO A 62 -5.65 6.67 -4.04
CA PRO A 62 -5.26 7.23 -2.74
C PRO A 62 -4.46 6.27 -1.89
N GLY A 63 -4.89 5.01 -1.85
CA GLY A 63 -4.19 4.02 -1.07
C GLY A 63 -2.83 3.71 -1.64
N HIS A 64 -2.71 3.85 -2.97
CA HIS A 64 -1.45 3.60 -3.64
C HIS A 64 -0.48 4.69 -3.25
N GLN A 65 -1.02 5.89 -3.06
CA GLN A 65 -0.22 7.03 -2.65
C GLN A 65 0.27 6.80 -1.24
N LYS A 66 -0.69 6.75 -0.31
CA LYS A 66 -0.41 6.48 1.11
C LYS A 66 0.66 5.41 1.29
N ARG A 67 0.57 4.33 0.51
CA ARG A 67 1.54 3.24 0.59
C ARG A 67 2.94 3.77 0.28
N ILE A 68 3.05 4.50 -0.83
CA ILE A 68 4.31 5.09 -1.25
C ILE A 68 4.79 6.13 -0.22
N ALA A 69 3.86 6.95 0.25
CA ALA A 69 4.16 7.97 1.25
C ALA A 69 4.76 7.34 2.51
N TYR A 70 4.12 6.25 2.95
CA TYR A 70 4.57 5.49 4.12
C TYR A 70 6.02 5.08 3.92
N SER A 71 6.28 4.58 2.73
CA SER A 71 7.60 4.13 2.33
C SER A 71 8.58 5.28 2.14
N LEU A 72 8.08 6.51 1.99
CA LEU A 72 8.95 7.65 1.80
C LEU A 72 9.44 8.16 3.15
N LEU A 73 8.57 8.10 4.15
CA LEU A 73 8.91 8.54 5.50
C LEU A 73 10.11 7.75 6.02
N GLY A 74 10.08 6.44 5.77
CA GLY A 74 11.17 5.58 6.20
C GLY A 74 12.48 5.96 5.54
N LEU A 75 12.44 6.23 4.24
CA LEU A 75 13.63 6.62 3.49
C LEU A 75 14.23 7.90 4.06
N LYS A 76 13.36 8.86 4.39
CA LYS A 76 13.81 10.12 4.95
C LYS A 76 14.47 9.90 6.31
N ASP A 77 13.81 9.12 7.16
CA ASP A 77 14.35 8.81 8.48
C ASP A 77 15.66 8.04 8.37
N GLN A 78 15.73 7.13 7.41
CA GLN A 78 16.92 6.32 7.18
C GLN A 78 18.12 7.17 6.79
N VAL A 79 17.87 8.29 6.12
CA VAL A 79 18.94 9.18 5.69
C VAL A 79 19.22 10.24 6.75
N ASN A 80 18.33 10.35 7.72
CA ASN A 80 18.47 11.33 8.79
C ASN A 80 19.20 10.71 9.98
N THR A 81 19.13 9.40 10.08
CA THR A 81 19.78 8.69 11.17
C THR A 81 21.24 8.39 10.84
N VAL A 82 22.12 8.60 11.82
CA VAL A 82 23.53 8.35 11.64
C VAL A 82 23.88 6.93 12.05
N GLY B 18 -7.84 -12.08 -7.14
CA GLY B 18 -7.40 -11.26 -5.99
C GLY B 18 -7.50 -12.01 -4.68
N MET B 19 -8.48 -11.66 -3.86
CA MET B 19 -8.65 -12.30 -2.58
C MET B 19 -10.13 -12.48 -2.24
N SER B 20 -10.97 -12.42 -3.27
CA SER B 20 -12.41 -12.59 -3.09
C SER B 20 -12.69 -13.96 -2.50
N ALA B 21 -12.20 -14.99 -3.17
CA ALA B 21 -12.35 -16.37 -2.73
C ALA B 21 -11.81 -16.55 -1.31
N TRP B 22 -10.88 -15.68 -0.93
CA TRP B 22 -10.28 -15.72 0.40
C TRP B 22 -11.24 -15.10 1.42
N LEU B 23 -11.70 -13.88 1.12
CA LEU B 23 -12.63 -13.18 2.00
C LEU B 23 -13.89 -13.99 2.24
N ARG B 24 -14.25 -14.83 1.27
CA ARG B 24 -15.40 -15.74 1.38
C ARG B 24 -15.33 -16.59 2.66
N ALA B 25 -14.15 -16.65 3.27
CA ALA B 25 -13.95 -17.42 4.49
C ALA B 25 -14.90 -16.93 5.57
N ILE B 26 -15.13 -15.61 5.57
CA ILE B 26 -16.02 -14.98 6.53
C ILE B 26 -17.12 -14.19 5.81
N GLY B 27 -17.39 -14.60 4.57
CA GLY B 27 -18.40 -13.94 3.74
C GLY B 27 -18.22 -12.43 3.66
N LEU B 28 -16.99 -11.98 3.44
CA LEU B 28 -16.71 -10.55 3.35
C LEU B 28 -16.11 -10.18 2.00
N GLU B 29 -16.23 -11.06 1.02
CA GLU B 29 -15.67 -10.81 -0.32
C GLU B 29 -16.35 -9.62 -0.99
N ARG B 30 -17.52 -9.25 -0.49
CA ARG B 30 -18.29 -8.14 -1.04
C ARG B 30 -17.62 -6.80 -0.71
N TYR B 31 -16.51 -6.84 0.01
CA TYR B 31 -15.79 -5.63 0.38
C TYR B 31 -14.43 -5.54 -0.30
N GLU B 32 -13.99 -6.65 -0.92
CA GLU B 32 -12.70 -6.70 -1.61
C GLU B 32 -12.49 -5.51 -2.54
N GLU B 33 -13.40 -5.36 -3.50
CA GLU B 33 -13.37 -4.26 -4.47
C GLU B 33 -13.08 -2.92 -3.80
N GLY B 34 -13.66 -2.67 -2.64
CA GLY B 34 -13.44 -1.41 -1.94
C GLY B 34 -11.99 -1.24 -1.52
N LEU B 35 -11.36 -2.34 -1.14
CA LEU B 35 -9.98 -2.32 -0.70
C LEU B 35 -9.05 -2.11 -1.90
N VAL B 36 -9.36 -2.80 -3.01
CA VAL B 36 -8.60 -2.69 -4.27
C VAL B 36 -8.24 -1.23 -4.64
N HIS B 37 -9.12 -0.29 -4.32
CA HIS B 37 -8.88 1.13 -4.63
C HIS B 37 -7.65 1.66 -3.90
N ASN B 38 -7.19 0.92 -2.91
CA ASN B 38 -6.03 1.33 -2.14
C ASN B 38 -4.88 0.36 -2.37
N GLY B 39 -5.04 -0.51 -3.36
CA GLY B 39 -4.01 -1.48 -3.70
C GLY B 39 -3.92 -2.62 -2.70
N TRP B 40 -4.90 -2.71 -1.81
CA TRP B 40 -4.92 -3.77 -0.82
C TRP B 40 -5.52 -5.02 -1.42
N ASP B 41 -5.04 -5.37 -2.60
CA ASP B 41 -5.52 -6.54 -3.33
C ASP B 41 -4.49 -7.66 -3.27
N ASP B 42 -3.29 -7.33 -2.82
CA ASP B 42 -2.22 -8.31 -2.69
C ASP B 42 -2.27 -8.98 -1.34
N LEU B 43 -2.59 -10.27 -1.34
CA LEU B 43 -2.71 -11.06 -0.12
C LEU B 43 -1.42 -11.07 0.71
N GLU B 44 -0.28 -10.96 0.03
CA GLU B 44 1.01 -10.98 0.73
C GLU B 44 1.26 -9.69 1.49
N PHE B 45 1.14 -8.55 0.82
CA PHE B 45 1.36 -7.26 1.46
C PHE B 45 0.22 -6.97 2.43
N LEU B 46 -0.92 -7.65 2.24
CA LEU B 46 -2.09 -7.47 3.09
C LEU B 46 -1.76 -7.90 4.52
N SER B 47 -0.69 -8.65 4.67
CA SER B 47 -0.25 -9.12 5.98
C SER B 47 0.36 -7.97 6.79
N ASP B 48 0.64 -6.86 6.12
CA ASP B 48 1.22 -5.68 6.78
C ASP B 48 0.16 -4.59 6.90
N ILE B 49 -1.10 -5.01 6.82
CA ILE B 49 -2.21 -4.06 6.91
C ILE B 49 -2.47 -3.68 8.36
N THR B 50 -2.93 -2.46 8.55
CA THR B 50 -3.23 -1.97 9.87
C THR B 50 -4.74 -1.87 10.06
N GLU B 51 -5.19 -1.72 11.30
CA GLU B 51 -6.60 -1.58 11.59
C GLU B 51 -7.09 -0.25 11.04
N GLU B 52 -6.14 0.66 10.89
CA GLU B 52 -6.41 1.99 10.37
C GLU B 52 -6.61 1.92 8.85
N ASP B 53 -5.78 1.13 8.19
CA ASP B 53 -5.85 0.95 6.73
C ASP B 53 -7.25 0.57 6.28
N LEU B 54 -7.84 -0.42 6.94
CA LEU B 54 -9.18 -0.87 6.61
C LEU B 54 -10.14 0.32 6.59
N GLU B 55 -10.16 1.04 7.70
CA GLU B 55 -10.97 2.26 7.84
C GLU B 55 -10.88 3.17 6.61
N GLU B 56 -9.66 3.42 6.13
CA GLU B 56 -9.46 4.29 4.97
C GLU B 56 -10.01 3.67 3.67
N ALA B 57 -10.28 2.37 3.72
CA ALA B 57 -10.81 1.67 2.56
C ALA B 57 -12.34 1.58 2.64
N GLY B 58 -12.90 2.17 3.70
CA GLY B 58 -14.34 2.16 3.86
C GLY B 58 -14.77 1.25 5.00
N VAL B 59 -13.87 0.39 5.44
CA VAL B 59 -14.17 -0.54 6.52
C VAL B 59 -13.93 0.13 7.86
N GLN B 60 -14.83 1.03 8.24
CA GLN B 60 -14.72 1.74 9.50
C GLN B 60 -15.45 1.00 10.62
N ASP B 61 -16.31 0.06 10.23
CA ASP B 61 -17.09 -0.73 11.18
C ASP B 61 -16.16 -1.57 12.06
N PRO B 62 -16.34 -1.48 13.38
CA PRO B 62 -15.51 -2.21 14.35
C PRO B 62 -15.56 -3.74 14.18
N ALA B 63 -16.77 -4.28 14.03
CA ALA B 63 -16.93 -5.72 13.88
C ALA B 63 -16.24 -6.22 12.60
N HIS B 64 -16.46 -5.50 11.50
CA HIS B 64 -15.85 -5.86 10.22
C HIS B 64 -14.34 -5.88 10.31
N LYS B 65 -13.76 -4.85 10.92
CA LYS B 65 -12.32 -4.76 11.09
C LYS B 65 -11.82 -5.95 11.93
N ARG B 66 -12.48 -6.16 13.06
CA ARG B 66 -12.14 -7.25 13.96
C ARG B 66 -12.17 -8.59 13.23
N LEU B 67 -13.22 -8.82 12.46
CA LEU B 67 -13.37 -10.06 11.69
C LEU B 67 -12.24 -10.23 10.69
N LEU B 68 -11.92 -9.17 9.97
CA LEU B 68 -10.85 -9.21 8.97
C LEU B 68 -9.51 -9.58 9.62
N LEU B 69 -9.20 -8.92 10.74
CA LEU B 69 -7.97 -9.19 11.46
C LEU B 69 -7.89 -10.66 11.88
N ASP B 70 -9.02 -11.25 12.24
CA ASP B 70 -9.06 -12.65 12.64
C ASP B 70 -8.88 -13.55 11.42
N THR B 71 -9.46 -13.14 10.30
CA THR B 71 -9.36 -13.89 9.06
C THR B 71 -7.91 -13.95 8.58
N LEU B 72 -7.19 -12.85 8.81
CA LEU B 72 -5.79 -12.77 8.43
C LEU B 72 -5.00 -13.85 9.17
N GLN B 73 -5.32 -14.05 10.43
CA GLN B 73 -4.67 -15.06 11.24
C GLN B 73 -5.02 -16.45 10.73
N LEU B 74 -6.31 -16.66 10.47
CA LEU B 74 -6.82 -17.93 9.96
C LEU B 74 -6.05 -18.43 8.73
N SER B 75 -5.87 -17.56 7.75
CA SER B 75 -5.15 -17.93 6.54
C SER B 75 -3.64 -17.77 6.72
N LYS B 76 -3.26 -16.90 7.63
CA LYS B 76 -1.86 -16.62 7.94
C LYS B 76 -1.11 -16.07 6.72
#